data_7YB4
#
_entry.id   7YB4
#
_entity_poly.entity_id   1
_entity_poly.type   'polypeptide(L)'
_entity_poly.pdbx_seq_one_letter_code
;GSHMARRKRRNFSKQASEILNEYFYSHLSNPYPSEEAKEELARKCGITVSQVSNWFGNKRIRYKKNI
;
_entity_poly.pdbx_strand_id   A
#
# COMPACT_ATOMS: atom_id res chain seq x y z
N GLY A 1 -16.68 -2.34 6.34
CA GLY A 1 -15.66 -3.43 6.30
C GLY A 1 -15.63 -4.05 4.91
N SER A 2 -16.73 -4.71 4.54
CA SER A 2 -16.84 -5.36 3.24
C SER A 2 -15.68 -6.34 3.01
N HIS A 3 -15.25 -7.02 4.08
CA HIS A 3 -14.16 -8.00 4.00
C HIS A 3 -14.62 -9.25 3.25
N MET A 4 -13.72 -9.82 2.44
CA MET A 4 -14.02 -11.02 1.67
C MET A 4 -14.12 -12.28 2.56
N ALA A 5 -13.36 -12.28 3.66
CA ALA A 5 -13.35 -13.42 4.58
C ALA A 5 -13.03 -12.96 6.01
N ARG A 6 -13.48 -13.75 6.99
CA ARG A 6 -13.25 -13.44 8.41
C ARG A 6 -11.75 -13.42 8.73
N ARG A 7 -11.02 -14.38 8.15
CA ARG A 7 -9.57 -14.48 8.37
C ARG A 7 -8.84 -14.73 7.06
N LYS A 8 -7.62 -14.19 6.93
CA LYS A 8 -6.81 -14.34 5.71
C LYS A 8 -7.52 -13.72 4.52
N ARG A 9 -6.75 -13.03 3.66
CA ARG A 9 -7.32 -12.34 2.50
C ARG A 9 -6.32 -12.19 1.35
N ARG A 10 -6.85 -11.88 0.16
CA ARG A 10 -6.03 -11.70 -1.03
C ARG A 10 -6.00 -10.22 -1.42
N ASN A 11 -5.25 -9.92 -2.49
CA ASN A 11 -5.14 -8.55 -2.99
C ASN A 11 -6.53 -8.03 -3.37
N PHE A 12 -6.60 -6.75 -3.80
CA PHE A 12 -7.88 -6.12 -4.17
C PHE A 12 -8.78 -5.97 -2.93
N SER A 13 -10.06 -5.57 -3.14
CA SER A 13 -11.05 -5.35 -2.06
C SER A 13 -10.88 -3.96 -1.43
N LYS A 14 -11.72 -3.65 -0.42
CA LYS A 14 -11.69 -2.35 0.26
C LYS A 14 -10.32 -2.11 0.89
N GLN A 15 -9.74 -3.15 1.48
CA GLN A 15 -8.43 -3.03 2.12
C GLN A 15 -7.38 -2.61 1.09
N ALA A 16 -7.49 -3.17 -0.13
CA ALA A 16 -6.59 -2.81 -1.21
C ALA A 16 -6.72 -1.33 -1.58
N SER A 17 -7.95 -0.82 -1.63
CA SER A 17 -8.16 0.59 -2.00
C SER A 17 -7.47 1.51 -1.00
N GLU A 18 -7.48 1.12 0.30
CA GLU A 18 -6.87 1.94 1.35
C GLU A 18 -5.35 1.75 1.45
N ILE A 19 -4.84 0.52 1.26
CA ILE A 19 -3.38 0.31 1.34
C ILE A 19 -2.68 1.26 0.34
N LEU A 20 -3.28 1.36 -0.86
CA LEU A 20 -2.73 2.20 -1.93
C LEU A 20 -2.85 3.71 -1.58
N ASN A 21 -4.10 4.20 -1.41
CA ASN A 21 -4.30 5.63 -1.17
C ASN A 21 -3.70 6.11 0.15
N GLU A 22 -3.77 5.26 1.18
CA GLU A 22 -3.21 5.62 2.48
C GLU A 22 -1.72 5.87 2.34
N TYR A 23 -1.03 5.06 1.52
CA TYR A 23 0.40 5.28 1.29
C TYR A 23 0.63 6.65 0.65
N PHE A 24 -0.25 7.02 -0.31
CA PHE A 24 -0.15 8.31 -0.98
C PHE A 24 -0.21 9.49 0.02
N TYR A 25 -0.99 9.31 1.08
CA TYR A 25 -1.14 10.37 2.11
C TYR A 25 -0.14 10.21 3.28
N SER A 26 0.33 8.97 3.53
CA SER A 26 1.18 8.69 4.71
C SER A 26 2.68 8.64 4.40
N HIS A 27 3.04 8.41 3.14
CA HIS A 27 4.46 8.33 2.74
C HIS A 27 4.99 9.71 2.27
N LEU A 28 4.11 10.74 2.32
CA LEU A 28 4.47 12.09 1.92
C LEU A 28 5.60 12.61 2.84
N SER A 29 5.47 12.29 4.12
CA SER A 29 6.43 12.71 5.15
C SER A 29 7.82 12.13 4.89
N ASN A 30 7.86 10.85 4.51
CA ASN A 30 9.13 10.16 4.27
C ASN A 30 9.21 9.66 2.80
N PRO A 31 9.99 10.33 1.92
CA PRO A 31 10.08 9.95 0.46
C PRO A 31 10.60 8.52 0.20
N TYR A 32 11.46 8.02 1.09
CA TYR A 32 12.12 6.71 0.86
C TYR A 32 11.31 5.49 1.42
N PRO A 33 10.85 4.54 0.53
CA PRO A 33 10.15 3.28 0.98
C PRO A 33 11.15 2.23 1.47
N SER A 34 10.64 1.27 2.23
CA SER A 34 11.47 0.20 2.78
C SER A 34 10.66 -1.08 2.93
N GLU A 35 11.36 -2.21 3.06
CA GLU A 35 10.69 -3.51 3.25
C GLU A 35 9.85 -3.47 4.51
N GLU A 36 10.35 -2.79 5.55
CA GLU A 36 9.61 -2.63 6.78
C GLU A 36 8.32 -1.86 6.52
N ALA A 37 8.41 -0.78 5.70
CA ALA A 37 7.23 0.02 5.35
C ALA A 37 6.22 -0.80 4.57
N LYS A 38 6.71 -1.56 3.56
CA LYS A 38 5.84 -2.41 2.75
C LYS A 38 5.19 -3.48 3.60
N GLU A 39 5.99 -4.03 4.51
CA GLU A 39 5.57 -5.10 5.39
C GLU A 39 4.46 -4.63 6.33
N GLU A 40 4.57 -3.40 6.86
CA GLU A 40 3.54 -2.85 7.77
C GLU A 40 2.20 -2.72 7.05
N LEU A 41 2.24 -2.19 5.81
CA LEU A 41 1.01 -2.05 5.00
C LEU A 41 0.49 -3.41 4.57
N ALA A 42 1.42 -4.29 4.22
CA ALA A 42 1.10 -5.64 3.77
C ALA A 42 0.34 -6.38 4.86
N ARG A 43 0.80 -6.22 6.11
CA ARG A 43 0.21 -6.91 7.26
C ARG A 43 -1.18 -6.37 7.65
N LYS A 44 -1.33 -5.03 7.66
CA LYS A 44 -2.62 -4.43 8.10
C LYS A 44 -3.71 -4.59 7.05
N CYS A 45 -3.30 -4.57 5.79
CA CYS A 45 -4.25 -4.68 4.68
C CYS A 45 -4.36 -6.13 4.16
N GLY A 46 -3.43 -7.01 4.57
CA GLY A 46 -3.45 -8.41 4.15
C GLY A 46 -2.86 -8.61 2.74
N ILE A 47 -2.08 -7.63 2.28
CA ILE A 47 -1.46 -7.70 0.95
C ILE A 47 0.04 -8.10 1.12
N THR A 48 0.66 -8.57 0.05
CA THR A 48 2.06 -8.99 0.07
C THR A 48 2.98 -7.79 -0.23
N VAL A 49 4.13 -7.72 0.48
CA VAL A 49 5.08 -6.60 0.30
C VAL A 49 5.37 -6.34 -1.19
N SER A 50 5.28 -7.39 -2.02
CA SER A 50 5.52 -7.25 -3.47
C SER A 50 4.48 -6.34 -4.13
N GLN A 51 3.20 -6.62 -3.87
CA GLN A 51 2.12 -5.77 -4.40
C GLN A 51 2.19 -4.37 -3.79
N VAL A 52 2.49 -4.36 -2.49
CA VAL A 52 2.65 -3.12 -1.76
C VAL A 52 3.80 -2.31 -2.41
N SER A 53 4.86 -3.02 -2.83
CA SER A 53 6.01 -2.38 -3.47
C SER A 53 5.59 -1.72 -4.78
N ASN A 54 4.60 -2.36 -5.48
CA ASN A 54 4.15 -1.82 -6.77
C ASN A 54 3.60 -0.43 -6.58
N TRP A 55 2.77 -0.25 -5.53
CA TRP A 55 2.23 1.08 -5.23
C TRP A 55 3.34 2.05 -4.81
N PHE A 56 4.26 1.57 -3.98
CA PHE A 56 5.30 2.44 -3.43
C PHE A 56 6.09 3.12 -4.54
N GLY A 57 6.50 2.33 -5.53
CA GLY A 57 7.19 2.86 -6.70
C GLY A 57 6.28 3.80 -7.49
N ASN A 58 5.00 3.41 -7.61
CA ASN A 58 4.01 4.18 -8.39
C ASN A 58 3.69 5.54 -7.76
N LYS A 59 3.51 5.56 -6.42
CA LYS A 59 3.17 6.81 -5.73
C LYS A 59 4.31 7.82 -5.81
N ARG A 60 5.56 7.31 -5.77
CA ARG A 60 6.75 8.15 -5.81
C ARG A 60 6.98 8.72 -7.20
N ILE A 61 6.66 7.93 -8.24
CA ILE A 61 6.88 8.39 -9.62
C ILE A 61 5.75 9.31 -10.10
N ARG A 62 4.55 9.15 -9.51
CA ARG A 62 3.42 9.99 -9.91
C ARG A 62 3.49 11.38 -9.22
N TYR A 63 3.76 11.38 -7.90
CA TYR A 63 3.87 12.62 -7.14
C TYR A 63 5.05 13.45 -7.63
N LYS A 64 6.21 12.80 -7.81
CA LYS A 64 7.44 13.45 -8.26
C LYS A 64 7.87 14.53 -7.28
N LYS A 65 9.19 14.80 -7.24
CA LYS A 65 9.75 15.81 -6.36
C LYS A 65 10.62 16.77 -7.16
N ASN A 66 10.18 18.03 -7.26
CA ASN A 66 10.92 19.07 -8.00
C ASN A 66 11.10 18.68 -9.48
N ILE A 67 11.18 19.69 -10.34
CA ILE A 67 11.36 19.47 -11.79
C ILE A 67 12.25 20.55 -12.39
N GLY A 1 -30.35 -6.68 13.45
CA GLY A 1 -29.81 -5.63 12.53
C GLY A 1 -28.51 -6.12 11.91
N SER A 2 -27.57 -5.19 11.70
CA SER A 2 -26.27 -5.52 11.12
C SER A 2 -25.21 -4.53 11.55
N HIS A 3 -23.94 -4.92 11.43
CA HIS A 3 -22.81 -4.06 11.81
C HIS A 3 -21.70 -4.12 10.76
N MET A 4 -20.95 -3.02 10.66
CA MET A 4 -19.83 -2.93 9.70
C MET A 4 -18.51 -3.19 10.40
N ALA A 5 -17.62 -3.93 9.72
CA ALA A 5 -16.31 -4.27 10.27
C ALA A 5 -15.27 -4.39 9.16
N ARG A 6 -14.00 -4.17 9.51
CA ARG A 6 -12.91 -4.25 8.54
C ARG A 6 -12.16 -5.57 8.71
N ARG A 7 -12.12 -6.36 7.63
CA ARG A 7 -11.42 -7.65 7.63
C ARG A 7 -10.56 -7.80 6.38
N LYS A 8 -9.45 -8.53 6.51
CA LYS A 8 -8.52 -8.73 5.40
C LYS A 8 -8.93 -9.92 4.53
N ARG A 9 -8.86 -9.75 3.21
CA ARG A 9 -9.19 -10.80 2.26
C ARG A 9 -8.28 -10.72 1.03
N ARG A 10 -6.98 -10.97 1.24
CA ARG A 10 -5.99 -10.92 0.17
C ARG A 10 -6.10 -9.61 -0.63
N ASN A 11 -5.30 -9.50 -1.71
CA ASN A 11 -5.30 -8.33 -2.56
C ASN A 11 -6.42 -8.41 -3.62
N PHE A 12 -7.64 -8.09 -3.20
CA PHE A 12 -8.81 -8.12 -4.09
C PHE A 12 -10.08 -7.59 -3.37
N SER A 13 -9.86 -6.75 -2.34
CA SER A 13 -10.96 -6.18 -1.56
C SER A 13 -10.72 -4.70 -1.29
N LYS A 14 -11.68 -4.06 -0.61
CA LYS A 14 -11.57 -2.64 -0.28
C LYS A 14 -10.29 -2.33 0.51
N GLN A 15 -9.71 -3.37 1.15
CA GLN A 15 -8.44 -3.23 1.87
C GLN A 15 -7.34 -2.80 0.90
N ALA A 16 -7.37 -3.38 -0.30
CA ALA A 16 -6.42 -3.04 -1.35
C ALA A 16 -6.56 -1.57 -1.75
N SER A 17 -7.80 -1.09 -1.83
CA SER A 17 -8.05 0.30 -2.20
C SER A 17 -7.40 1.25 -1.21
N GLU A 18 -7.47 0.91 0.08
CA GLU A 18 -6.91 1.76 1.13
C GLU A 18 -5.41 1.61 1.28
N ILE A 19 -4.86 0.40 1.08
CA ILE A 19 -3.40 0.23 1.19
C ILE A 19 -2.69 1.17 0.21
N LEU A 20 -3.27 1.27 -0.99
CA LEU A 20 -2.72 2.07 -2.07
C LEU A 20 -2.83 3.59 -1.74
N ASN A 21 -4.08 4.09 -1.56
CA ASN A 21 -4.28 5.52 -1.31
C ASN A 21 -3.67 5.97 0.01
N GLU A 22 -3.75 5.11 1.03
CA GLU A 22 -3.16 5.44 2.33
C GLU A 22 -1.67 5.68 2.20
N TYR A 23 -0.99 4.86 1.36
CA TYR A 23 0.44 5.05 1.15
C TYR A 23 0.71 6.40 0.53
N PHE A 24 -0.17 6.81 -0.40
CA PHE A 24 0.00 8.10 -1.08
C PHE A 24 0.09 9.23 -0.05
N TYR A 25 -0.84 9.23 0.92
CA TYR A 25 -0.88 10.28 1.96
C TYR A 25 0.07 9.98 3.15
N SER A 26 0.56 8.72 3.24
CA SER A 26 1.41 8.30 4.37
C SER A 26 2.90 8.41 4.06
N HIS A 27 3.27 8.25 2.78
CA HIS A 27 4.66 8.32 2.35
C HIS A 27 5.12 9.76 2.12
N LEU A 28 4.18 10.72 2.26
CA LEU A 28 4.49 12.14 2.11
C LEU A 28 5.54 12.55 3.14
N SER A 29 5.40 12.01 4.36
CA SER A 29 6.33 12.29 5.46
C SER A 29 7.54 11.33 5.46
N ASN A 30 7.49 10.30 4.59
CA ASN A 30 8.58 9.31 4.48
C ASN A 30 9.20 9.38 3.07
N PRO A 31 10.33 10.09 2.86
CA PRO A 31 10.94 10.24 1.49
C PRO A 31 11.34 8.91 0.84
N TYR A 32 11.92 7.99 1.65
CA TYR A 32 12.47 6.72 1.12
C TYR A 32 11.58 5.46 1.44
N PRO A 33 11.07 4.71 0.43
CA PRO A 33 10.33 3.42 0.65
C PRO A 33 11.26 2.31 1.11
N SER A 34 10.72 1.38 1.91
CA SER A 34 11.51 0.26 2.43
C SER A 34 10.66 -0.99 2.61
N GLU A 35 11.33 -2.13 2.79
CA GLU A 35 10.64 -3.40 3.04
C GLU A 35 9.84 -3.31 4.32
N GLU A 36 10.39 -2.61 5.32
CA GLU A 36 9.68 -2.40 6.57
C GLU A 36 8.39 -1.62 6.30
N ALA A 37 8.49 -0.56 5.47
CA ALA A 37 7.32 0.25 5.13
C ALA A 37 6.27 -0.58 4.39
N LYS A 38 6.73 -1.37 3.39
CA LYS A 38 5.81 -2.22 2.61
C LYS A 38 5.15 -3.25 3.52
N GLU A 39 5.95 -3.81 4.41
CA GLU A 39 5.53 -4.84 5.33
C GLU A 39 4.46 -4.31 6.29
N GLU A 40 4.62 -3.08 6.77
CA GLU A 40 3.65 -2.48 7.69
C GLU A 40 2.29 -2.33 7.02
N LEU A 41 2.30 -1.84 5.76
CA LEU A 41 1.05 -1.69 4.99
C LEU A 41 0.49 -3.05 4.60
N ALA A 42 1.39 -3.97 4.25
CA ALA A 42 1.00 -5.31 3.85
C ALA A 42 0.25 -6.00 4.99
N ARG A 43 0.76 -5.82 6.21
CA ARG A 43 0.17 -6.43 7.40
C ARG A 43 -1.18 -5.81 7.81
N LYS A 44 -1.29 -4.47 7.74
CA LYS A 44 -2.52 -3.79 8.18
C LYS A 44 -3.67 -3.98 7.20
N CYS A 45 -3.34 -4.05 5.91
CA CYS A 45 -4.34 -4.27 4.87
C CYS A 45 -4.43 -5.73 4.43
N GLY A 46 -3.50 -6.58 4.90
CA GLY A 46 -3.49 -8.01 4.55
C GLY A 46 -3.01 -8.24 3.11
N ILE A 47 -2.16 -7.34 2.63
CA ILE A 47 -1.60 -7.41 1.28
C ILE A 47 -0.15 -7.92 1.37
N THR A 48 0.44 -8.30 0.24
CA THR A 48 1.84 -8.78 0.22
C THR A 48 2.78 -7.62 -0.13
N VAL A 49 3.95 -7.57 0.54
CA VAL A 49 4.93 -6.50 0.31
C VAL A 49 5.22 -6.31 -1.19
N SER A 50 5.11 -7.40 -1.96
CA SER A 50 5.36 -7.35 -3.42
C SER A 50 4.33 -6.44 -4.10
N GLN A 51 3.05 -6.62 -3.76
CA GLN A 51 1.99 -5.78 -4.32
C GLN A 51 2.10 -4.35 -3.79
N VAL A 52 2.42 -4.25 -2.51
CA VAL A 52 2.64 -2.97 -1.85
C VAL A 52 3.80 -2.26 -2.57
N SER A 53 4.82 -3.04 -2.96
CA SER A 53 5.96 -2.52 -3.65
C SER A 53 5.54 -1.88 -4.96
N ASN A 54 4.57 -2.52 -5.67
CA ASN A 54 4.11 -2.01 -6.96
C ASN A 54 3.57 -0.59 -6.79
N TRP A 55 2.74 -0.39 -5.75
CA TRP A 55 2.22 0.95 -5.44
C TRP A 55 3.36 1.86 -5.00
N PHE A 56 4.29 1.32 -4.22
CA PHE A 56 5.38 2.13 -3.67
C PHE A 56 6.12 2.86 -4.79
N GLY A 57 6.54 2.13 -5.82
CA GLY A 57 7.25 2.72 -6.95
C GLY A 57 6.36 3.71 -7.71
N ASN A 58 5.12 3.29 -8.02
CA ASN A 58 4.19 4.13 -8.78
C ASN A 58 3.88 5.41 -8.04
N LYS A 59 3.59 5.26 -6.75
CA LYS A 59 3.22 6.38 -5.89
C LYS A 59 4.36 7.41 -5.81
N ARG A 60 5.61 6.93 -5.74
CA ARG A 60 6.77 7.84 -5.68
C ARG A 60 6.84 8.71 -6.92
N ILE A 61 6.57 8.12 -8.10
CA ILE A 61 6.57 8.90 -9.36
C ILE A 61 5.24 9.68 -9.52
N ARG A 62 4.18 9.14 -8.94
CA ARG A 62 2.85 9.72 -8.99
C ARG A 62 2.85 11.09 -8.33
N TYR A 63 3.50 11.18 -7.16
CA TYR A 63 3.62 12.43 -6.41
C TYR A 63 4.50 13.43 -7.16
N LYS A 64 5.56 12.91 -7.80
CA LYS A 64 6.54 13.74 -8.49
C LYS A 64 5.87 14.75 -9.42
N LYS A 65 4.77 14.32 -10.07
CA LYS A 65 4.02 15.20 -10.98
C LYS A 65 2.49 15.04 -10.78
N ASN A 66 2.03 15.30 -9.55
CA ASN A 66 0.60 15.19 -9.23
C ASN A 66 -0.23 16.10 -10.13
N ILE A 67 0.31 17.29 -10.43
CA ILE A 67 -0.39 18.25 -11.29
C ILE A 67 -0.72 17.62 -12.64
N GLY A 1 -15.33 4.51 9.86
CA GLY A 1 -14.36 4.41 8.73
C GLY A 1 -15.02 3.69 7.55
N SER A 2 -15.60 4.48 6.64
CA SER A 2 -16.29 3.94 5.46
C SER A 2 -15.30 3.14 4.60
N HIS A 3 -14.11 3.71 4.40
CA HIS A 3 -13.06 3.06 3.59
C HIS A 3 -12.45 1.82 4.31
N MET A 4 -12.75 1.67 5.61
CA MET A 4 -12.21 0.55 6.39
C MET A 4 -13.14 -0.66 6.33
N ALA A 5 -12.54 -1.85 6.19
CA ALA A 5 -13.32 -3.09 6.13
C ALA A 5 -12.81 -4.08 7.19
N ARG A 6 -13.66 -4.36 8.18
CA ARG A 6 -13.29 -5.26 9.29
C ARG A 6 -13.06 -6.68 8.78
N ARG A 7 -13.91 -7.13 7.85
CA ARG A 7 -13.81 -8.49 7.30
C ARG A 7 -12.51 -8.69 6.52
N LYS A 8 -12.12 -7.63 5.77
CA LYS A 8 -10.90 -7.61 4.92
C LYS A 8 -10.79 -8.84 3.98
N ARG A 9 -10.02 -8.66 2.91
CA ARG A 9 -9.83 -9.72 1.91
C ARG A 9 -8.70 -9.36 0.92
N ARG A 10 -8.45 -10.27 -0.02
CA ARG A 10 -7.40 -10.10 -1.03
C ARG A 10 -7.63 -8.86 -1.88
N ASN A 11 -6.67 -8.57 -2.78
CA ASN A 11 -6.73 -7.38 -3.65
C ASN A 11 -8.05 -7.30 -4.39
N PHE A 12 -8.26 -6.18 -5.11
CA PHE A 12 -9.53 -5.91 -5.79
C PHE A 12 -10.67 -5.79 -4.77
N SER A 13 -10.34 -5.21 -3.61
CA SER A 13 -11.30 -5.02 -2.54
C SER A 13 -11.09 -3.67 -1.86
N LYS A 14 -11.95 -3.36 -0.89
CA LYS A 14 -11.89 -2.09 -0.16
C LYS A 14 -10.53 -1.91 0.52
N GLN A 15 -10.01 -2.99 1.10
CA GLN A 15 -8.69 -2.96 1.76
C GLN A 15 -7.61 -2.58 0.74
N ALA A 16 -7.73 -3.13 -0.47
CA ALA A 16 -6.80 -2.83 -1.55
C ALA A 16 -6.84 -1.34 -1.90
N SER A 17 -8.04 -0.78 -1.91
CA SER A 17 -8.20 0.65 -2.23
C SER A 17 -7.46 1.50 -1.21
N GLU A 18 -7.51 1.09 0.06
CA GLU A 18 -6.86 1.86 1.14
C GLU A 18 -5.38 1.54 1.31
N ILE A 19 -4.92 0.32 0.95
CA ILE A 19 -3.48 0.04 1.09
C ILE A 19 -2.70 0.97 0.13
N LEU A 20 -3.26 1.13 -1.08
CA LEU A 20 -2.66 1.98 -2.11
C LEU A 20 -2.76 3.46 -1.69
N ASN A 21 -3.99 3.89 -1.40
CA ASN A 21 -4.29 5.27 -1.01
C ASN A 21 -3.56 5.68 0.27
N GLU A 22 -3.60 4.81 1.27
CA GLU A 22 -2.96 5.09 2.55
C GLU A 22 -1.49 5.33 2.37
N TYR A 23 -0.86 4.57 1.46
CA TYR A 23 0.54 4.80 1.18
C TYR A 23 0.73 6.19 0.60
N PHE A 24 -0.22 6.62 -0.27
CA PHE A 24 -0.13 7.93 -0.89
C PHE A 24 -0.11 9.03 0.17
N TYR A 25 -1.02 8.97 1.16
CA TYR A 25 -1.11 10.01 2.19
C TYR A 25 -0.14 9.78 3.38
N SER A 26 0.32 8.52 3.55
CA SER A 26 1.20 8.17 4.67
C SER A 26 2.68 8.14 4.29
N HIS A 27 2.98 8.17 2.98
CA HIS A 27 4.37 8.18 2.51
C HIS A 27 4.83 9.60 2.11
N LEU A 28 3.95 10.60 2.33
CA LEU A 28 4.28 11.99 2.06
C LEU A 28 5.44 12.44 2.96
N SER A 29 5.40 11.98 4.23
CA SER A 29 6.43 12.35 5.22
C SER A 29 7.63 11.38 5.21
N ASN A 30 7.53 10.31 4.42
CA ASN A 30 8.61 9.32 4.31
C ASN A 30 9.20 9.36 2.89
N PRO A 31 10.34 10.07 2.66
CA PRO A 31 10.91 10.22 1.28
C PRO A 31 11.45 8.91 0.69
N TYR A 32 11.98 8.02 1.54
CA TYR A 32 12.57 6.76 1.06
C TYR A 32 11.68 5.50 1.36
N PRO A 33 11.07 4.87 0.33
CA PRO A 33 10.28 3.59 0.52
C PRO A 33 11.20 2.46 0.95
N SER A 34 10.67 1.55 1.78
CA SER A 34 11.47 0.42 2.29
C SER A 34 10.61 -0.80 2.55
N GLU A 35 11.28 -1.94 2.74
CA GLU A 35 10.61 -3.20 3.05
C GLU A 35 9.81 -3.07 4.33
N GLU A 36 10.36 -2.33 5.30
CA GLU A 36 9.68 -2.10 6.56
C GLU A 36 8.35 -1.37 6.29
N ALA A 37 8.41 -0.32 5.45
CA ALA A 37 7.20 0.45 5.10
C ALA A 37 6.19 -0.43 4.37
N LYS A 38 6.67 -1.20 3.38
CA LYS A 38 5.79 -2.10 2.61
C LYS A 38 5.17 -3.14 3.53
N GLU A 39 5.99 -3.64 4.46
CA GLU A 39 5.59 -4.66 5.41
C GLU A 39 4.47 -4.16 6.33
N GLU A 40 4.58 -2.88 6.76
CA GLU A 40 3.57 -2.30 7.64
C GLU A 40 2.21 -2.27 6.95
N LEU A 41 2.20 -1.84 5.67
CA LEU A 41 0.95 -1.81 4.89
C LEU A 41 0.47 -3.22 4.58
N ALA A 42 1.42 -4.10 4.29
CA ALA A 42 1.13 -5.49 3.97
C ALA A 42 0.40 -6.14 5.13
N ARG A 43 0.87 -5.86 6.35
CA ARG A 43 0.30 -6.45 7.56
C ARG A 43 -1.09 -5.89 7.93
N LYS A 44 -1.28 -4.56 7.81
CA LYS A 44 -2.56 -3.93 8.20
C LYS A 44 -3.67 -4.22 7.19
N CYS A 45 -3.28 -4.33 5.93
CA CYS A 45 -4.23 -4.58 4.84
C CYS A 45 -4.32 -6.08 4.49
N GLY A 46 -3.36 -6.88 4.99
CA GLY A 46 -3.35 -8.32 4.73
C GLY A 46 -2.82 -8.66 3.32
N ILE A 47 -2.10 -7.71 2.71
CA ILE A 47 -1.54 -7.90 1.37
C ILE A 47 -0.01 -8.09 1.48
N THR A 48 0.59 -8.62 0.42
CA THR A 48 2.03 -8.92 0.41
C THR A 48 2.85 -7.68 -0.01
N VAL A 49 4.02 -7.50 0.64
CA VAL A 49 4.91 -6.35 0.35
C VAL A 49 5.16 -6.19 -1.15
N SER A 50 5.08 -7.29 -1.91
CA SER A 50 5.30 -7.24 -3.36
C SER A 50 4.24 -6.39 -4.06
N GLN A 51 2.98 -6.56 -3.67
CA GLN A 51 1.89 -5.76 -4.25
C GLN A 51 1.99 -4.31 -3.78
N VAL A 52 2.34 -4.15 -2.49
CA VAL A 52 2.56 -2.84 -1.92
C VAL A 52 3.72 -2.17 -2.69
N SER A 53 4.73 -2.98 -3.02
CA SER A 53 5.89 -2.52 -3.75
C SER A 53 5.47 -1.94 -5.10
N ASN A 54 4.48 -2.58 -5.75
CA ASN A 54 4.03 -2.09 -7.06
C ASN A 54 3.54 -0.64 -6.90
N TRP A 55 2.74 -0.41 -5.85
CA TRP A 55 2.27 0.93 -5.52
C TRP A 55 3.38 1.86 -5.05
N PHE A 56 4.29 1.36 -4.19
CA PHE A 56 5.29 2.23 -3.57
C PHE A 56 6.21 2.90 -4.61
N GLY A 57 6.46 2.21 -5.72
CA GLY A 57 7.22 2.79 -6.83
C GLY A 57 6.36 3.77 -7.62
N ASN A 58 5.12 3.35 -7.93
CA ASN A 58 4.20 4.17 -8.71
C ASN A 58 3.84 5.46 -7.97
N LYS A 59 3.58 5.33 -6.67
CA LYS A 59 3.19 6.46 -5.82
C LYS A 59 4.32 7.50 -5.74
N ARG A 60 5.56 7.02 -5.58
CA ARG A 60 6.72 7.90 -5.50
C ARG A 60 6.89 8.70 -6.79
N ILE A 61 6.63 8.06 -7.95
CA ILE A 61 6.83 8.72 -9.24
C ILE A 61 5.67 9.66 -9.61
N ARG A 62 4.45 9.33 -9.16
CA ARG A 62 3.28 10.17 -9.45
C ARG A 62 3.37 11.50 -8.68
N TYR A 63 4.02 11.48 -7.51
CA TYR A 63 4.20 12.67 -6.69
C TYR A 63 4.96 13.73 -7.52
N LYS A 64 6.05 13.29 -8.18
CA LYS A 64 6.86 14.16 -9.02
C LYS A 64 7.52 15.29 -8.23
N LYS A 65 8.34 16.09 -8.92
CA LYS A 65 9.05 17.20 -8.30
C LYS A 65 8.11 18.38 -8.01
N ASN A 66 8.44 19.16 -6.98
CA ASN A 66 7.65 20.32 -6.60
C ASN A 66 8.55 21.53 -6.37
N ILE A 67 7.97 22.72 -6.37
CA ILE A 67 8.72 23.99 -6.19
C ILE A 67 9.60 24.24 -7.42
N GLY A 1 -20.63 -1.97 2.05
CA GLY A 1 -20.53 -1.74 3.51
C GLY A 1 -21.93 -1.59 4.10
N SER A 2 -22.48 -2.70 4.61
CA SER A 2 -23.82 -2.73 5.21
C SER A 2 -24.93 -2.48 4.17
N HIS A 3 -24.62 -2.75 2.89
CA HIS A 3 -25.61 -2.60 1.81
C HIS A 3 -25.80 -3.92 1.07
N MET A 4 -24.71 -4.44 0.50
CA MET A 4 -24.75 -5.70 -0.25
C MET A 4 -23.52 -6.55 0.05
N ALA A 5 -23.64 -7.87 -0.18
CA ALA A 5 -22.54 -8.80 0.05
C ALA A 5 -21.35 -8.48 -0.86
N ARG A 6 -20.13 -8.72 -0.35
CA ARG A 6 -18.90 -8.43 -1.11
C ARG A 6 -18.18 -9.73 -1.47
N ARG A 7 -17.36 -9.68 -2.54
CA ARG A 7 -16.64 -10.86 -3.02
C ARG A 7 -15.13 -10.57 -3.17
N LYS A 8 -14.31 -11.61 -2.96
CA LYS A 8 -12.85 -11.48 -3.06
C LYS A 8 -12.37 -11.98 -4.43
N ARG A 9 -11.67 -11.11 -5.18
CA ARG A 9 -11.14 -11.49 -6.50
C ARG A 9 -9.63 -11.81 -6.39
N ARG A 10 -8.81 -10.79 -6.10
CA ARG A 10 -7.36 -10.98 -5.96
C ARG A 10 -6.64 -9.66 -5.58
N ASN A 11 -6.51 -8.74 -6.55
CA ASN A 11 -5.81 -7.46 -6.33
C ASN A 11 -6.77 -6.26 -6.22
N PHE A 12 -8.06 -6.54 -5.98
CA PHE A 12 -9.08 -5.49 -5.86
C PHE A 12 -10.02 -5.79 -4.70
N SER A 13 -9.82 -5.07 -3.60
CA SER A 13 -10.65 -5.22 -2.41
C SER A 13 -10.66 -3.93 -1.61
N LYS A 14 -11.50 -3.89 -0.56
CA LYS A 14 -11.57 -2.71 0.31
C LYS A 14 -10.20 -2.46 0.95
N GLN A 15 -9.56 -3.55 1.39
CA GLN A 15 -8.22 -3.47 1.97
C GLN A 15 -7.24 -2.94 0.92
N ALA A 16 -7.40 -3.43 -0.32
CA ALA A 16 -6.55 -3.01 -1.43
C ALA A 16 -6.73 -1.51 -1.74
N SER A 17 -7.98 -1.05 -1.70
CA SER A 17 -8.25 0.37 -1.99
C SER A 17 -7.58 1.27 -0.95
N GLU A 18 -7.55 0.81 0.31
CA GLU A 18 -6.95 1.60 1.39
C GLU A 18 -5.44 1.46 1.48
N ILE A 19 -4.89 0.26 1.19
CA ILE A 19 -3.43 0.09 1.24
C ILE A 19 -2.77 1.09 0.27
N LEU A 20 -3.38 1.23 -0.89
CA LEU A 20 -2.88 2.11 -1.94
C LEU A 20 -3.03 3.59 -1.55
N ASN A 21 -4.28 4.05 -1.33
CA ASN A 21 -4.50 5.47 -1.02
C ASN A 21 -3.87 5.90 0.30
N GLU A 22 -3.89 5.01 1.30
CA GLU A 22 -3.30 5.34 2.60
C GLU A 22 -1.82 5.61 2.45
N TYR A 23 -1.14 4.82 1.59
CA TYR A 23 0.30 5.03 1.37
C TYR A 23 0.55 6.39 0.76
N PHE A 24 -0.33 6.80 -0.17
CA PHE A 24 -0.18 8.07 -0.84
C PHE A 24 -0.12 9.21 0.20
N TYR A 25 -1.03 9.18 1.18
CA TYR A 25 -1.08 10.23 2.21
C TYR A 25 -0.06 10.01 3.35
N SER A 26 0.36 8.74 3.57
CA SER A 26 1.26 8.42 4.71
C SER A 26 2.75 8.41 4.35
N HIS A 27 3.06 8.33 3.05
CA HIS A 27 4.46 8.31 2.59
C HIS A 27 4.96 9.72 2.19
N LEU A 28 4.07 10.73 2.33
CA LEU A 28 4.41 12.11 2.02
C LEU A 28 5.53 12.59 2.93
N SER A 29 5.45 12.18 4.20
CA SER A 29 6.43 12.57 5.22
C SER A 29 7.82 12.02 4.92
N ASN A 30 7.87 10.78 4.42
CA ASN A 30 9.15 10.13 4.10
C ASN A 30 9.17 9.71 2.60
N PRO A 31 10.03 10.32 1.75
CA PRO A 31 10.05 10.00 0.27
C PRO A 31 10.65 8.62 -0.11
N TYR A 32 11.37 7.97 0.82
CA TYR A 32 12.03 6.66 0.51
C TYR A 32 11.27 5.42 1.10
N PRO A 33 10.68 4.52 0.25
CA PRO A 33 10.00 3.26 0.74
C PRO A 33 11.01 2.20 1.16
N SER A 34 10.57 1.27 2.00
CA SER A 34 11.42 0.19 2.49
C SER A 34 10.59 -1.07 2.76
N GLU A 35 11.28 -2.20 2.95
CA GLU A 35 10.61 -3.46 3.26
C GLU A 35 9.81 -3.33 4.54
N GLU A 36 10.35 -2.57 5.51
CA GLU A 36 9.64 -2.35 6.77
C GLU A 36 8.30 -1.65 6.49
N ALA A 37 8.34 -0.59 5.65
CA ALA A 37 7.13 0.14 5.28
C ALA A 37 6.16 -0.74 4.49
N LYS A 38 6.71 -1.50 3.53
CA LYS A 38 5.90 -2.40 2.70
C LYS A 38 5.23 -3.46 3.57
N GLU A 39 6.00 -3.97 4.52
CA GLU A 39 5.56 -5.01 5.43
C GLU A 39 4.43 -4.51 6.34
N GLU A 40 4.55 -3.25 6.82
CA GLU A 40 3.53 -2.66 7.70
C GLU A 40 2.17 -2.59 7.00
N LEU A 41 2.19 -2.09 5.75
CA LEU A 41 0.97 -2.00 4.94
C LEU A 41 0.47 -3.38 4.53
N ALA A 42 1.42 -4.26 4.23
CA ALA A 42 1.11 -5.62 3.85
C ALA A 42 0.36 -6.32 4.97
N ARG A 43 0.81 -6.08 6.22
CA ARG A 43 0.20 -6.71 7.40
C ARG A 43 -1.19 -6.18 7.76
N LYS A 44 -1.38 -4.83 7.72
CA LYS A 44 -2.69 -4.26 8.10
C LYS A 44 -3.74 -4.44 7.02
N CYS A 45 -3.30 -4.49 5.78
CA CYS A 45 -4.19 -4.65 4.64
C CYS A 45 -4.30 -6.12 4.19
N GLY A 46 -3.39 -6.97 4.70
CA GLY A 46 -3.40 -8.40 4.36
C GLY A 46 -2.85 -8.66 2.96
N ILE A 47 -2.12 -7.68 2.39
CA ILE A 47 -1.53 -7.81 1.07
C ILE A 47 -0.02 -8.07 1.19
N THR A 48 0.59 -8.59 0.13
CA THR A 48 2.01 -8.94 0.12
C THR A 48 2.87 -7.71 -0.20
N VAL A 49 4.02 -7.60 0.49
CA VAL A 49 4.94 -6.45 0.31
C VAL A 49 5.21 -6.16 -1.18
N SER A 50 5.06 -7.18 -2.03
CA SER A 50 5.28 -7.02 -3.48
C SER A 50 4.27 -6.06 -4.09
N GLN A 51 2.97 -6.35 -3.89
CA GLN A 51 1.90 -5.48 -4.38
C GLN A 51 1.98 -4.12 -3.71
N VAL A 52 2.29 -4.15 -2.42
CA VAL A 52 2.42 -2.95 -1.63
C VAL A 52 3.54 -2.11 -2.26
N SER A 53 4.65 -2.76 -2.59
CA SER A 53 5.80 -2.14 -3.21
C SER A 53 5.43 -1.52 -4.56
N ASN A 54 4.59 -2.21 -5.34
CA ASN A 54 4.20 -1.72 -6.66
C ASN A 54 3.59 -0.32 -6.55
N TRP A 55 2.71 -0.13 -5.55
CA TRP A 55 2.13 1.19 -5.28
C TRP A 55 3.23 2.15 -4.80
N PHE A 56 4.13 1.66 -3.94
CA PHE A 56 5.16 2.52 -3.35
C PHE A 56 5.97 3.19 -4.46
N GLY A 57 6.42 2.40 -5.42
CA GLY A 57 7.14 2.92 -6.58
C GLY A 57 6.24 3.84 -7.40
N ASN A 58 4.96 3.43 -7.54
CA ASN A 58 3.99 4.19 -8.33
C ASN A 58 3.74 5.59 -7.77
N LYS A 59 3.52 5.69 -6.45
CA LYS A 59 3.25 6.98 -5.82
C LYS A 59 4.48 7.90 -5.88
N ARG A 60 5.68 7.30 -5.84
CA ARG A 60 6.94 8.06 -5.89
C ARG A 60 7.22 8.62 -7.28
N ILE A 61 6.76 7.92 -8.33
CA ILE A 61 6.99 8.37 -9.70
C ILE A 61 5.99 9.46 -10.10
N ARG A 62 4.75 9.36 -9.59
CA ARG A 62 3.73 10.37 -9.86
C ARG A 62 4.07 11.69 -9.11
N TYR A 63 4.70 11.55 -7.95
CA TYR A 63 5.10 12.69 -7.13
C TYR A 63 6.06 13.60 -7.91
N LYS A 64 7.01 12.97 -8.62
CA LYS A 64 8.01 13.71 -9.37
C LYS A 64 7.36 14.58 -10.44
N LYS A 65 6.31 14.06 -11.09
CA LYS A 65 5.57 14.81 -12.11
C LYS A 65 4.46 15.65 -11.46
N ASN A 66 4.47 16.95 -11.76
CA ASN A 66 3.48 17.87 -11.22
C ASN A 66 3.22 19.04 -12.20
N ILE A 67 2.66 20.16 -11.71
CA ILE A 67 2.37 21.32 -12.54
C ILE A 67 2.78 22.61 -11.82
N GLY A 1 -18.26 -18.38 6.58
CA GLY A 1 -18.87 -18.77 5.27
C GLY A 1 -18.01 -19.83 4.60
N SER A 2 -16.70 -19.58 4.52
CA SER A 2 -15.77 -20.51 3.89
C SER A 2 -15.66 -21.80 4.71
N HIS A 3 -15.53 -22.92 4.00
CA HIS A 3 -15.43 -24.23 4.63
C HIS A 3 -14.13 -24.36 5.43
N MET A 4 -13.04 -23.77 4.91
CA MET A 4 -11.73 -23.85 5.58
C MET A 4 -11.00 -22.50 5.55
N ALA A 5 -10.03 -22.36 6.47
CA ALA A 5 -9.25 -21.12 6.59
C ALA A 5 -8.02 -21.15 5.66
N ARG A 6 -7.15 -20.14 5.79
CA ARG A 6 -5.94 -20.01 4.96
C ARG A 6 -6.30 -19.79 3.48
N ARG A 7 -7.36 -19.01 3.25
CA ARG A 7 -7.81 -18.68 1.90
C ARG A 7 -6.81 -17.73 1.21
N LYS A 8 -6.94 -17.58 -0.12
CA LYS A 8 -6.06 -16.71 -0.89
C LYS A 8 -6.87 -15.88 -1.91
N ARG A 9 -6.34 -14.71 -2.27
CA ARG A 9 -7.03 -13.82 -3.21
C ARG A 9 -6.02 -12.86 -3.87
N ARG A 10 -6.28 -12.53 -5.16
CA ARG A 10 -5.36 -11.67 -5.92
C ARG A 10 -5.18 -10.27 -5.24
N ASN A 11 -5.92 -9.23 -5.70
CA ASN A 11 -5.80 -7.88 -5.12
C ASN A 11 -6.91 -6.93 -5.61
N PHE A 12 -8.13 -7.14 -5.11
CA PHE A 12 -9.27 -6.28 -5.44
C PHE A 12 -10.29 -6.30 -4.30
N SER A 13 -10.04 -5.47 -3.28
CA SER A 13 -10.91 -5.41 -2.10
C SER A 13 -10.80 -4.06 -1.41
N LYS A 14 -11.63 -3.85 -0.39
CA LYS A 14 -11.66 -2.60 0.37
C LYS A 14 -10.28 -2.31 0.98
N GLN A 15 -9.64 -3.36 1.51
CA GLN A 15 -8.30 -3.20 2.07
C GLN A 15 -7.33 -2.73 1.01
N ALA A 16 -7.48 -3.29 -0.20
CA ALA A 16 -6.64 -2.91 -1.33
C ALA A 16 -6.80 -1.43 -1.67
N SER A 17 -8.04 -0.94 -1.63
CA SER A 17 -8.32 0.46 -1.95
C SER A 17 -7.58 1.38 -0.98
N GLU A 18 -7.57 0.99 0.30
CA GLU A 18 -6.94 1.80 1.34
C GLU A 18 -5.44 1.62 1.43
N ILE A 19 -4.93 0.40 1.18
CA ILE A 19 -3.49 0.16 1.24
C ILE A 19 -2.78 1.12 0.24
N LEU A 20 -3.39 1.26 -0.95
CA LEU A 20 -2.84 2.11 -2.00
C LEU A 20 -2.95 3.60 -1.62
N ASN A 21 -4.20 4.10 -1.43
CA ASN A 21 -4.41 5.52 -1.15
C ASN A 21 -3.79 5.98 0.17
N GLU A 22 -3.86 5.12 1.19
CA GLU A 22 -3.29 5.47 2.50
C GLU A 22 -1.80 5.70 2.36
N TYR A 23 -1.14 4.86 1.53
CA TYR A 23 0.29 5.03 1.31
C TYR A 23 0.59 6.37 0.67
N PHE A 24 -0.27 6.78 -0.28
CA PHE A 24 -0.07 8.04 -0.99
C PHE A 24 0.01 9.20 0.01
N TYR A 25 -0.93 9.25 0.95
CA TYR A 25 -0.97 10.33 1.95
C TYR A 25 0.00 10.09 3.13
N SER A 26 0.32 8.82 3.41
CA SER A 26 1.17 8.47 4.58
C SER A 26 2.67 8.41 4.26
N HIS A 27 3.03 8.44 2.98
CA HIS A 27 4.45 8.37 2.57
C HIS A 27 4.98 9.74 2.10
N LEU A 28 4.12 10.78 2.17
CA LEU A 28 4.51 12.14 1.77
C LEU A 28 5.64 12.65 2.68
N SER A 29 5.52 12.35 3.97
CA SER A 29 6.49 12.79 4.99
C SER A 29 7.86 12.15 4.80
N ASN A 30 7.87 10.89 4.37
CA ASN A 30 9.12 10.12 4.20
C ASN A 30 9.21 9.54 2.77
N PRO A 31 9.78 10.27 1.79
CA PRO A 31 9.86 9.78 0.36
C PRO A 31 10.51 8.39 0.19
N TYR A 32 11.55 8.10 0.99
CA TYR A 32 12.29 6.83 0.86
C TYR A 32 11.45 5.57 1.28
N PRO A 33 11.26 4.56 0.37
CA PRO A 33 10.53 3.28 0.69
C PRO A 33 11.44 2.27 1.38
N SER A 34 10.81 1.34 2.11
CA SER A 34 11.54 0.30 2.82
C SER A 34 10.69 -0.97 2.92
N GLU A 35 11.37 -2.11 3.05
CA GLU A 35 10.68 -3.40 3.23
C GLU A 35 9.81 -3.34 4.47
N GLU A 36 10.30 -2.65 5.51
CA GLU A 36 9.53 -2.46 6.72
C GLU A 36 8.24 -1.68 6.43
N ALA A 37 8.37 -0.62 5.59
CA ALA A 37 7.20 0.18 5.22
C ALA A 37 6.19 -0.67 4.44
N LYS A 38 6.70 -1.42 3.44
CA LYS A 38 5.81 -2.28 2.62
C LYS A 38 5.16 -3.35 3.49
N GLU A 39 5.95 -3.90 4.40
CA GLU A 39 5.52 -4.96 5.28
C GLU A 39 4.41 -4.47 6.21
N GLU A 40 4.54 -3.24 6.73
CA GLU A 40 3.54 -2.67 7.63
C GLU A 40 2.17 -2.57 6.94
N LEU A 41 2.17 -2.02 5.71
CA LEU A 41 0.93 -1.93 4.91
C LEU A 41 0.42 -3.31 4.54
N ALA A 42 1.36 -4.18 4.20
CA ALA A 42 1.05 -5.54 3.81
C ALA A 42 0.32 -6.27 4.93
N ARG A 43 0.79 -6.05 6.17
CA ARG A 43 0.23 -6.71 7.34
C ARG A 43 -1.17 -6.20 7.74
N LYS A 44 -1.38 -4.86 7.69
CA LYS A 44 -2.68 -4.29 8.12
C LYS A 44 -3.79 -4.55 7.10
N CYS A 45 -3.41 -4.58 5.84
CA CYS A 45 -4.36 -4.78 4.74
C CYS A 45 -4.45 -6.26 4.31
N GLY A 46 -3.46 -7.08 4.74
CA GLY A 46 -3.45 -8.50 4.41
C GLY A 46 -2.88 -8.79 3.00
N ILE A 47 -2.18 -7.79 2.44
CA ILE A 47 -1.55 -7.94 1.12
C ILE A 47 -0.03 -8.11 1.32
N THR A 48 0.65 -8.61 0.29
CA THR A 48 2.10 -8.87 0.37
C THR A 48 2.91 -7.61 0.09
N VAL A 49 4.19 -7.61 0.51
CA VAL A 49 5.08 -6.47 0.29
C VAL A 49 5.31 -6.23 -1.22
N SER A 50 5.24 -7.29 -2.02
CA SER A 50 5.46 -7.19 -3.48
C SER A 50 4.39 -6.33 -4.16
N GLN A 51 3.11 -6.55 -3.80
CA GLN A 51 2.02 -5.73 -4.37
C GLN A 51 2.09 -4.31 -3.82
N VAL A 52 2.41 -4.24 -2.53
CA VAL A 52 2.59 -2.98 -1.85
C VAL A 52 3.75 -2.22 -2.54
N SER A 53 4.77 -2.98 -2.93
CA SER A 53 5.93 -2.43 -3.61
C SER A 53 5.50 -1.76 -4.92
N ASN A 54 4.54 -2.39 -5.62
CA ASN A 54 4.08 -1.85 -6.91
C ASN A 54 3.51 -0.45 -6.71
N TRP A 55 2.69 -0.27 -5.66
CA TRP A 55 2.15 1.06 -5.33
C TRP A 55 3.28 1.97 -4.88
N PHE A 56 4.19 1.44 -4.06
CA PHE A 56 5.29 2.24 -3.49
C PHE A 56 6.00 3.04 -4.57
N GLY A 57 6.51 2.34 -5.57
CA GLY A 57 7.20 2.98 -6.68
C GLY A 57 6.27 3.90 -7.45
N ASN A 58 5.03 3.46 -7.65
CA ASN A 58 4.04 4.23 -8.42
C ASN A 58 3.69 5.57 -7.76
N LYS A 59 3.47 5.57 -6.42
CA LYS A 59 3.13 6.82 -5.73
C LYS A 59 4.33 7.80 -5.70
N ARG A 60 5.55 7.23 -5.65
CA ARG A 60 6.77 8.02 -5.61
C ARG A 60 7.04 8.71 -6.94
N ILE A 61 6.72 8.02 -8.05
CA ILE A 61 6.99 8.56 -9.39
C ILE A 61 5.93 9.57 -9.82
N ARG A 62 4.70 9.41 -9.32
CA ARG A 62 3.62 10.34 -9.65
C ARG A 62 3.81 11.68 -8.92
N TYR A 63 4.26 11.61 -7.65
CA TYR A 63 4.46 12.81 -6.82
C TYR A 63 5.54 13.72 -7.41
N LYS A 64 6.69 13.14 -7.76
CA LYS A 64 7.82 13.90 -8.29
C LYS A 64 8.28 14.99 -7.26
N LYS A 65 7.96 16.29 -7.52
CA LYS A 65 8.32 17.37 -6.59
C LYS A 65 7.51 18.63 -6.90
N ASN A 66 7.38 19.52 -5.90
CA ASN A 66 6.64 20.76 -6.05
C ASN A 66 6.94 21.73 -4.91
N ILE A 67 6.40 22.94 -5.02
CA ILE A 67 6.60 23.99 -4.00
C ILE A 67 8.07 24.41 -3.95
N GLY A 1 -13.91 -1.53 12.82
CA GLY A 1 -13.43 -2.77 13.51
C GLY A 1 -11.92 -2.90 13.33
N SER A 2 -11.17 -2.34 14.26
CA SER A 2 -9.71 -2.38 14.22
C SER A 2 -9.19 -3.78 14.53
N HIS A 3 -7.90 -4.02 14.20
CA HIS A 3 -7.26 -5.31 14.43
C HIS A 3 -7.91 -6.41 13.59
N MET A 4 -7.39 -6.60 12.37
CA MET A 4 -7.91 -7.63 11.46
C MET A 4 -6.76 -8.34 10.73
N ALA A 5 -7.02 -9.58 10.29
CA ALA A 5 -6.01 -10.38 9.59
C ALA A 5 -6.69 -11.35 8.59
N ARG A 6 -7.50 -10.78 7.70
CA ARG A 6 -8.22 -11.58 6.69
C ARG A 6 -8.02 -11.02 5.29
N ARG A 7 -8.02 -11.90 4.30
CA ARG A 7 -7.87 -11.52 2.90
C ARG A 7 -8.97 -12.14 2.05
N LYS A 8 -9.67 -11.31 1.28
CA LYS A 8 -10.75 -11.79 0.40
C LYS A 8 -10.41 -11.52 -1.06
N ARG A 9 -10.38 -12.61 -1.84
CA ARG A 9 -10.11 -12.53 -3.28
C ARG A 9 -8.89 -11.67 -3.59
N ARG A 10 -8.62 -11.51 -4.89
CA ARG A 10 -7.50 -10.76 -5.38
C ARG A 10 -7.72 -9.26 -5.19
N ASN A 11 -6.64 -8.47 -5.29
CA ASN A 11 -6.72 -7.01 -5.08
C ASN A 11 -7.94 -6.39 -5.77
N PHE A 12 -8.84 -5.84 -4.95
CA PHE A 12 -10.08 -5.22 -5.44
C PHE A 12 -10.93 -4.65 -4.28
N SER A 13 -10.74 -5.20 -3.07
CA SER A 13 -11.52 -4.80 -1.89
C SER A 13 -11.16 -3.38 -1.45
N LYS A 14 -12.04 -2.80 -0.61
CA LYS A 14 -11.87 -1.43 -0.12
C LYS A 14 -10.56 -1.29 0.67
N GLN A 15 -10.24 -2.30 1.48
CA GLN A 15 -9.00 -2.30 2.27
C GLN A 15 -7.79 -2.21 1.32
N ALA A 16 -7.86 -2.94 0.19
CA ALA A 16 -6.82 -2.90 -0.81
C ALA A 16 -6.69 -1.49 -1.39
N SER A 17 -7.82 -0.83 -1.61
CA SER A 17 -7.82 0.54 -2.09
C SER A 17 -7.10 1.43 -1.08
N GLU A 18 -7.32 1.15 0.21
CA GLU A 18 -6.68 1.92 1.28
C GLU A 18 -5.19 1.62 1.37
N ILE A 19 -4.76 0.36 1.10
CA ILE A 19 -3.32 0.06 1.18
C ILE A 19 -2.56 0.99 0.20
N LEU A 20 -3.17 1.21 -0.96
CA LEU A 20 -2.63 2.09 -1.99
C LEU A 20 -2.76 3.57 -1.54
N ASN A 21 -4.00 3.99 -1.29
CA ASN A 21 -4.32 5.36 -0.92
C ASN A 21 -3.59 5.79 0.35
N GLU A 22 -3.63 4.95 1.37
CA GLU A 22 -3.02 5.26 2.66
C GLU A 22 -1.55 5.51 2.47
N TYR A 23 -0.90 4.70 1.59
CA TYR A 23 0.51 4.95 1.30
C TYR A 23 0.67 6.30 0.62
N PHE A 24 -0.30 6.68 -0.23
CA PHE A 24 -0.22 7.95 -0.93
C PHE A 24 -0.13 9.10 0.07
N TYR A 25 -1.00 9.07 1.10
CA TYR A 25 -1.01 10.14 2.12
C TYR A 25 -0.02 9.87 3.29
N SER A 26 0.50 8.63 3.38
CA SER A 26 1.40 8.25 4.49
C SER A 26 2.88 8.29 4.08
N HIS A 27 3.16 8.46 2.78
CA HIS A 27 4.54 8.52 2.28
C HIS A 27 4.92 9.93 1.76
N LEU A 28 3.99 10.90 1.93
CA LEU A 28 4.24 12.28 1.50
C LEU A 28 5.43 12.86 2.25
N SER A 29 5.49 12.57 3.56
CA SER A 29 6.57 13.07 4.42
C SER A 29 7.77 12.11 4.52
N ASN A 30 7.65 10.93 3.88
CA ASN A 30 8.72 9.93 3.89
C ASN A 30 9.26 9.73 2.46
N PRO A 31 10.39 10.38 2.08
CA PRO A 31 10.94 10.29 0.68
C PRO A 31 11.26 8.85 0.18
N TYR A 32 11.82 8.01 1.06
CA TYR A 32 12.25 6.63 0.64
C TYR A 32 11.34 5.48 1.19
N PRO A 33 11.03 4.44 0.35
CA PRO A 33 10.27 3.21 0.81
C PRO A 33 11.22 2.20 1.45
N SER A 34 10.64 1.28 2.22
CA SER A 34 11.42 0.25 2.89
C SER A 34 10.61 -1.02 3.05
N GLU A 35 11.30 -2.15 3.21
CA GLU A 35 10.64 -3.44 3.42
C GLU A 35 9.77 -3.37 4.65
N GLU A 36 10.24 -2.66 5.68
CA GLU A 36 9.47 -2.47 6.89
C GLU A 36 8.17 -1.71 6.56
N ALA A 37 8.29 -0.65 5.73
CA ALA A 37 7.11 0.14 5.33
C ALA A 37 6.12 -0.71 4.54
N LYS A 38 6.62 -1.45 3.55
CA LYS A 38 5.76 -2.31 2.72
C LYS A 38 5.11 -3.38 3.58
N GLU A 39 5.89 -3.93 4.50
CA GLU A 39 5.46 -5.00 5.38
C GLU A 39 4.32 -4.55 6.29
N GLU A 40 4.43 -3.32 6.83
CA GLU A 40 3.38 -2.79 7.73
C GLU A 40 2.05 -2.67 6.98
N LEU A 41 2.11 -2.13 5.75
CA LEU A 41 0.90 -2.00 4.90
C LEU A 41 0.40 -3.38 4.50
N ALA A 42 1.33 -4.26 4.18
CA ALA A 42 1.03 -5.62 3.77
C ALA A 42 0.27 -6.35 4.88
N ARG A 43 0.70 -6.12 6.11
CA ARG A 43 0.10 -6.78 7.29
C ARG A 43 -1.31 -6.26 7.63
N LYS A 44 -1.53 -4.92 7.53
CA LYS A 44 -2.85 -4.36 7.91
C LYS A 44 -3.92 -4.73 6.87
N CYS A 45 -3.51 -4.72 5.61
CA CYS A 45 -4.40 -5.06 4.51
C CYS A 45 -4.50 -6.57 4.32
N GLY A 46 -3.41 -7.28 4.62
CA GLY A 46 -3.34 -8.72 4.39
C GLY A 46 -2.74 -9.04 3.00
N ILE A 47 -2.11 -8.02 2.36
CA ILE A 47 -1.47 -8.21 1.07
C ILE A 47 0.05 -8.30 1.28
N THR A 48 0.77 -8.81 0.28
CA THR A 48 2.22 -9.01 0.40
C THR A 48 2.99 -7.72 0.13
N VAL A 49 4.25 -7.69 0.59
CA VAL A 49 5.13 -6.53 0.37
C VAL A 49 5.36 -6.28 -1.13
N SER A 50 5.30 -7.35 -1.93
CA SER A 50 5.54 -7.26 -3.38
C SER A 50 4.48 -6.38 -4.07
N GLN A 51 3.20 -6.65 -3.83
CA GLN A 51 2.12 -5.83 -4.41
C GLN A 51 2.18 -4.41 -3.85
N VAL A 52 2.47 -4.36 -2.55
CA VAL A 52 2.62 -3.10 -1.85
C VAL A 52 3.77 -2.31 -2.51
N SER A 53 4.84 -3.02 -2.91
CA SER A 53 5.99 -2.42 -3.54
C SER A 53 5.59 -1.74 -4.84
N ASN A 54 4.70 -2.39 -5.61
CA ASN A 54 4.28 -1.85 -6.91
C ASN A 54 3.68 -0.46 -6.73
N TRP A 55 2.83 -0.30 -5.71
CA TRP A 55 2.26 1.01 -5.39
C TRP A 55 3.36 1.98 -4.95
N PHE A 56 4.31 1.49 -4.15
CA PHE A 56 5.34 2.34 -3.56
C PHE A 56 6.14 3.07 -4.63
N GLY A 57 6.63 2.33 -5.62
CA GLY A 57 7.38 2.94 -6.71
C GLY A 57 6.49 3.91 -7.50
N ASN A 58 5.25 3.49 -7.75
CA ASN A 58 4.33 4.31 -8.53
C ASN A 58 4.01 5.64 -7.84
N LYS A 59 3.62 5.60 -6.56
CA LYS A 59 3.25 6.83 -5.86
C LYS A 59 4.44 7.80 -5.75
N ARG A 60 5.67 7.24 -5.68
CA ARG A 60 6.88 8.07 -5.58
C ARG A 60 7.02 8.92 -6.83
N ILE A 61 6.75 8.33 -8.00
CA ILE A 61 6.82 9.07 -9.27
C ILE A 61 5.50 9.86 -9.53
N ARG A 62 4.41 9.35 -8.96
CA ARG A 62 3.08 9.91 -9.15
C ARG A 62 2.97 11.35 -8.64
N TYR A 63 3.51 11.62 -7.43
CA TYR A 63 3.42 12.96 -6.81
C TYR A 63 4.74 13.73 -6.89
N LYS A 64 5.75 13.29 -6.11
CA LYS A 64 7.07 13.95 -6.10
C LYS A 64 6.94 15.44 -5.70
N LYS A 65 8.10 16.08 -5.44
CA LYS A 65 8.14 17.50 -5.07
C LYS A 65 7.43 17.80 -3.74
N ASN A 66 7.67 16.94 -2.74
CA ASN A 66 7.11 17.14 -1.40
C ASN A 66 7.84 18.26 -0.68
N ILE A 67 7.08 19.10 0.02
CA ILE A 67 7.64 20.22 0.78
C ILE A 67 7.29 20.05 2.26
N GLY A 1 -10.35 -15.52 17.37
CA GLY A 1 -10.19 -14.03 17.22
C GLY A 1 -9.12 -13.53 18.19
N SER A 2 -8.80 -12.24 18.10
CA SER A 2 -7.80 -11.62 18.95
C SER A 2 -6.45 -12.38 18.83
N HIS A 3 -5.97 -12.49 17.59
CA HIS A 3 -4.70 -13.18 17.31
C HIS A 3 -4.07 -12.67 16.00
N MET A 4 -2.82 -13.07 15.75
CA MET A 4 -2.10 -12.63 14.55
C MET A 4 -1.56 -13.82 13.75
N ALA A 5 -1.64 -13.71 12.42
CA ALA A 5 -1.15 -14.76 11.52
C ALA A 5 -0.89 -14.19 10.13
N ARG A 6 -0.05 -14.89 9.35
CA ARG A 6 0.28 -14.44 7.99
C ARG A 6 -0.77 -14.92 6.99
N ARG A 7 -1.36 -13.96 6.26
CA ARG A 7 -2.37 -14.26 5.24
C ARG A 7 -2.14 -13.42 3.99
N LYS A 8 -2.74 -13.84 2.87
CA LYS A 8 -2.58 -13.12 1.58
C LYS A 8 -3.93 -12.82 0.94
N ARG A 9 -3.96 -11.73 0.14
CA ARG A 9 -5.20 -11.31 -0.53
C ARG A 9 -4.92 -10.88 -1.94
N ARG A 10 -5.99 -10.74 -2.73
CA ARG A 10 -5.87 -10.31 -4.11
C ARG A 10 -6.35 -8.87 -4.28
N ASN A 11 -5.99 -8.27 -5.42
CA ASN A 11 -6.35 -6.88 -5.73
C ASN A 11 -7.85 -6.74 -5.98
N PHE A 12 -8.29 -5.48 -6.19
CA PHE A 12 -9.72 -5.19 -6.41
C PHE A 12 -10.56 -5.50 -5.16
N SER A 13 -10.16 -4.88 -4.05
CA SER A 13 -10.85 -5.05 -2.78
C SER A 13 -10.77 -3.76 -1.96
N LYS A 14 -11.64 -3.65 -0.95
CA LYS A 14 -11.69 -2.45 -0.10
C LYS A 14 -10.34 -2.24 0.59
N GLN A 15 -9.76 -3.34 1.08
CA GLN A 15 -8.45 -3.29 1.74
C GLN A 15 -7.40 -2.81 0.74
N ALA A 16 -7.51 -3.30 -0.51
CA ALA A 16 -6.61 -2.90 -1.59
C ALA A 16 -6.74 -1.40 -1.87
N SER A 17 -7.97 -0.90 -1.84
CA SER A 17 -8.22 0.51 -2.11
C SER A 17 -7.49 1.38 -1.09
N GLU A 18 -7.51 0.95 0.18
CA GLU A 18 -6.88 1.72 1.26
C GLU A 18 -5.39 1.54 1.34
N ILE A 19 -4.88 0.32 1.09
CA ILE A 19 -3.42 0.11 1.17
C ILE A 19 -2.71 1.07 0.20
N LEU A 20 -3.32 1.22 -0.99
CA LEU A 20 -2.76 2.08 -2.04
C LEU A 20 -2.86 3.57 -1.65
N ASN A 21 -4.10 4.08 -1.44
CA ASN A 21 -4.28 5.51 -1.14
C ASN A 21 -3.65 5.91 0.19
N GLU A 22 -3.69 5.00 1.17
CA GLU A 22 -3.10 5.27 2.47
C GLU A 22 -1.62 5.54 2.33
N TYR A 23 -0.94 4.76 1.45
CA TYR A 23 0.49 5.00 1.21
C TYR A 23 0.72 6.36 0.63
N PHE A 24 -0.18 6.80 -0.26
CA PHE A 24 -0.02 8.10 -0.89
C PHE A 24 0.09 9.19 0.19
N TYR A 25 -0.84 9.19 1.15
CA TYR A 25 -0.81 10.16 2.26
C TYR A 25 0.31 9.88 3.27
N SER A 26 0.56 8.59 3.56
CA SER A 26 1.55 8.20 4.60
C SER A 26 3.00 8.36 4.11
N HIS A 27 3.19 8.36 2.79
CA HIS A 27 4.53 8.54 2.20
C HIS A 27 4.95 10.03 2.27
N LEU A 28 4.01 10.91 2.63
CA LEU A 28 4.29 12.32 2.75
C LEU A 28 5.40 12.53 3.79
N SER A 29 5.37 11.70 4.85
CA SER A 29 6.37 11.77 5.93
C SER A 29 7.56 10.81 5.68
N ASN A 30 7.39 9.85 4.74
CA ASN A 30 8.43 8.88 4.42
C ASN A 30 9.04 9.18 3.03
N PRO A 31 10.34 9.60 2.94
CA PRO A 31 10.95 9.95 1.61
C PRO A 31 11.24 8.74 0.72
N TYR A 32 11.99 7.76 1.25
CA TYR A 32 12.37 6.57 0.47
C TYR A 32 11.58 5.30 0.91
N PRO A 33 11.11 4.43 -0.03
CA PRO A 33 10.39 3.16 0.32
C PRO A 33 11.33 2.13 0.93
N SER A 34 10.79 1.33 1.84
CA SER A 34 11.57 0.28 2.51
C SER A 34 10.68 -0.89 2.88
N GLU A 35 11.26 -2.09 2.90
CA GLU A 35 10.52 -3.30 3.26
C GLU A 35 9.77 -3.12 4.59
N GLU A 36 10.31 -2.24 5.46
CA GLU A 36 9.65 -1.95 6.73
C GLU A 36 8.29 -1.29 6.44
N ALA A 37 8.28 -0.29 5.54
CA ALA A 37 7.04 0.39 5.16
C ALA A 37 6.11 -0.55 4.41
N LYS A 38 6.68 -1.34 3.48
CA LYS A 38 5.89 -2.29 2.68
C LYS A 38 5.23 -3.33 3.57
N GLU A 39 5.99 -3.81 4.55
CA GLU A 39 5.54 -4.84 5.46
C GLU A 39 4.40 -4.33 6.36
N GLU A 40 4.51 -3.07 6.84
CA GLU A 40 3.49 -2.49 7.72
C GLU A 40 2.14 -2.42 7.00
N LEU A 41 2.16 -1.91 5.76
CA LEU A 41 0.93 -1.83 4.95
C LEU A 41 0.44 -3.23 4.59
N ALA A 42 1.39 -4.11 4.30
CA ALA A 42 1.10 -5.48 3.94
C ALA A 42 0.34 -6.18 5.07
N ARG A 43 0.81 -5.93 6.30
CA ARG A 43 0.22 -6.55 7.49
C ARG A 43 -1.18 -6.01 7.85
N LYS A 44 -1.35 -4.67 7.76
CA LYS A 44 -2.63 -4.05 8.13
C LYS A 44 -3.72 -4.29 7.10
N CYS A 45 -3.30 -4.37 5.84
CA CYS A 45 -4.24 -4.56 4.73
C CYS A 45 -4.35 -6.05 4.33
N GLY A 46 -3.43 -6.89 4.82
CA GLY A 46 -3.46 -8.33 4.51
C GLY A 46 -2.87 -8.65 3.12
N ILE A 47 -2.12 -7.70 2.55
CA ILE A 47 -1.50 -7.88 1.24
C ILE A 47 0.02 -8.07 1.43
N THR A 48 0.71 -8.57 0.40
CA THR A 48 2.16 -8.82 0.49
C THR A 48 2.95 -7.55 0.19
N VAL A 49 4.21 -7.51 0.67
CA VAL A 49 5.10 -6.37 0.43
C VAL A 49 5.34 -6.14 -1.07
N SER A 50 5.27 -7.20 -1.87
CA SER A 50 5.51 -7.11 -3.32
C SER A 50 4.46 -6.23 -4.00
N GLN A 51 3.18 -6.50 -3.70
CA GLN A 51 2.08 -5.70 -4.26
C GLN A 51 2.10 -4.29 -3.68
N VAL A 52 2.39 -4.22 -2.38
CA VAL A 52 2.49 -2.96 -1.68
C VAL A 52 3.58 -2.12 -2.34
N SER A 53 4.72 -2.77 -2.62
CA SER A 53 5.85 -2.11 -3.25
C SER A 53 5.52 -1.63 -4.66
N ASN A 54 4.59 -2.35 -5.35
CA ASN A 54 4.20 -1.94 -6.71
C ASN A 54 3.61 -0.54 -6.66
N TRP A 55 2.75 -0.31 -5.67
CA TRP A 55 2.18 1.02 -5.44
C TRP A 55 3.27 2.01 -5.05
N PHE A 56 4.20 1.56 -4.21
CA PHE A 56 5.23 2.46 -3.68
C PHE A 56 5.97 3.14 -4.82
N GLY A 57 6.41 2.36 -5.81
CA GLY A 57 7.07 2.91 -6.99
C GLY A 57 6.11 3.83 -7.76
N ASN A 58 4.85 3.39 -7.87
CA ASN A 58 3.83 4.13 -8.64
C ASN A 58 3.50 5.49 -8.01
N LYS A 59 3.36 5.55 -6.67
CA LYS A 59 3.04 6.79 -6.00
C LYS A 59 4.23 7.78 -6.06
N ARG A 60 5.45 7.22 -6.07
CA ARG A 60 6.68 8.01 -6.13
C ARG A 60 6.82 8.75 -7.46
N ILE A 61 6.44 8.07 -8.56
CA ILE A 61 6.61 8.65 -9.89
C ILE A 61 5.48 9.60 -10.26
N ARG A 62 4.27 9.35 -9.73
CA ARG A 62 3.13 10.22 -10.00
C ARG A 62 3.28 11.58 -9.28
N TYR A 63 3.90 11.54 -8.08
CA TYR A 63 4.08 12.76 -7.28
C TYR A 63 5.50 13.30 -7.44
N LYS A 64 6.48 12.51 -6.98
CA LYS A 64 7.91 12.88 -7.08
C LYS A 64 8.16 14.35 -6.71
N LYS A 65 7.99 14.67 -5.42
CA LYS A 65 8.21 16.04 -4.93
C LYS A 65 8.12 16.11 -3.40
N ASN A 66 8.88 15.22 -2.73
CA ASN A 66 8.90 15.16 -1.28
C ASN A 66 9.61 16.37 -0.69
N ILE A 67 9.46 16.56 0.62
CA ILE A 67 10.10 17.69 1.34
C ILE A 67 9.46 19.01 0.90
N GLY A 1 -19.99 -16.93 19.60
CA GLY A 1 -18.79 -17.82 19.54
C GLY A 1 -18.51 -18.18 18.08
N SER A 2 -17.58 -17.43 17.47
CA SER A 2 -17.20 -17.66 16.08
C SER A 2 -15.77 -17.18 15.81
N HIS A 3 -15.20 -17.63 14.69
CA HIS A 3 -13.83 -17.26 14.31
C HIS A 3 -13.68 -17.27 12.79
N MET A 4 -12.93 -16.30 12.26
CA MET A 4 -12.71 -16.19 10.81
C MET A 4 -11.38 -16.82 10.40
N ALA A 5 -11.45 -17.70 9.38
CA ALA A 5 -10.26 -18.38 8.86
C ALA A 5 -9.38 -17.41 8.08
N ARG A 6 -8.07 -17.60 8.18
CA ARG A 6 -7.11 -16.75 7.47
C ARG A 6 -6.95 -17.22 6.02
N ARG A 7 -6.97 -16.26 5.08
CA ARG A 7 -6.81 -16.58 3.66
C ARG A 7 -5.89 -15.57 2.98
N LYS A 8 -5.15 -16.04 1.98
CA LYS A 8 -4.23 -15.19 1.22
C LYS A 8 -5.02 -14.08 0.51
N ARG A 9 -6.13 -14.48 -0.13
CA ARG A 9 -7.02 -13.56 -0.83
C ARG A 9 -6.28 -12.75 -1.91
N ARG A 10 -7.03 -12.36 -2.95
CA ARG A 10 -6.48 -11.58 -4.06
C ARG A 10 -6.77 -10.10 -3.88
N ASN A 11 -6.02 -9.26 -4.61
CA ASN A 11 -6.18 -7.81 -4.51
C ASN A 11 -7.41 -7.34 -5.29
N PHE A 12 -8.49 -7.09 -4.56
CA PHE A 12 -9.75 -6.63 -5.16
C PHE A 12 -10.80 -6.32 -4.06
N SER A 13 -10.31 -5.71 -2.96
CA SER A 13 -11.16 -5.38 -1.81
C SER A 13 -11.00 -3.92 -1.42
N LYS A 14 -11.90 -3.44 -0.56
CA LYS A 14 -11.88 -2.04 -0.10
C LYS A 14 -10.56 -1.73 0.61
N GLN A 15 -10.08 -2.69 1.43
CA GLN A 15 -8.81 -2.51 2.13
C GLN A 15 -7.67 -2.34 1.14
N ALA A 16 -7.72 -3.11 0.04
CA ALA A 16 -6.68 -3.02 -1.00
C ALA A 16 -6.65 -1.60 -1.57
N SER A 17 -7.83 -1.01 -1.78
CA SER A 17 -7.91 0.36 -2.27
C SER A 17 -7.21 1.29 -1.29
N GLU A 18 -7.43 1.04 0.01
CA GLU A 18 -6.83 1.85 1.06
C GLU A 18 -5.34 1.62 1.16
N ILE A 19 -4.86 0.36 0.96
CA ILE A 19 -3.41 0.11 1.08
C ILE A 19 -2.66 1.06 0.12
N LEU A 20 -3.27 1.29 -1.05
CA LEU A 20 -2.72 2.16 -2.05
C LEU A 20 -2.77 3.64 -1.60
N ASN A 21 -3.98 4.15 -1.36
CA ASN A 21 -4.14 5.56 -1.01
C ASN A 21 -3.56 5.90 0.36
N GLU A 22 -3.62 4.96 1.30
CA GLU A 22 -3.05 5.17 2.63
C GLU A 22 -1.57 5.43 2.51
N TYR A 23 -0.89 4.69 1.60
CA TYR A 23 0.53 4.93 1.36
C TYR A 23 0.73 6.31 0.79
N PHE A 24 -0.20 6.74 -0.09
CA PHE A 24 -0.09 8.05 -0.72
C PHE A 24 -0.03 9.14 0.36
N TYR A 25 -0.93 9.06 1.36
CA TYR A 25 -0.96 10.08 2.43
C TYR A 25 0.04 9.80 3.57
N SER A 26 0.62 8.58 3.61
CA SER A 26 1.55 8.19 4.69
C SER A 26 3.03 8.33 4.26
N HIS A 27 3.28 8.26 2.95
CA HIS A 27 4.65 8.37 2.42
C HIS A 27 5.01 9.81 2.04
N LEU A 28 4.09 10.76 2.32
CA LEU A 28 4.33 12.17 2.06
C LEU A 28 5.52 12.66 2.87
N SER A 29 5.60 12.19 4.12
CA SER A 29 6.70 12.57 5.04
C SER A 29 7.92 11.64 4.91
N ASN A 30 7.75 10.50 4.24
CA ASN A 30 8.83 9.53 4.04
C ASN A 30 9.25 9.54 2.55
N PRO A 31 10.46 10.02 2.19
CA PRO A 31 10.86 10.12 0.74
C PRO A 31 11.06 8.75 0.05
N TYR A 32 11.78 7.84 0.71
CA TYR A 32 12.08 6.52 0.12
C TYR A 32 11.28 5.35 0.80
N PRO A 33 10.82 4.33 0.01
CA PRO A 33 10.12 3.12 0.57
C PRO A 33 11.12 2.13 1.17
N SER A 34 10.63 1.28 2.06
CA SER A 34 11.45 0.27 2.69
C SER A 34 10.63 -0.98 3.01
N GLU A 35 11.31 -2.09 3.27
CA GLU A 35 10.66 -3.35 3.59
C GLU A 35 9.75 -3.17 4.80
N GLU A 36 10.20 -2.36 5.78
CA GLU A 36 9.40 -2.09 6.96
C GLU A 36 8.07 -1.42 6.56
N ALA A 37 8.16 -0.41 5.66
CA ALA A 37 6.95 0.29 5.19
C ALA A 37 6.04 -0.65 4.41
N LYS A 38 6.65 -1.45 3.50
CA LYS A 38 5.88 -2.39 2.69
C LYS A 38 5.19 -3.42 3.57
N GLU A 39 5.93 -3.90 4.57
CA GLU A 39 5.47 -4.93 5.47
C GLU A 39 4.31 -4.43 6.37
N GLU A 40 4.42 -3.17 6.85
CA GLU A 40 3.37 -2.59 7.72
C GLU A 40 2.04 -2.53 6.98
N LEU A 41 2.08 -2.04 5.73
CA LEU A 41 0.88 -1.96 4.90
C LEU A 41 0.40 -3.35 4.50
N ALA A 42 1.36 -4.23 4.22
CA ALA A 42 1.07 -5.59 3.84
C ALA A 42 0.29 -6.31 4.94
N ARG A 43 0.72 -6.08 6.18
CA ARG A 43 0.10 -6.71 7.35
C ARG A 43 -1.30 -6.19 7.69
N LYS A 44 -1.48 -4.85 7.62
CA LYS A 44 -2.78 -4.25 7.99
C LYS A 44 -3.85 -4.50 6.93
N CYS A 45 -3.42 -4.54 5.67
CA CYS A 45 -4.34 -4.75 4.56
C CYS A 45 -4.39 -6.22 4.12
N GLY A 46 -3.43 -7.04 4.61
CA GLY A 46 -3.40 -8.47 4.27
C GLY A 46 -2.81 -8.73 2.88
N ILE A 47 -2.08 -7.74 2.33
CA ILE A 47 -1.45 -7.87 1.01
C ILE A 47 0.07 -8.07 1.19
N THR A 48 0.74 -8.52 0.13
CA THR A 48 2.19 -8.81 0.19
C THR A 48 3.03 -7.56 -0.04
N VAL A 49 4.21 -7.54 0.57
CA VAL A 49 5.15 -6.43 0.41
C VAL A 49 5.44 -6.18 -1.07
N SER A 50 5.40 -7.24 -1.90
CA SER A 50 5.68 -7.11 -3.36
C SER A 50 4.63 -6.23 -4.04
N GLN A 51 3.34 -6.53 -3.77
CA GLN A 51 2.24 -5.74 -4.36
C GLN A 51 2.21 -4.35 -3.73
N VAL A 52 2.46 -4.32 -2.43
CA VAL A 52 2.53 -3.09 -1.69
C VAL A 52 3.64 -2.24 -2.31
N SER A 53 4.76 -2.90 -2.63
CA SER A 53 5.90 -2.25 -3.26
C SER A 53 5.53 -1.66 -4.61
N ASN A 54 4.65 -2.35 -5.36
CA ASN A 54 4.28 -1.88 -6.70
C ASN A 54 3.67 -0.50 -6.61
N TRP A 55 2.79 -0.29 -5.62
CA TRP A 55 2.23 1.04 -5.37
C TRP A 55 3.33 2.01 -4.93
N PHE A 56 4.24 1.52 -4.08
CA PHE A 56 5.26 2.38 -3.48
C PHE A 56 6.07 3.07 -4.57
N GLY A 57 6.53 2.31 -5.56
CA GLY A 57 7.26 2.87 -6.68
C GLY A 57 6.37 3.84 -7.46
N ASN A 58 5.11 3.43 -7.67
CA ASN A 58 4.18 4.23 -8.46
C ASN A 58 3.90 5.58 -7.82
N LYS A 59 3.55 5.60 -6.51
CA LYS A 59 3.22 6.85 -5.85
C LYS A 59 4.42 7.82 -5.83
N ARG A 60 5.64 7.25 -5.78
CA ARG A 60 6.85 8.08 -5.79
C ARG A 60 6.97 8.84 -7.10
N ILE A 61 6.65 8.17 -8.22
CA ILE A 61 6.68 8.82 -9.53
C ILE A 61 5.39 9.63 -9.79
N ARG A 62 4.31 9.20 -9.13
CA ARG A 62 3.00 9.82 -9.25
C ARG A 62 3.04 11.27 -8.76
N TYR A 63 3.74 11.49 -7.64
CA TYR A 63 3.83 12.83 -7.03
C TYR A 63 4.97 13.65 -7.66
N LYS A 64 6.20 13.15 -7.51
CA LYS A 64 7.39 13.82 -8.07
C LYS A 64 7.42 15.31 -7.70
N LYS A 65 7.07 15.62 -6.45
CA LYS A 65 7.09 17.00 -5.96
C LYS A 65 7.49 17.03 -4.48
N ASN A 66 8.46 17.89 -4.16
CA ASN A 66 8.95 18.02 -2.77
C ASN A 66 9.08 19.52 -2.38
N ILE A 67 10.23 20.14 -2.72
CA ILE A 67 10.47 21.56 -2.40
C ILE A 67 10.44 21.79 -0.89
N GLY A 1 -24.56 0.96 9.70
CA GLY A 1 -24.77 -0.06 10.77
C GLY A 1 -24.26 -1.41 10.29
N SER A 2 -22.93 -1.50 10.09
CA SER A 2 -22.29 -2.74 9.63
C SER A 2 -21.17 -3.14 10.58
N HIS A 3 -21.19 -4.41 11.00
CA HIS A 3 -20.16 -4.95 11.92
C HIS A 3 -19.51 -6.23 11.36
N MET A 4 -19.64 -6.44 10.03
CA MET A 4 -19.06 -7.61 9.38
C MET A 4 -18.24 -7.20 8.16
N ALA A 5 -17.19 -7.97 7.87
CA ALA A 5 -16.31 -7.69 6.72
C ALA A 5 -15.68 -8.97 6.19
N ARG A 6 -15.25 -8.93 4.93
CA ARG A 6 -14.61 -10.08 4.28
C ARG A 6 -13.19 -9.73 3.83
N ARG A 7 -12.32 -10.73 3.85
CA ARG A 7 -10.91 -10.54 3.47
C ARG A 7 -10.60 -11.29 2.17
N LYS A 8 -9.85 -10.64 1.28
CA LYS A 8 -9.48 -11.24 0.00
C LYS A 8 -8.03 -10.91 -0.34
N ARG A 9 -7.26 -11.93 -0.72
CA ARG A 9 -5.86 -11.75 -1.09
C ARG A 9 -5.70 -11.75 -2.60
N ARG A 10 -5.64 -10.53 -3.17
CA ARG A 10 -5.44 -10.28 -4.62
C ARG A 10 -5.92 -8.87 -5.01
N ASN A 11 -5.75 -7.92 -4.07
CA ASN A 11 -6.19 -6.53 -4.30
C ASN A 11 -7.69 -6.50 -4.65
N PHE A 12 -8.16 -5.43 -5.31
CA PHE A 12 -9.57 -5.32 -5.70
C PHE A 12 -10.49 -5.43 -4.46
N SER A 13 -10.10 -4.74 -3.39
CA SER A 13 -10.87 -4.76 -2.15
C SER A 13 -10.80 -3.40 -1.44
N LYS A 14 -11.67 -3.21 -0.44
CA LYS A 14 -11.71 -1.95 0.31
C LYS A 14 -10.37 -1.72 0.99
N GLN A 15 -9.80 -2.78 1.57
CA GLN A 15 -8.48 -2.69 2.21
C GLN A 15 -7.43 -2.34 1.15
N ALA A 16 -7.58 -2.89 -0.06
CA ALA A 16 -6.69 -2.58 -1.17
C ALA A 16 -6.76 -1.09 -1.53
N SER A 17 -7.98 -0.54 -1.48
CA SER A 17 -8.18 0.87 -1.79
C SER A 17 -7.41 1.76 -0.81
N GLU A 18 -7.43 1.36 0.48
CA GLU A 18 -6.79 2.15 1.54
C GLU A 18 -5.29 1.90 1.67
N ILE A 19 -4.84 0.65 1.44
CA ILE A 19 -3.40 0.36 1.52
C ILE A 19 -2.65 1.28 0.50
N LEU A 20 -3.24 1.40 -0.69
CA LEU A 20 -2.66 2.21 -1.77
C LEU A 20 -2.74 3.72 -1.44
N ASN A 21 -3.97 4.27 -1.28
CA ASN A 21 -4.13 5.70 -1.05
C ASN A 21 -3.50 6.17 0.25
N GLU A 22 -3.57 5.34 1.30
CA GLU A 22 -2.97 5.70 2.57
C GLU A 22 -1.48 5.90 2.43
N TYR A 23 -0.82 5.05 1.62
CA TYR A 23 0.61 5.20 1.41
C TYR A 23 0.90 6.55 0.76
N PHE A 24 0.02 6.95 -0.19
CA PHE A 24 0.20 8.22 -0.89
C PHE A 24 0.24 9.41 0.10
N TYR A 25 -0.73 9.45 1.00
CA TYR A 25 -0.82 10.53 2.00
C TYR A 25 0.24 10.39 3.10
N SER A 26 0.60 9.14 3.42
CA SER A 26 1.53 8.87 4.54
C SER A 26 2.99 8.72 4.12
N HIS A 27 3.28 8.78 2.80
CA HIS A 27 4.68 8.62 2.31
C HIS A 27 5.22 9.85 1.58
N LEU A 28 4.36 10.85 1.37
CA LEU A 28 4.80 12.09 0.73
C LEU A 28 5.86 12.78 1.61
N SER A 29 5.64 12.76 2.93
CA SER A 29 6.60 13.34 3.89
C SER A 29 7.94 12.60 3.89
N ASN A 30 7.87 11.25 3.88
CA ASN A 30 9.08 10.40 3.90
C ASN A 30 9.07 9.42 2.69
N PRO A 31 9.49 9.87 1.49
CA PRO A 31 9.43 9.05 0.22
C PRO A 31 10.20 7.71 0.28
N TYR A 32 11.36 7.68 0.97
CA TYR A 32 12.21 6.47 0.98
C TYR A 32 11.44 5.21 1.51
N PRO A 33 11.15 4.19 0.64
CA PRO A 33 10.42 2.93 1.05
C PRO A 33 11.36 1.92 1.70
N SER A 34 10.77 1.03 2.49
CA SER A 34 11.54 -0.01 3.19
C SER A 34 10.70 -1.28 3.39
N GLU A 35 11.38 -2.39 3.66
CA GLU A 35 10.71 -3.68 3.88
C GLU A 35 9.73 -3.53 5.04
N GLU A 36 10.12 -2.77 6.07
CA GLU A 36 9.25 -2.52 7.22
C GLU A 36 7.97 -1.79 6.75
N ALA A 37 8.14 -0.75 5.91
CA ALA A 37 7.00 0.01 5.40
C ALA A 37 6.10 -0.87 4.53
N LYS A 38 6.72 -1.65 3.64
CA LYS A 38 5.98 -2.56 2.76
C LYS A 38 5.24 -3.61 3.60
N GLU A 39 5.93 -4.10 4.62
CA GLU A 39 5.41 -5.13 5.51
C GLU A 39 4.22 -4.61 6.32
N GLU A 40 4.32 -3.37 6.83
CA GLU A 40 3.25 -2.79 7.64
C GLU A 40 1.97 -2.68 6.82
N LEU A 41 2.07 -2.13 5.61
CA LEU A 41 0.93 -1.99 4.71
C LEU A 41 0.45 -3.37 4.25
N ALA A 42 1.40 -4.27 4.01
CA ALA A 42 1.11 -5.63 3.60
C ALA A 42 0.24 -6.31 4.67
N ARG A 43 0.56 -6.04 5.93
CA ARG A 43 -0.17 -6.58 7.07
C ARG A 43 -1.58 -5.95 7.22
N LYS A 44 -1.70 -4.64 6.97
CA LYS A 44 -3.01 -3.94 7.13
C LYS A 44 -4.04 -4.53 6.21
N CYS A 45 -3.61 -4.76 4.99
CA CYS A 45 -4.48 -5.24 3.93
C CYS A 45 -4.42 -6.75 3.75
N GLY A 46 -3.34 -7.36 4.26
CA GLY A 46 -3.11 -8.78 4.08
C GLY A 46 -2.48 -9.07 2.71
N ILE A 47 -1.82 -8.04 2.13
CA ILE A 47 -1.18 -8.17 0.83
C ILE A 47 0.33 -8.37 1.02
N THR A 48 1.00 -8.87 -0.01
CA THR A 48 2.44 -9.18 0.02
C THR A 48 3.27 -7.92 -0.25
N VAL A 49 4.38 -7.78 0.49
CA VAL A 49 5.25 -6.61 0.36
C VAL A 49 5.60 -6.30 -1.11
N SER A 50 5.60 -7.33 -1.97
CA SER A 50 5.91 -7.15 -3.41
C SER A 50 4.87 -6.25 -4.09
N GLN A 51 3.58 -6.57 -3.86
CA GLN A 51 2.48 -5.77 -4.42
C GLN A 51 2.43 -4.40 -3.76
N VAL A 52 2.68 -4.39 -2.45
CA VAL A 52 2.70 -3.16 -1.68
C VAL A 52 3.81 -2.26 -2.26
N SER A 53 4.95 -2.90 -2.58
CA SER A 53 6.07 -2.21 -3.18
C SER A 53 5.67 -1.60 -4.53
N ASN A 54 4.80 -2.31 -5.28
CA ASN A 54 4.38 -1.81 -6.60
C ASN A 54 3.75 -0.44 -6.46
N TRP A 55 2.88 -0.28 -5.43
CA TRP A 55 2.30 1.03 -5.14
C TRP A 55 3.40 2.01 -4.72
N PHE A 56 4.35 1.52 -3.92
CA PHE A 56 5.39 2.40 -3.38
C PHE A 56 6.14 3.12 -4.50
N GLY A 57 6.61 2.36 -5.48
CA GLY A 57 7.32 2.95 -6.63
C GLY A 57 6.42 3.88 -7.46
N ASN A 58 5.20 3.41 -7.77
CA ASN A 58 4.24 4.19 -8.58
C ASN A 58 3.86 5.47 -7.85
N LYS A 59 3.59 5.34 -6.58
CA LYS A 59 3.20 6.45 -5.72
C LYS A 59 4.29 7.53 -5.70
N ARG A 60 5.55 7.10 -5.66
CA ARG A 60 6.68 8.02 -5.64
C ARG A 60 6.68 8.90 -6.88
N ILE A 61 6.41 8.29 -8.05
CA ILE A 61 6.35 9.07 -9.32
C ILE A 61 4.98 9.78 -9.45
N ARG A 62 3.97 9.19 -8.83
CA ARG A 62 2.60 9.70 -8.86
C ARG A 62 2.50 11.09 -8.23
N TYR A 63 3.20 11.28 -7.11
CA TYR A 63 3.16 12.55 -6.36
C TYR A 63 3.65 13.70 -7.24
N LYS A 64 4.80 13.51 -7.89
CA LYS A 64 5.40 14.54 -8.76
C LYS A 64 5.58 15.85 -8.01
N LYS A 65 6.84 16.15 -7.65
CA LYS A 65 7.17 17.38 -6.92
C LYS A 65 6.77 18.60 -7.75
N ASN A 66 6.06 19.54 -7.10
CA ASN A 66 5.61 20.77 -7.77
C ASN A 66 6.06 22.04 -7.01
N ILE A 67 6.40 21.89 -5.72
CA ILE A 67 6.87 23.01 -4.90
C ILE A 67 7.85 22.54 -3.82
N GLY A 1 -21.53 -5.98 14.07
CA GLY A 1 -21.75 -7.45 14.18
C GLY A 1 -20.82 -8.16 13.20
N SER A 2 -20.89 -9.50 13.21
CA SER A 2 -20.04 -10.32 12.32
C SER A 2 -18.57 -9.95 12.47
N HIS A 3 -17.88 -10.67 13.37
CA HIS A 3 -16.45 -10.42 13.64
C HIS A 3 -15.63 -11.69 13.46
N MET A 4 -14.43 -11.52 12.89
CA MET A 4 -13.51 -12.65 12.66
C MET A 4 -12.13 -12.34 13.21
N ALA A 5 -11.44 -13.37 13.72
CA ALA A 5 -10.10 -13.20 14.27
C ALA A 5 -9.12 -12.69 13.21
N ARG A 6 -9.22 -13.27 12.01
CA ARG A 6 -8.35 -12.88 10.90
C ARG A 6 -9.15 -12.74 9.60
N ARG A 7 -8.85 -11.69 8.83
CA ARG A 7 -9.55 -11.44 7.57
C ARG A 7 -8.76 -12.03 6.39
N LYS A 8 -7.56 -11.47 6.15
CA LYS A 8 -6.67 -11.96 5.09
C LYS A 8 -7.34 -11.90 3.68
N ARG A 9 -6.68 -11.20 2.74
CA ARG A 9 -7.19 -11.08 1.37
C ARG A 9 -6.14 -10.51 0.41
N ARG A 10 -6.43 -10.58 -0.89
CA ARG A 10 -5.53 -10.08 -1.93
C ARG A 10 -5.85 -8.62 -2.28
N ASN A 11 -5.15 -8.09 -3.30
CA ASN A 11 -5.31 -6.71 -3.75
C ASN A 11 -6.56 -6.54 -4.64
N PHE A 12 -7.75 -6.71 -4.04
CA PHE A 12 -9.02 -6.55 -4.76
C PHE A 12 -10.18 -6.14 -3.83
N SER A 13 -9.86 -5.52 -2.69
CA SER A 13 -10.88 -5.11 -1.71
C SER A 13 -10.72 -3.65 -1.27
N LYS A 14 -11.74 -3.12 -0.58
CA LYS A 14 -11.73 -1.73 -0.12
C LYS A 14 -10.50 -1.42 0.72
N GLN A 15 -10.05 -2.40 1.53
CA GLN A 15 -8.81 -2.24 2.31
C GLN A 15 -7.64 -2.09 1.36
N ALA A 16 -7.66 -2.88 0.29
CA ALA A 16 -6.61 -2.83 -0.73
C ALA A 16 -6.55 -1.44 -1.34
N SER A 17 -7.72 -0.85 -1.59
CA SER A 17 -7.79 0.51 -2.10
C SER A 17 -7.10 1.47 -1.13
N GLU A 18 -7.31 1.22 0.17
CA GLU A 18 -6.70 2.03 1.21
C GLU A 18 -5.21 1.77 1.34
N ILE A 19 -4.74 0.51 1.10
CA ILE A 19 -3.28 0.24 1.20
C ILE A 19 -2.55 1.23 0.27
N LEU A 20 -3.15 1.41 -0.93
CA LEU A 20 -2.61 2.30 -1.94
C LEU A 20 -2.79 3.78 -1.51
N ASN A 21 -4.05 4.18 -1.29
CA ASN A 21 -4.39 5.56 -0.93
C ASN A 21 -3.68 6.01 0.36
N GLU A 22 -3.79 5.20 1.40
CA GLU A 22 -3.20 5.54 2.69
C GLU A 22 -1.72 5.74 2.53
N TYR A 23 -1.08 4.89 1.70
CA TYR A 23 0.35 5.06 1.44
C TYR A 23 0.59 6.39 0.74
N PHE A 24 -0.34 6.78 -0.16
CA PHE A 24 -0.19 8.03 -0.89
C PHE A 24 -0.09 9.20 0.10
N TYR A 25 -0.98 9.22 1.11
CA TYR A 25 -0.99 10.32 2.08
C TYR A 25 -0.04 10.07 3.29
N SER A 26 0.39 8.81 3.48
CA SER A 26 1.26 8.47 4.64
C SER A 26 2.75 8.39 4.30
N HIS A 27 3.08 8.32 3.01
CA HIS A 27 4.49 8.24 2.57
C HIS A 27 5.03 9.63 2.16
N LEU A 28 4.16 10.66 2.21
CA LEU A 28 4.55 12.03 1.86
C LEU A 28 5.67 12.51 2.79
N SER A 29 5.54 12.17 4.07
CA SER A 29 6.51 12.57 5.09
C SER A 29 7.89 12.00 4.80
N ASN A 30 7.93 10.75 4.35
CA ASN A 30 9.19 10.07 4.04
C ASN A 30 9.22 9.59 2.57
N PRO A 31 10.02 10.21 1.67
CA PRO A 31 10.08 9.79 0.21
C PRO A 31 10.57 8.34 -0.01
N TYR A 32 11.48 7.86 0.84
CA TYR A 32 12.13 6.55 0.64
C TYR A 32 11.33 5.34 1.23
N PRO A 33 10.93 4.33 0.39
CA PRO A 33 10.23 3.10 0.87
C PRO A 33 11.21 2.07 1.42
N SER A 34 10.70 1.20 2.29
CA SER A 34 11.50 0.14 2.89
C SER A 34 10.68 -1.13 3.09
N GLU A 35 11.37 -2.25 3.29
CA GLU A 35 10.70 -3.53 3.53
C GLU A 35 9.79 -3.43 4.75
N GLU A 36 10.26 -2.68 5.78
CA GLU A 36 9.45 -2.49 6.98
C GLU A 36 8.15 -1.75 6.62
N ALA A 37 8.27 -0.71 5.77
CA ALA A 37 7.08 0.05 5.34
C ALA A 37 6.14 -0.82 4.52
N LYS A 38 6.73 -1.59 3.59
CA LYS A 38 5.96 -2.49 2.73
C LYS A 38 5.26 -3.55 3.57
N GLU A 39 5.98 -4.06 4.56
CA GLU A 39 5.50 -5.12 5.43
C GLU A 39 4.35 -4.63 6.33
N GLU A 40 4.47 -3.39 6.84
CA GLU A 40 3.43 -2.82 7.72
C GLU A 40 2.10 -2.70 6.96
N LEU A 41 2.16 -2.16 5.75
CA LEU A 41 0.97 -2.03 4.91
C LEU A 41 0.46 -3.40 4.48
N ALA A 42 1.40 -4.29 4.16
CA ALA A 42 1.10 -5.64 3.73
C ALA A 42 0.31 -6.38 4.82
N ARG A 43 0.72 -6.18 6.07
CA ARG A 43 0.09 -6.84 7.22
C ARG A 43 -1.32 -6.31 7.53
N LYS A 44 -1.52 -4.98 7.47
CA LYS A 44 -2.83 -4.39 7.82
C LYS A 44 -3.90 -4.69 6.78
N CYS A 45 -3.48 -4.74 5.51
CA CYS A 45 -4.39 -5.01 4.40
C CYS A 45 -4.41 -6.49 4.00
N GLY A 46 -3.40 -7.24 4.43
CA GLY A 46 -3.29 -8.67 4.10
C GLY A 46 -2.70 -8.88 2.71
N ILE A 47 -1.97 -7.87 2.21
CA ILE A 47 -1.34 -7.93 0.90
C ILE A 47 0.17 -8.19 1.07
N THR A 48 0.81 -8.64 0.00
CA THR A 48 2.24 -9.00 0.04
C THR A 48 3.13 -7.78 -0.23
N VAL A 49 4.27 -7.70 0.49
CA VAL A 49 5.20 -6.57 0.35
C VAL A 49 5.52 -6.26 -1.12
N SER A 50 5.48 -7.29 -1.98
CA SER A 50 5.76 -7.11 -3.42
C SER A 50 4.72 -6.20 -4.07
N GLN A 51 3.44 -6.51 -3.81
CA GLN A 51 2.34 -5.70 -4.35
C GLN A 51 2.30 -4.33 -3.69
N VAL A 52 2.54 -4.34 -2.38
CA VAL A 52 2.57 -3.13 -1.60
C VAL A 52 3.66 -2.21 -2.17
N SER A 53 4.84 -2.80 -2.40
CA SER A 53 5.97 -2.08 -2.95
C SER A 53 5.68 -1.57 -4.36
N ASN A 54 4.79 -2.28 -5.12
CA ASN A 54 4.45 -1.82 -6.48
C ASN A 54 3.84 -0.43 -6.40
N TRP A 55 2.94 -0.25 -5.42
CA TRP A 55 2.33 1.06 -5.17
C TRP A 55 3.39 2.06 -4.73
N PHE A 56 4.32 1.64 -3.88
CA PHE A 56 5.31 2.55 -3.30
C PHE A 56 6.07 3.28 -4.41
N GLY A 57 6.56 2.52 -5.37
CA GLY A 57 7.24 3.09 -6.53
C GLY A 57 6.28 3.94 -7.35
N ASN A 58 5.04 3.45 -7.49
CA ASN A 58 4.02 4.13 -8.31
C ASN A 58 3.65 5.51 -7.75
N LYS A 59 3.34 5.58 -6.43
CA LYS A 59 2.93 6.84 -5.81
C LYS A 59 4.07 7.88 -5.86
N ARG A 60 5.31 7.39 -5.77
CA ARG A 60 6.48 8.25 -5.80
C ARG A 60 6.72 8.86 -7.18
N ILE A 61 6.41 8.09 -8.24
CA ILE A 61 6.64 8.58 -9.60
C ILE A 61 5.50 9.48 -10.08
N ARG A 62 4.27 9.22 -9.61
CA ARG A 62 3.12 10.02 -10.01
C ARG A 62 3.20 11.43 -9.41
N TYR A 63 3.73 11.52 -8.17
CA TYR A 63 3.85 12.80 -7.48
C TYR A 63 4.73 13.77 -8.30
N LYS A 64 5.90 13.26 -8.72
CA LYS A 64 6.85 14.06 -9.51
C LYS A 64 6.26 14.46 -10.86
N LYS A 65 5.53 13.53 -11.48
CA LYS A 65 4.92 13.78 -12.81
C LYS A 65 3.59 14.51 -12.67
N ASN A 66 3.33 15.42 -13.61
CA ASN A 66 2.07 16.19 -13.62
C ASN A 66 0.88 15.29 -13.93
N ILE A 67 1.08 14.37 -14.89
CA ILE A 67 0.03 13.43 -15.29
C ILE A 67 0.56 11.99 -15.24
N GLY A 1 -20.98 -12.77 -26.09
CA GLY A 1 -20.89 -11.63 -25.13
C GLY A 1 -19.59 -11.72 -24.34
N SER A 2 -19.65 -12.35 -23.16
CA SER A 2 -18.47 -12.51 -22.30
C SER A 2 -17.87 -11.16 -21.97
N HIS A 3 -18.16 -10.65 -20.77
CA HIS A 3 -17.65 -9.35 -20.32
C HIS A 3 -16.99 -9.46 -18.95
N MET A 4 -16.05 -8.55 -18.67
CA MET A 4 -15.33 -8.55 -17.40
C MET A 4 -16.23 -8.10 -16.26
N ALA A 5 -15.96 -8.63 -15.06
CA ALA A 5 -16.75 -8.31 -13.86
C ALA A 5 -15.87 -8.27 -12.62
N ARG A 6 -16.38 -7.63 -11.56
CA ARG A 6 -15.64 -7.50 -10.30
C ARG A 6 -15.37 -8.87 -9.69
N ARG A 7 -14.16 -9.04 -9.15
CA ARG A 7 -13.77 -10.30 -8.49
C ARG A 7 -13.71 -10.14 -6.97
N LYS A 8 -13.38 -8.92 -6.50
CA LYS A 8 -13.32 -8.64 -5.06
C LYS A 8 -12.39 -9.61 -4.31
N ARG A 9 -11.47 -10.26 -5.05
CA ARG A 9 -10.54 -11.21 -4.45
C ARG A 9 -9.13 -11.05 -5.02
N ARG A 10 -9.04 -10.78 -6.33
CA ARG A 10 -7.73 -10.64 -7.00
C ARG A 10 -7.30 -9.17 -7.08
N ASN A 11 -6.49 -8.75 -6.10
CA ASN A 11 -5.97 -7.38 -6.05
C ASN A 11 -7.11 -6.35 -6.17
N PHE A 12 -8.24 -6.64 -5.50
CA PHE A 12 -9.39 -5.74 -5.52
C PHE A 12 -10.20 -5.90 -4.23
N SER A 13 -10.07 -4.92 -3.34
CA SER A 13 -10.79 -4.91 -2.06
C SER A 13 -10.81 -3.52 -1.46
N LYS A 14 -11.70 -3.30 -0.48
CA LYS A 14 -11.80 -1.99 0.18
C LYS A 14 -10.49 -1.66 0.86
N GLN A 15 -9.92 -2.64 1.58
CA GLN A 15 -8.63 -2.44 2.24
C GLN A 15 -7.55 -2.22 1.19
N ALA A 16 -7.64 -2.96 0.07
CA ALA A 16 -6.69 -2.81 -1.02
C ALA A 16 -6.73 -1.39 -1.57
N SER A 17 -7.93 -0.83 -1.67
CA SER A 17 -8.08 0.56 -2.11
C SER A 17 -7.34 1.48 -1.14
N GLU A 18 -7.42 1.16 0.16
CA GLU A 18 -6.77 1.96 1.19
C GLU A 18 -5.27 1.71 1.28
N ILE A 19 -4.79 0.48 0.96
CA ILE A 19 -3.34 0.23 1.04
C ILE A 19 -2.61 1.17 0.08
N LEU A 20 -3.23 1.39 -1.07
CA LEU A 20 -2.69 2.27 -2.10
C LEU A 20 -2.77 3.74 -1.61
N ASN A 21 -3.99 4.19 -1.34
CA ASN A 21 -4.26 5.56 -0.90
C ASN A 21 -3.51 5.91 0.39
N GLU A 22 -3.58 5.02 1.37
CA GLU A 22 -2.95 5.26 2.66
C GLU A 22 -1.48 5.49 2.50
N TYR A 23 -0.83 4.75 1.56
CA TYR A 23 0.58 4.99 1.30
C TYR A 23 0.76 6.38 0.70
N PHE A 24 -0.19 6.80 -0.16
CA PHE A 24 -0.08 8.10 -0.80
C PHE A 24 0.00 9.20 0.26
N TYR A 25 -0.92 9.16 1.24
CA TYR A 25 -0.95 10.19 2.30
C TYR A 25 0.06 9.91 3.43
N SER A 26 0.45 8.64 3.59
CA SER A 26 1.35 8.23 4.69
C SER A 26 2.84 8.27 4.30
N HIS A 27 3.12 8.34 2.98
CA HIS A 27 4.51 8.41 2.50
C HIS A 27 4.97 9.86 2.27
N LEU A 28 4.04 10.83 2.50
CA LEU A 28 4.35 12.25 2.32
C LEU A 28 5.44 12.66 3.32
N SER A 29 5.34 12.15 4.55
CA SER A 29 6.29 12.46 5.63
C SER A 29 7.70 11.97 5.30
N ASN A 30 7.78 10.76 4.72
CA ASN A 30 9.07 10.15 4.37
C ASN A 30 9.11 9.83 2.86
N PRO A 31 9.99 10.50 2.05
CA PRO A 31 10.02 10.28 0.56
C PRO A 31 10.59 8.91 0.10
N TYR A 32 11.30 8.18 0.98
CA TYR A 32 11.92 6.88 0.58
C TYR A 32 11.16 5.62 1.10
N PRO A 33 10.72 4.68 0.20
CA PRO A 33 10.03 3.39 0.61
C PRO A 33 11.04 2.40 1.19
N SER A 34 10.53 1.52 2.04
CA SER A 34 11.35 0.49 2.67
C SER A 34 10.56 -0.82 2.81
N GLU A 35 11.28 -1.93 3.00
CA GLU A 35 10.66 -3.23 3.21
C GLU A 35 9.78 -3.18 4.46
N GLU A 36 10.26 -2.46 5.48
CA GLU A 36 9.49 -2.28 6.71
C GLU A 36 8.20 -1.53 6.41
N ALA A 37 8.28 -0.48 5.56
CA ALA A 37 7.10 0.30 5.20
C ALA A 37 6.09 -0.58 4.44
N LYS A 38 6.60 -1.33 3.47
CA LYS A 38 5.74 -2.24 2.68
C LYS A 38 5.13 -3.31 3.57
N GLU A 39 5.95 -3.80 4.49
CA GLU A 39 5.58 -4.86 5.41
C GLU A 39 4.45 -4.41 6.33
N GLU A 40 4.52 -3.16 6.81
CA GLU A 40 3.47 -2.59 7.69
C GLU A 40 2.13 -2.52 6.94
N LEU A 41 2.18 -2.04 5.69
CA LEU A 41 0.97 -1.94 4.87
C LEU A 41 0.47 -3.32 4.46
N ALA A 42 1.41 -4.20 4.15
CA ALA A 42 1.10 -5.56 3.75
C ALA A 42 0.33 -6.27 4.86
N ARG A 43 0.75 -6.03 6.10
CA ARG A 43 0.13 -6.65 7.28
C ARG A 43 -1.26 -6.09 7.60
N LYS A 44 -1.44 -4.75 7.53
CA LYS A 44 -2.73 -4.14 7.90
C LYS A 44 -3.85 -4.44 6.90
N CYS A 45 -3.47 -4.59 5.63
CA CYS A 45 -4.44 -4.91 4.57
C CYS A 45 -4.49 -6.42 4.27
N GLY A 46 -3.43 -7.14 4.67
CA GLY A 46 -3.32 -8.58 4.42
C GLY A 46 -2.76 -8.88 3.02
N ILE A 47 -2.02 -7.91 2.45
CA ILE A 47 -1.41 -8.05 1.13
C ILE A 47 0.11 -8.29 1.29
N THR A 48 0.76 -8.78 0.24
CA THR A 48 2.19 -9.09 0.26
C THR A 48 3.02 -7.84 -0.11
N VAL A 49 4.16 -7.66 0.56
CA VAL A 49 5.03 -6.50 0.32
C VAL A 49 5.31 -6.28 -1.18
N SER A 50 5.29 -7.36 -1.96
CA SER A 50 5.54 -7.28 -3.42
C SER A 50 4.49 -6.40 -4.13
N GLN A 51 3.20 -6.67 -3.84
CA GLN A 51 2.11 -5.87 -4.43
C GLN A 51 2.16 -4.44 -3.86
N VAL A 52 2.46 -4.37 -2.57
CA VAL A 52 2.60 -3.11 -1.87
C VAL A 52 3.73 -2.31 -2.55
N SER A 53 4.79 -3.02 -2.95
CA SER A 53 5.94 -2.43 -3.60
C SER A 53 5.53 -1.76 -4.90
N ASN A 54 4.61 -2.42 -5.65
CA ASN A 54 4.16 -1.88 -6.94
C ASN A 54 3.57 -0.50 -6.76
N TRP A 55 2.72 -0.34 -5.72
CA TRP A 55 2.18 0.99 -5.39
C TRP A 55 3.30 1.92 -4.96
N PHE A 56 4.23 1.41 -4.16
CA PHE A 56 5.30 2.23 -3.61
C PHE A 56 6.11 2.87 -4.73
N GLY A 57 6.47 2.08 -5.74
CA GLY A 57 7.20 2.59 -6.89
C GLY A 57 6.37 3.60 -7.69
N ASN A 58 5.09 3.24 -7.94
CA ASN A 58 4.20 4.11 -8.72
C ASN A 58 3.93 5.42 -8.01
N LYS A 59 3.59 5.34 -6.73
CA LYS A 59 3.28 6.50 -5.92
C LYS A 59 4.46 7.48 -5.85
N ARG A 60 5.68 6.93 -5.73
CA ARG A 60 6.89 7.77 -5.69
C ARG A 60 7.03 8.57 -6.97
N ILE A 61 6.78 7.93 -8.13
CA ILE A 61 6.87 8.63 -9.43
C ILE A 61 5.58 9.47 -9.69
N ARG A 62 4.49 9.05 -9.06
CA ARG A 62 3.20 9.71 -9.20
C ARG A 62 3.30 11.16 -8.72
N TYR A 63 3.93 11.33 -7.55
CA TYR A 63 4.19 12.67 -7.02
C TYR A 63 5.27 13.36 -7.85
N LYS A 64 6.28 12.57 -8.22
CA LYS A 64 7.43 13.06 -8.97
C LYS A 64 7.17 13.01 -10.49
N LYS A 65 5.93 13.33 -10.88
CA LYS A 65 5.55 13.31 -12.30
C LYS A 65 6.41 14.29 -13.11
N ASN A 66 6.61 13.97 -14.39
CA ASN A 66 7.42 14.81 -15.27
C ASN A 66 7.01 14.64 -16.73
N ILE A 67 7.52 15.52 -17.59
CA ILE A 67 7.20 15.48 -19.02
C ILE A 67 8.50 15.53 -19.85
N GLY A 1 -25.13 -2.49 9.96
CA GLY A 1 -24.95 -1.05 10.31
C GLY A 1 -23.46 -0.70 10.31
N SER A 2 -22.82 -0.97 11.44
CA SER A 2 -21.37 -0.70 11.59
C SER A 2 -20.55 -1.56 10.63
N HIS A 3 -21.00 -2.80 10.41
CA HIS A 3 -20.30 -3.73 9.51
C HIS A 3 -18.87 -3.97 9.98
N MET A 4 -18.63 -5.16 10.56
CA MET A 4 -17.30 -5.54 11.02
C MET A 4 -16.37 -5.71 9.82
N ALA A 5 -15.06 -5.63 10.08
CA ALA A 5 -14.04 -5.70 9.01
C ALA A 5 -14.26 -6.93 8.12
N ARG A 6 -14.06 -6.73 6.81
CA ARG A 6 -14.22 -7.79 5.81
C ARG A 6 -13.00 -7.88 4.91
N ARG A 7 -12.73 -9.07 4.39
CA ARG A 7 -11.57 -9.31 3.53
C ARG A 7 -11.99 -9.93 2.20
N LYS A 8 -11.44 -9.40 1.10
CA LYS A 8 -11.80 -9.87 -0.24
C LYS A 8 -10.57 -9.95 -1.15
N ARG A 9 -10.68 -10.76 -2.21
CA ARG A 9 -9.57 -11.00 -3.16
C ARG A 9 -8.75 -9.72 -3.43
N ARG A 10 -7.45 -9.92 -3.68
CA ARG A 10 -6.51 -8.83 -3.92
C ARG A 10 -6.80 -8.11 -5.24
N ASN A 11 -6.43 -6.82 -5.29
CA ASN A 11 -6.64 -5.98 -6.47
C ASN A 11 -8.12 -5.95 -6.88
N PHE A 12 -9.00 -5.94 -5.86
CA PHE A 12 -10.46 -5.89 -6.07
C PHE A 12 -11.19 -5.93 -4.72
N SER A 13 -10.68 -5.13 -3.77
CA SER A 13 -11.26 -5.09 -2.41
C SER A 13 -11.10 -3.71 -1.78
N LYS A 14 -11.89 -3.45 -0.73
CA LYS A 14 -11.85 -2.16 -0.03
C LYS A 14 -10.49 -1.93 0.63
N GLN A 15 -9.92 -3.00 1.22
CA GLN A 15 -8.61 -2.88 1.87
C GLN A 15 -7.55 -2.46 0.84
N ALA A 16 -7.66 -3.01 -0.37
CA ALA A 16 -6.75 -2.67 -1.46
C ALA A 16 -6.84 -1.18 -1.80
N SER A 17 -8.06 -0.64 -1.79
CA SER A 17 -8.25 0.77 -2.10
C SER A 17 -7.51 1.64 -1.09
N GLU A 18 -7.56 1.24 0.18
CA GLU A 18 -6.91 2.00 1.26
C GLU A 18 -5.43 1.77 1.38
N ILE A 19 -4.94 0.53 1.20
CA ILE A 19 -3.49 0.27 1.29
C ILE A 19 -2.74 1.19 0.30
N LEU A 20 -3.32 1.33 -0.90
CA LEU A 20 -2.73 2.14 -1.96
C LEU A 20 -2.80 3.65 -1.60
N ASN A 21 -4.03 4.19 -1.41
CA ASN A 21 -4.18 5.62 -1.14
C ASN A 21 -3.59 6.05 0.19
N GLU A 22 -3.73 5.20 1.22
CA GLU A 22 -3.18 5.54 2.54
C GLU A 22 -1.67 5.74 2.43
N TYR A 23 -1.02 4.90 1.58
CA TYR A 23 0.42 5.02 1.37
C TYR A 23 0.75 6.36 0.73
N PHE A 24 -0.10 6.79 -0.22
CA PHE A 24 0.16 8.04 -0.94
C PHE A 24 0.24 9.22 0.04
N TYR A 25 -0.75 9.33 0.93
CA TYR A 25 -0.78 10.42 1.90
C TYR A 25 0.29 10.26 2.98
N SER A 26 0.50 9.02 3.42
CA SER A 26 1.44 8.71 4.51
C SER A 26 2.92 8.87 4.12
N HIS A 27 3.28 8.36 2.94
CA HIS A 27 4.68 8.30 2.52
C HIS A 27 5.21 9.63 2.00
N LEU A 28 4.31 10.52 1.53
CA LEU A 28 4.76 11.82 1.01
C LEU A 28 5.65 12.53 2.02
N SER A 29 5.34 12.34 3.31
CA SER A 29 6.14 12.93 4.40
C SER A 29 7.54 12.30 4.44
N ASN A 30 7.60 11.00 4.16
CA ASN A 30 8.85 10.24 4.17
C ASN A 30 9.03 9.46 2.84
N PRO A 31 9.51 10.11 1.76
CA PRO A 31 9.62 9.47 0.41
C PRO A 31 10.39 8.13 0.40
N TYR A 32 11.45 8.03 1.21
CA TYR A 32 12.30 6.83 1.21
C TYR A 32 11.52 5.53 1.61
N PRO A 33 11.30 4.57 0.65
CA PRO A 33 10.59 3.27 0.94
C PRO A 33 11.51 2.24 1.57
N SER A 34 10.90 1.29 2.28
CA SER A 34 11.64 0.19 2.90
C SER A 34 10.77 -1.05 3.01
N GLU A 35 11.41 -2.22 3.13
CA GLU A 35 10.68 -3.47 3.31
C GLU A 35 9.83 -3.42 4.57
N GLU A 36 10.30 -2.65 5.58
CA GLU A 36 9.53 -2.47 6.81
C GLU A 36 8.24 -1.72 6.50
N ALA A 37 8.35 -0.67 5.65
CA ALA A 37 7.18 0.11 5.26
C ALA A 37 6.19 -0.74 4.48
N LYS A 38 6.71 -1.49 3.49
CA LYS A 38 5.86 -2.36 2.66
C LYS A 38 5.20 -3.43 3.52
N GLU A 39 5.99 -3.98 4.44
CA GLU A 39 5.55 -5.05 5.32
C GLU A 39 4.43 -4.56 6.24
N GLU A 40 4.56 -3.34 6.77
CA GLU A 40 3.55 -2.79 7.68
C GLU A 40 2.19 -2.66 6.98
N LEU A 41 2.19 -2.12 5.75
CA LEU A 41 0.95 -2.02 4.95
C LEU A 41 0.45 -3.41 4.55
N ALA A 42 1.40 -4.28 4.21
CA ALA A 42 1.11 -5.63 3.80
C ALA A 42 0.39 -6.38 4.93
N ARG A 43 0.85 -6.17 6.16
CA ARG A 43 0.28 -6.84 7.33
C ARG A 43 -1.12 -6.34 7.71
N LYS A 44 -1.34 -5.00 7.66
CA LYS A 44 -2.65 -4.43 8.04
C LYS A 44 -3.69 -4.70 6.97
N CYS A 45 -3.27 -4.52 5.73
CA CYS A 45 -4.11 -4.77 4.58
C CYS A 45 -4.36 -6.26 4.39
N GLY A 46 -3.32 -7.06 4.67
CA GLY A 46 -3.37 -8.50 4.44
C GLY A 46 -2.81 -8.85 3.05
N ILE A 47 -2.12 -7.88 2.41
CA ILE A 47 -1.49 -8.09 1.10
C ILE A 47 0.02 -8.25 1.30
N THR A 48 0.72 -8.77 0.30
CA THR A 48 2.17 -9.00 0.38
C THR A 48 2.95 -7.72 0.09
N VAL A 49 4.22 -7.71 0.51
CA VAL A 49 5.10 -6.55 0.28
C VAL A 49 5.33 -6.31 -1.22
N SER A 50 5.25 -7.36 -2.04
CA SER A 50 5.47 -7.26 -3.50
C SER A 50 4.41 -6.34 -4.16
N GLN A 51 3.14 -6.58 -3.83
CA GLN A 51 2.04 -5.75 -4.36
C GLN A 51 2.13 -4.34 -3.79
N VAL A 52 2.45 -4.29 -2.50
CA VAL A 52 2.64 -3.03 -1.82
C VAL A 52 3.79 -2.27 -2.50
N SER A 53 4.84 -3.02 -2.88
CA SER A 53 6.00 -2.46 -3.56
C SER A 53 5.58 -1.79 -4.86
N ASN A 54 4.64 -2.42 -5.58
CA ASN A 54 4.19 -1.90 -6.86
C ASN A 54 3.61 -0.50 -6.67
N TRP A 55 2.77 -0.33 -5.62
CA TRP A 55 2.25 1.00 -5.29
C TRP A 55 3.38 1.94 -4.85
N PHE A 56 4.29 1.41 -4.04
CA PHE A 56 5.37 2.22 -3.46
C PHE A 56 6.08 3.04 -4.54
N GLY A 57 6.63 2.34 -5.53
CA GLY A 57 7.32 2.99 -6.62
C GLY A 57 6.40 3.92 -7.40
N ASN A 58 5.16 3.47 -7.65
CA ASN A 58 4.21 4.26 -8.42
C ASN A 58 3.88 5.58 -7.74
N LYS A 59 3.56 5.55 -6.43
CA LYS A 59 3.18 6.76 -5.72
C LYS A 59 4.33 7.77 -5.66
N ARG A 60 5.59 7.27 -5.63
CA ARG A 60 6.75 8.15 -5.60
C ARG A 60 6.85 8.95 -6.89
N ILE A 61 6.57 8.28 -8.03
CA ILE A 61 6.58 8.97 -9.33
C ILE A 61 5.25 9.73 -9.57
N ARG A 62 4.20 9.26 -8.91
CA ARG A 62 2.86 9.83 -9.01
C ARG A 62 2.86 11.27 -8.53
N TYR A 63 3.54 11.53 -7.41
CA TYR A 63 3.61 12.87 -6.82
C TYR A 63 4.94 13.56 -7.20
N LYS A 64 6.05 12.84 -7.00
CA LYS A 64 7.40 13.38 -7.28
C LYS A 64 7.71 14.59 -6.40
N LYS A 65 8.94 14.62 -5.87
CA LYS A 65 9.40 15.72 -5.01
C LYS A 65 10.84 16.09 -5.34
N ASN A 66 11.10 17.40 -5.47
CA ASN A 66 12.44 17.90 -5.79
C ASN A 66 12.70 19.23 -5.10
N ILE A 67 13.95 19.43 -4.67
CA ILE A 67 14.35 20.66 -3.99
C ILE A 67 15.12 21.58 -4.95
N GLY A 1 -19.90 -8.64 13.91
CA GLY A 1 -21.20 -8.90 14.60
C GLY A 1 -21.27 -10.37 15.01
N SER A 2 -22.36 -11.03 14.63
CA SER A 2 -22.57 -12.45 14.94
C SER A 2 -21.57 -13.37 14.21
N HIS A 3 -20.98 -12.85 13.12
CA HIS A 3 -20.02 -13.62 12.32
C HIS A 3 -18.80 -12.76 11.98
N MET A 4 -17.61 -13.35 12.15
CA MET A 4 -16.36 -12.64 11.88
C MET A 4 -15.96 -12.73 10.41
N ALA A 5 -15.50 -11.62 9.86
CA ALA A 5 -15.06 -11.54 8.46
C ALA A 5 -13.86 -12.45 8.21
N ARG A 6 -12.95 -12.51 9.20
CA ARG A 6 -11.71 -13.28 9.10
C ARG A 6 -10.72 -12.63 8.12
N ARG A 7 -9.55 -13.26 7.95
CA ARG A 7 -8.49 -12.72 7.10
C ARG A 7 -8.45 -13.41 5.73
N LYS A 8 -8.19 -12.62 4.69
CA LYS A 8 -8.09 -13.12 3.32
C LYS A 8 -7.23 -12.18 2.45
N ARG A 9 -6.70 -12.71 1.34
CA ARG A 9 -5.86 -11.91 0.44
C ARG A 9 -6.53 -11.79 -0.93
N ARG A 10 -6.89 -10.55 -1.31
CA ARG A 10 -7.53 -10.28 -2.60
C ARG A 10 -7.05 -8.96 -3.19
N ASN A 11 -7.07 -8.86 -4.52
CA ASN A 11 -6.68 -7.64 -5.22
C ASN A 11 -7.92 -6.80 -5.55
N PHE A 12 -7.73 -5.47 -5.61
CA PHE A 12 -8.84 -4.53 -5.89
C PHE A 12 -9.93 -4.59 -4.80
N SER A 13 -9.57 -5.14 -3.63
CA SER A 13 -10.50 -5.23 -2.52
C SER A 13 -10.57 -3.91 -1.77
N LYS A 14 -11.51 -3.82 -0.80
CA LYS A 14 -11.66 -2.60 0.00
C LYS A 14 -10.34 -2.29 0.70
N GLN A 15 -9.70 -3.33 1.25
CA GLN A 15 -8.38 -3.17 1.87
C GLN A 15 -7.39 -2.69 0.81
N ALA A 16 -7.51 -3.22 -0.41
CA ALA A 16 -6.64 -2.84 -1.52
C ALA A 16 -6.78 -1.34 -1.86
N SER A 17 -8.01 -0.83 -1.83
CA SER A 17 -8.24 0.58 -2.13
C SER A 17 -7.57 1.48 -1.10
N GLU A 18 -7.60 1.05 0.17
CA GLU A 18 -7.04 1.85 1.27
C GLU A 18 -5.52 1.67 1.44
N ILE A 19 -5.01 0.44 1.24
CA ILE A 19 -3.57 0.22 1.36
C ILE A 19 -2.82 1.14 0.37
N LEU A 20 -3.39 1.26 -0.84
CA LEU A 20 -2.80 2.10 -1.89
C LEU A 20 -2.92 3.60 -1.54
N ASN A 21 -4.17 4.10 -1.38
CA ASN A 21 -4.37 5.54 -1.13
C ASN A 21 -3.78 6.00 0.20
N GLU A 22 -3.88 5.16 1.23
CA GLU A 22 -3.33 5.51 2.55
C GLU A 22 -1.83 5.70 2.45
N TYR A 23 -1.16 4.85 1.65
CA TYR A 23 0.28 4.97 1.46
C TYR A 23 0.62 6.29 0.82
N PHE A 24 -0.20 6.73 -0.15
CA PHE A 24 0.06 7.99 -0.84
C PHE A 24 0.07 9.18 0.15
N TYR A 25 -0.96 9.26 1.00
CA TYR A 25 -1.09 10.37 1.97
C TYR A 25 -0.11 10.26 3.14
N SER A 26 0.22 9.02 3.53
CA SER A 26 1.09 8.78 4.70
C SER A 26 2.55 8.58 4.32
N HIS A 27 2.82 8.43 3.02
CA HIS A 27 4.20 8.21 2.55
C HIS A 27 4.68 9.28 1.57
N LEU A 28 3.97 10.43 1.55
CA LEU A 28 4.39 11.57 0.72
C LEU A 28 5.60 12.29 1.34
N SER A 29 5.78 12.14 2.66
CA SER A 29 6.92 12.73 3.37
C SER A 29 8.03 11.69 3.62
N ASN A 30 7.92 10.50 3.00
CA ASN A 30 8.89 9.41 3.19
C ASN A 30 9.37 8.87 1.80
N PRO A 31 10.34 9.53 1.16
CA PRO A 31 10.80 9.17 -0.23
C PRO A 31 11.31 7.71 -0.41
N TYR A 32 12.02 7.18 0.59
CA TYR A 32 12.67 5.85 0.45
C TYR A 32 11.79 4.67 0.99
N PRO A 33 11.60 3.56 0.18
CA PRO A 33 10.84 2.35 0.63
C PRO A 33 11.70 1.43 1.47
N SER A 34 11.06 0.69 2.36
CA SER A 34 11.75 -0.28 3.18
C SER A 34 10.83 -1.44 3.51
N GLU A 35 11.42 -2.59 3.79
CA GLU A 35 10.63 -3.77 4.14
C GLU A 35 9.76 -3.49 5.36
N GLU A 36 10.24 -2.62 6.27
CA GLU A 36 9.48 -2.26 7.46
C GLU A 36 8.18 -1.55 7.10
N ALA A 37 8.25 -0.56 6.18
CA ALA A 37 7.06 0.19 5.77
C ALA A 37 6.11 -0.69 4.95
N LYS A 38 6.70 -1.45 4.02
CA LYS A 38 5.91 -2.30 3.14
C LYS A 38 5.23 -3.42 3.92
N GLU A 39 5.96 -3.97 4.89
CA GLU A 39 5.45 -5.04 5.72
C GLU A 39 4.25 -4.56 6.56
N GLU A 40 4.34 -3.33 7.09
CA GLU A 40 3.25 -2.78 7.91
C GLU A 40 1.95 -2.68 7.13
N LEU A 41 2.02 -2.15 5.90
CA LEU A 41 0.80 -2.06 5.05
C LEU A 41 0.39 -3.44 4.56
N ALA A 42 1.37 -4.27 4.25
CA ALA A 42 1.14 -5.62 3.76
C ALA A 42 0.34 -6.42 4.80
N ARG A 43 0.71 -6.24 6.08
CA ARG A 43 0.06 -6.96 7.18
C ARG A 43 -1.35 -6.45 7.50
N LYS A 44 -1.54 -5.11 7.50
CA LYS A 44 -2.84 -4.53 7.89
C LYS A 44 -3.93 -4.80 6.85
N CYS A 45 -3.51 -4.90 5.58
CA CYS A 45 -4.45 -5.19 4.49
C CYS A 45 -4.47 -6.70 4.13
N GLY A 46 -3.42 -7.42 4.55
CA GLY A 46 -3.29 -8.85 4.25
C GLY A 46 -2.67 -9.08 2.86
N ILE A 47 -1.93 -8.08 2.37
CA ILE A 47 -1.26 -8.16 1.05
C ILE A 47 0.25 -8.24 1.28
N THR A 48 1.03 -8.54 0.22
CA THR A 48 2.48 -8.71 0.33
C THR A 48 3.21 -7.38 0.05
N VAL A 49 4.38 -7.24 0.69
CA VAL A 49 5.22 -6.04 0.51
C VAL A 49 5.45 -5.75 -0.98
N SER A 50 5.29 -6.77 -1.83
CA SER A 50 5.43 -6.61 -3.28
C SER A 50 4.36 -5.67 -3.82
N GLN A 51 3.10 -5.85 -3.35
CA GLN A 51 1.98 -5.00 -3.80
C GLN A 51 2.19 -3.59 -3.29
N VAL A 52 2.57 -3.50 -2.02
CA VAL A 52 2.86 -2.21 -1.41
C VAL A 52 4.02 -1.57 -2.17
N SER A 53 5.00 -2.39 -2.53
CA SER A 53 6.15 -1.96 -3.27
C SER A 53 5.72 -1.40 -4.63
N ASN A 54 4.75 -2.09 -5.27
CA ASN A 54 4.25 -1.69 -6.60
C ASN A 54 3.64 -0.28 -6.52
N TRP A 55 2.80 -0.07 -5.50
CA TRP A 55 2.22 1.24 -5.25
C TRP A 55 3.31 2.22 -4.88
N PHE A 56 4.27 1.78 -4.08
CA PHE A 56 5.34 2.66 -3.61
C PHE A 56 5.96 3.42 -4.77
N GLY A 57 6.48 2.68 -5.72
CA GLY A 57 7.14 3.28 -6.88
C GLY A 57 6.18 4.20 -7.61
N ASN A 58 4.92 3.77 -7.75
CA ASN A 58 3.92 4.58 -8.42
C ASN A 58 3.64 5.90 -7.67
N LYS A 59 3.49 5.82 -6.33
CA LYS A 59 3.18 7.02 -5.53
C LYS A 59 4.33 8.04 -5.53
N ARG A 60 5.58 7.54 -5.55
CA ARG A 60 6.76 8.42 -5.57
C ARG A 60 6.88 9.17 -6.88
N ILE A 61 6.51 8.51 -8.00
CA ILE A 61 6.63 9.12 -9.33
C ILE A 61 5.47 10.05 -9.64
N ARG A 62 4.27 9.73 -9.12
CA ARG A 62 3.08 10.53 -9.39
C ARG A 62 3.14 11.89 -8.67
N TYR A 63 3.67 11.87 -7.43
CA TYR A 63 3.78 13.08 -6.63
C TYR A 63 4.69 14.08 -7.34
N LYS A 64 5.84 13.59 -7.79
CA LYS A 64 6.83 14.41 -8.46
C LYS A 64 6.32 14.88 -9.82
N LYS A 65 5.68 13.97 -10.57
CA LYS A 65 5.16 14.27 -11.89
C LYS A 65 4.07 15.36 -11.81
N ASN A 66 3.19 15.22 -10.81
CA ASN A 66 2.09 16.17 -10.61
C ASN A 66 1.63 16.18 -9.16
N ILE A 67 0.79 17.17 -8.83
CA ILE A 67 0.23 17.35 -7.46
C ILE A 67 1.21 16.92 -6.35
N GLY A 1 -19.40 -26.41 3.15
CA GLY A 1 -18.45 -25.53 2.43
C GLY A 1 -19.19 -24.30 1.89
N SER A 2 -20.41 -24.54 1.37
CA SER A 2 -21.24 -23.46 0.82
C SER A 2 -21.57 -22.41 1.88
N HIS A 3 -21.86 -22.89 3.10
CA HIS A 3 -22.24 -22.00 4.21
C HIS A 3 -21.16 -20.93 4.42
N MET A 4 -21.58 -19.75 4.89
CA MET A 4 -20.69 -18.59 5.11
C MET A 4 -20.22 -18.01 3.77
N ALA A 5 -19.37 -18.76 3.05
CA ALA A 5 -18.86 -18.31 1.74
C ALA A 5 -18.09 -16.98 1.86
N ARG A 6 -16.79 -17.03 1.57
CA ARG A 6 -15.94 -15.84 1.64
C ARG A 6 -16.41 -14.77 0.65
N ARG A 7 -16.17 -13.50 0.99
CA ARG A 7 -16.57 -12.36 0.13
C ARG A 7 -15.32 -11.65 -0.43
N LYS A 8 -14.63 -12.33 -1.35
CA LYS A 8 -13.40 -11.84 -2.02
C LYS A 8 -12.36 -11.26 -1.06
N ARG A 9 -11.10 -11.18 -1.53
CA ARG A 9 -9.99 -10.68 -0.71
C ARG A 9 -8.73 -10.44 -1.54
N ARG A 10 -7.71 -9.84 -0.90
CA ARG A 10 -6.41 -9.50 -1.54
C ARG A 10 -6.47 -8.10 -2.25
N ASN A 11 -6.52 -8.07 -3.60
CA ASN A 11 -6.54 -6.79 -4.34
C ASN A 11 -7.95 -6.40 -4.82
N PHE A 12 -8.98 -7.12 -4.36
CA PHE A 12 -10.37 -6.83 -4.74
C PHE A 12 -11.17 -6.18 -3.61
N SER A 13 -10.76 -6.45 -2.36
CA SER A 13 -11.43 -5.91 -1.18
C SER A 13 -11.15 -4.42 -1.02
N LYS A 14 -12.01 -3.73 -0.25
CA LYS A 14 -11.84 -2.30 0.02
C LYS A 14 -10.53 -2.03 0.78
N GLN A 15 -10.03 -3.05 1.49
CA GLN A 15 -8.78 -2.95 2.24
C GLN A 15 -7.62 -2.66 1.29
N ALA A 16 -7.65 -3.30 0.11
CA ALA A 16 -6.62 -3.10 -0.90
C ALA A 16 -6.62 -1.65 -1.39
N SER A 17 -7.81 -1.09 -1.63
CA SER A 17 -7.91 0.28 -2.13
C SER A 17 -7.30 1.27 -1.14
N GLU A 18 -7.49 1.00 0.17
CA GLU A 18 -6.93 1.88 1.19
C GLU A 18 -5.43 1.68 1.36
N ILE A 19 -4.91 0.45 1.14
CA ILE A 19 -3.46 0.23 1.25
C ILE A 19 -2.73 1.17 0.24
N LEU A 20 -3.34 1.34 -0.95
CA LEU A 20 -2.77 2.18 -2.01
C LEU A 20 -2.83 3.68 -1.64
N ASN A 21 -4.06 4.21 -1.45
CA ASN A 21 -4.22 5.64 -1.16
C ASN A 21 -3.61 6.04 0.18
N GLU A 22 -3.68 5.13 1.16
CA GLU A 22 -3.09 5.40 2.46
C GLU A 22 -1.60 5.63 2.31
N TYR A 23 -0.94 4.83 1.44
CA TYR A 23 0.49 5.05 1.19
C TYR A 23 0.73 6.42 0.60
N PHE A 24 -0.18 6.87 -0.29
CA PHE A 24 0.00 8.18 -0.92
C PHE A 24 0.18 9.26 0.16
N TYR A 25 -0.73 9.27 1.15
CA TYR A 25 -0.66 10.23 2.26
C TYR A 25 0.48 9.90 3.26
N SER A 26 0.71 8.59 3.48
CA SER A 26 1.72 8.11 4.45
C SER A 26 3.15 8.36 3.99
N HIS A 27 3.35 8.34 2.67
CA HIS A 27 4.67 8.55 2.08
C HIS A 27 5.08 10.03 2.15
N LEU A 28 4.12 10.89 2.51
CA LEU A 28 4.39 12.31 2.65
C LEU A 28 5.46 12.52 3.72
N SER A 29 5.42 11.69 4.78
CA SER A 29 6.40 11.76 5.89
C SER A 29 7.53 10.72 5.76
N ASN A 30 7.45 9.85 4.73
CA ASN A 30 8.48 8.82 4.51
C ASN A 30 9.06 8.94 3.09
N PRO A 31 10.08 9.81 2.86
CA PRO A 31 10.64 10.05 1.49
C PRO A 31 11.12 8.77 0.78
N TYR A 32 11.79 7.88 1.52
CA TYR A 32 12.37 6.66 0.93
C TYR A 32 11.53 5.38 1.29
N PRO A 33 11.04 4.59 0.28
CA PRO A 33 10.29 3.31 0.56
C PRO A 33 11.22 2.23 1.09
N SER A 34 10.67 1.37 1.93
CA SER A 34 11.45 0.30 2.55
C SER A 34 10.57 -0.91 2.82
N GLU A 35 11.22 -2.07 3.00
CA GLU A 35 10.51 -3.30 3.31
C GLU A 35 9.71 -3.14 4.59
N GLU A 36 10.24 -2.36 5.55
CA GLU A 36 9.52 -2.09 6.78
C GLU A 36 8.20 -1.37 6.47
N ALA A 37 8.26 -0.35 5.61
CA ALA A 37 7.05 0.39 5.21
C ALA A 37 6.08 -0.52 4.44
N LYS A 38 6.64 -1.30 3.51
CA LYS A 38 5.83 -2.24 2.71
C LYS A 38 5.17 -3.27 3.61
N GLU A 39 5.92 -3.74 4.59
CA GLU A 39 5.47 -4.77 5.52
C GLU A 39 4.32 -4.26 6.39
N GLU A 40 4.41 -3.01 6.87
CA GLU A 40 3.37 -2.42 7.73
C GLU A 40 2.05 -2.34 6.98
N LEU A 41 2.12 -1.87 5.73
CA LEU A 41 0.92 -1.77 4.88
C LEU A 41 0.43 -3.16 4.46
N ALA A 42 1.39 -4.04 4.19
CA ALA A 42 1.10 -5.40 3.79
C ALA A 42 0.31 -6.11 4.89
N ARG A 43 0.70 -5.85 6.14
CA ARG A 43 0.06 -6.47 7.31
C ARG A 43 -1.35 -5.92 7.60
N LYS A 44 -1.54 -4.59 7.50
CA LYS A 44 -2.85 -3.99 7.83
C LYS A 44 -3.94 -4.42 6.86
N CYS A 45 -3.54 -4.59 5.59
CA CYS A 45 -4.49 -5.00 4.54
C CYS A 45 -4.48 -6.51 4.36
N GLY A 46 -3.34 -7.14 4.66
CA GLY A 46 -3.18 -8.57 4.44
C GLY A 46 -2.57 -8.84 3.05
N ILE A 47 -1.89 -7.82 2.48
CA ILE A 47 -1.28 -7.94 1.15
C ILE A 47 0.23 -8.18 1.32
N THR A 48 0.88 -8.64 0.26
CA THR A 48 2.32 -8.95 0.27
C THR A 48 3.14 -7.70 -0.07
N VAL A 49 4.27 -7.53 0.62
CA VAL A 49 5.15 -6.35 0.42
C VAL A 49 5.44 -6.12 -1.08
N SER A 50 5.38 -7.19 -1.88
CA SER A 50 5.63 -7.08 -3.33
C SER A 50 4.59 -6.21 -4.02
N GLN A 51 3.31 -6.51 -3.76
CA GLN A 51 2.21 -5.72 -4.33
C GLN A 51 2.20 -4.32 -3.73
N VAL A 52 2.47 -4.26 -2.44
CA VAL A 52 2.53 -3.00 -1.73
C VAL A 52 3.62 -2.13 -2.36
N SER A 53 4.78 -2.77 -2.63
CA SER A 53 5.89 -2.09 -3.24
C SER A 53 5.54 -1.60 -4.66
N ASN A 54 4.61 -2.33 -5.36
CA ASN A 54 4.22 -1.91 -6.71
C ASN A 54 3.61 -0.52 -6.65
N TRP A 55 2.73 -0.30 -5.66
CA TRP A 55 2.15 1.03 -5.44
C TRP A 55 3.24 2.01 -5.05
N PHE A 56 4.17 1.58 -4.19
CA PHE A 56 5.20 2.48 -3.67
C PHE A 56 5.95 3.16 -4.80
N GLY A 57 6.38 2.36 -5.77
CA GLY A 57 7.06 2.89 -6.95
C GLY A 57 6.13 3.81 -7.75
N ASN A 58 4.86 3.37 -7.87
CA ASN A 58 3.87 4.11 -8.64
C ASN A 58 3.56 5.49 -8.05
N LYS A 59 3.32 5.55 -6.73
CA LYS A 59 3.01 6.81 -6.07
C LYS A 59 4.21 7.78 -6.12
N ARG A 60 5.42 7.21 -6.11
CA ARG A 60 6.66 7.98 -6.18
C ARG A 60 6.81 8.69 -7.52
N ILE A 61 6.40 8.01 -8.59
CA ILE A 61 6.56 8.55 -9.95
C ILE A 61 5.45 9.52 -10.33
N ARG A 62 4.25 9.33 -9.77
CA ARG A 62 3.12 10.21 -10.08
C ARG A 62 3.29 11.59 -9.42
N TYR A 63 3.81 11.61 -8.18
CA TYR A 63 4.01 12.86 -7.44
C TYR A 63 5.31 13.55 -7.89
N LYS A 64 6.34 12.73 -8.12
CA LYS A 64 7.66 13.23 -8.58
C LYS A 64 8.34 14.17 -7.56
N LYS A 65 7.90 14.11 -6.30
CA LYS A 65 8.50 14.92 -5.23
C LYS A 65 7.95 14.54 -3.85
N ASN A 66 8.61 15.05 -2.80
CA ASN A 66 8.21 14.78 -1.42
C ASN A 66 8.03 16.11 -0.63
N ILE A 67 9.14 16.64 -0.08
CA ILE A 67 9.10 17.90 0.70
C ILE A 67 8.28 17.68 1.99
N GLY A 1 -8.67 -3.04 20.01
CA GLY A 1 -8.47 -3.43 18.58
C GLY A 1 -9.23 -4.71 18.29
N SER A 2 -9.84 -4.78 17.08
CA SER A 2 -10.61 -5.95 16.68
C SER A 2 -9.96 -6.65 15.49
N HIS A 3 -9.84 -7.97 15.57
CA HIS A 3 -9.23 -8.78 14.52
C HIS A 3 -9.65 -10.25 14.67
N MET A 4 -10.63 -10.68 13.87
CA MET A 4 -11.13 -12.06 13.94
C MET A 4 -11.41 -12.64 12.55
N ALA A 5 -10.93 -13.88 12.33
CA ALA A 5 -11.18 -14.63 11.09
C ALA A 5 -11.21 -13.73 9.84
N ARG A 6 -10.03 -13.25 9.41
CA ARG A 6 -9.92 -12.41 8.21
C ARG A 6 -10.38 -13.17 6.98
N ARG A 7 -11.07 -12.45 6.08
CA ARG A 7 -11.55 -13.03 4.83
C ARG A 7 -10.81 -12.42 3.66
N LYS A 8 -10.31 -13.27 2.76
CA LYS A 8 -9.54 -12.80 1.58
C LYS A 8 -10.21 -13.24 0.29
N ARG A 9 -10.09 -12.40 -0.73
CA ARG A 9 -10.68 -12.68 -2.04
C ARG A 9 -9.74 -12.21 -3.17
N ARG A 10 -9.61 -10.89 -3.34
CA ARG A 10 -8.74 -10.30 -4.35
C ARG A 10 -8.03 -9.07 -3.82
N ASN A 11 -7.08 -8.58 -4.59
CA ASN A 11 -6.32 -7.37 -4.25
C ASN A 11 -7.13 -6.08 -4.57
N PHE A 12 -8.41 -6.24 -4.93
CA PHE A 12 -9.28 -5.11 -5.26
C PHE A 12 -10.29 -4.80 -4.13
N SER A 13 -10.10 -5.43 -2.96
CA SER A 13 -11.01 -5.22 -1.83
C SER A 13 -10.87 -3.81 -1.28
N LYS A 14 -11.88 -3.37 -0.51
CA LYS A 14 -11.88 -2.01 0.06
C LYS A 14 -10.62 -1.76 0.89
N GLN A 15 -10.15 -2.81 1.59
CA GLN A 15 -8.92 -2.70 2.38
C GLN A 15 -7.72 -2.47 1.45
N ALA A 16 -7.74 -3.14 0.29
CA ALA A 16 -6.72 -2.95 -0.73
C ALA A 16 -6.75 -1.51 -1.25
N SER A 17 -7.96 -0.97 -1.41
CA SER A 17 -8.11 0.40 -1.91
C SER A 17 -7.41 1.39 -1.00
N GLU A 18 -7.52 1.16 0.32
CA GLU A 18 -6.88 2.04 1.29
C GLU A 18 -5.39 1.81 1.42
N ILE A 19 -4.90 0.56 1.20
CA ILE A 19 -3.44 0.33 1.26
C ILE A 19 -2.74 1.28 0.24
N LEU A 20 -3.37 1.42 -0.93
CA LEU A 20 -2.84 2.24 -2.01
C LEU A 20 -2.88 3.74 -1.67
N ASN A 21 -4.11 4.29 -1.46
CA ASN A 21 -4.25 5.72 -1.19
C ASN A 21 -3.62 6.13 0.13
N GLU A 22 -3.61 5.21 1.10
CA GLU A 22 -2.98 5.50 2.39
C GLU A 22 -1.51 5.78 2.19
N TYR A 23 -0.85 5.01 1.29
CA TYR A 23 0.58 5.27 1.02
C TYR A 23 0.76 6.63 0.38
N PHE A 24 -0.18 7.02 -0.50
CA PHE A 24 -0.09 8.31 -1.18
C PHE A 24 0.03 9.45 -0.14
N TYR A 25 -0.86 9.44 0.87
CA TYR A 25 -0.84 10.46 1.93
C TYR A 25 0.24 10.17 3.00
N SER A 26 0.55 8.88 3.19
CA SER A 26 1.53 8.46 4.22
C SER A 26 2.99 8.61 3.75
N HIS A 27 3.18 8.67 2.44
CA HIS A 27 4.51 8.85 1.84
C HIS A 27 4.97 10.33 2.00
N LEU A 28 4.02 11.20 2.30
CA LEU A 28 4.30 12.62 2.46
C LEU A 28 5.34 12.83 3.57
N SER A 29 5.27 11.99 4.62
CA SER A 29 6.19 12.08 5.76
C SER A 29 7.41 11.14 5.61
N ASN A 30 7.31 10.15 4.71
CA ASN A 30 8.40 9.20 4.47
C ASN A 30 8.64 9.00 2.95
N PRO A 31 9.38 9.92 2.29
CA PRO A 31 9.60 9.85 0.81
C PRO A 31 10.38 8.60 0.38
N TYR A 32 11.16 8.02 1.31
CA TYR A 32 11.98 6.84 0.98
C TYR A 32 11.25 5.51 1.38
N PRO A 33 10.79 4.68 0.41
CA PRO A 33 10.12 3.37 0.72
C PRO A 33 11.11 2.33 1.21
N SER A 34 10.61 1.39 2.00
CA SER A 34 11.44 0.32 2.55
C SER A 34 10.63 -0.95 2.75
N GLU A 35 11.35 -2.07 2.93
CA GLU A 35 10.72 -3.35 3.18
C GLU A 35 9.87 -3.27 4.45
N GLU A 36 10.39 -2.56 5.47
CA GLU A 36 9.67 -2.37 6.71
C GLU A 36 8.35 -1.63 6.46
N ALA A 37 8.42 -0.54 5.66
CA ALA A 37 7.23 0.25 5.34
C ALA A 37 6.21 -0.58 4.57
N LYS A 38 6.70 -1.31 3.56
CA LYS A 38 5.83 -2.15 2.74
C LYS A 38 5.21 -3.27 3.58
N GLU A 39 6.03 -3.82 4.47
CA GLU A 39 5.65 -4.91 5.33
C GLU A 39 4.52 -4.46 6.29
N GLU A 40 4.62 -3.23 6.81
CA GLU A 40 3.59 -2.69 7.72
C GLU A 40 2.24 -2.58 7.01
N LEU A 41 2.25 -2.05 5.77
CA LEU A 41 1.02 -1.94 4.97
C LEU A 41 0.53 -3.32 4.55
N ALA A 42 1.49 -4.18 4.19
CA ALA A 42 1.20 -5.53 3.76
C ALA A 42 0.45 -6.29 4.87
N ARG A 43 0.91 -6.09 6.10
CA ARG A 43 0.32 -6.77 7.26
C ARG A 43 -1.09 -6.26 7.63
N LYS A 44 -1.29 -4.92 7.61
CA LYS A 44 -2.60 -4.38 8.03
C LYS A 44 -3.69 -4.57 6.97
N CYS A 45 -3.28 -4.68 5.70
CA CYS A 45 -4.23 -4.91 4.61
C CYS A 45 -4.35 -6.40 4.27
N GLY A 46 -3.35 -7.19 4.69
CA GLY A 46 -3.31 -8.63 4.40
C GLY A 46 -2.73 -8.92 3.01
N ILE A 47 -1.94 -7.98 2.47
CA ILE A 47 -1.31 -8.14 1.15
C ILE A 47 0.20 -8.28 1.35
N THR A 48 0.90 -8.76 0.32
CA THR A 48 2.36 -8.96 0.39
C THR A 48 3.10 -7.66 0.06
N VAL A 49 4.36 -7.57 0.52
CA VAL A 49 5.21 -6.40 0.27
C VAL A 49 5.41 -6.15 -1.23
N SER A 50 5.33 -7.22 -2.04
CA SER A 50 5.52 -7.11 -3.50
C SER A 50 4.44 -6.25 -4.16
N GLN A 51 3.18 -6.51 -3.81
CA GLN A 51 2.07 -5.69 -4.35
C GLN A 51 2.12 -4.29 -3.77
N VAL A 52 2.46 -4.23 -2.47
CA VAL A 52 2.61 -2.96 -1.78
C VAL A 52 3.71 -2.16 -2.49
N SER A 53 4.79 -2.87 -2.89
CA SER A 53 5.90 -2.23 -3.57
C SER A 53 5.46 -1.67 -4.91
N ASN A 54 4.49 -2.33 -5.58
CA ASN A 54 4.02 -1.87 -6.89
C ASN A 54 3.44 -0.47 -6.76
N TRP A 55 2.60 -0.27 -5.72
CA TRP A 55 2.06 1.06 -5.44
C TRP A 55 3.16 2.01 -5.02
N PHE A 56 4.08 1.53 -4.19
CA PHE A 56 5.13 2.38 -3.65
C PHE A 56 5.97 2.99 -4.78
N GLY A 57 6.39 2.15 -5.73
CA GLY A 57 7.18 2.63 -6.87
C GLY A 57 6.39 3.60 -7.74
N ASN A 58 5.14 3.24 -8.05
CA ASN A 58 4.27 4.07 -8.88
C ASN A 58 3.94 5.38 -8.17
N LYS A 59 3.62 5.28 -6.90
CA LYS A 59 3.26 6.41 -6.06
C LYS A 59 4.44 7.36 -5.89
N ARG A 60 5.63 6.78 -5.71
CA ARG A 60 6.86 7.58 -5.59
C ARG A 60 7.10 8.41 -6.84
N ILE A 61 6.78 7.84 -8.01
CA ILE A 61 7.01 8.53 -9.28
C ILE A 61 5.86 9.45 -9.67
N ARG A 62 4.63 9.16 -9.20
CA ARG A 62 3.47 9.97 -9.57
C ARG A 62 3.52 11.37 -8.92
N TYR A 63 3.88 11.39 -7.63
CA TYR A 63 3.99 12.65 -6.88
C TYR A 63 5.11 13.51 -7.46
N LYS A 64 6.26 12.87 -7.73
CA LYS A 64 7.43 13.55 -8.32
C LYS A 64 7.99 14.65 -7.40
N LYS A 65 7.81 14.45 -6.07
CA LYS A 65 8.32 15.40 -5.01
C LYS A 65 8.67 16.80 -5.54
N ASN A 66 7.73 17.75 -5.37
CA ASN A 66 7.94 19.13 -5.82
C ASN A 66 8.10 20.07 -4.62
N ILE A 67 7.26 19.85 -3.59
CA ILE A 67 7.30 20.67 -2.38
C ILE A 67 8.48 20.28 -1.49
N GLY A 1 7.36 -25.32 0.28
CA GLY A 1 6.39 -25.53 -0.83
C GLY A 1 5.60 -24.24 -1.07
N SER A 2 4.56 -24.34 -1.91
CA SER A 2 3.72 -23.18 -2.24
C SER A 2 3.01 -22.65 -1.00
N HIS A 3 2.60 -23.57 -0.10
CA HIS A 3 1.89 -23.19 1.13
C HIS A 3 0.64 -22.32 0.78
N MET A 4 0.16 -21.52 1.75
CA MET A 4 -1.01 -20.67 1.54
C MET A 4 -0.72 -19.64 0.45
N ALA A 5 -1.72 -19.39 -0.43
CA ALA A 5 -1.55 -18.44 -1.53
C ALA A 5 -2.73 -17.47 -1.63
N ARG A 6 -2.77 -16.51 -0.70
CA ARG A 6 -3.81 -15.44 -0.69
C ARG A 6 -5.20 -16.00 -0.98
N ARG A 7 -5.95 -16.31 0.08
CA ARG A 7 -7.31 -16.80 -0.07
C ARG A 7 -8.25 -16.11 0.93
N LYS A 8 -8.87 -15.00 0.48
CA LYS A 8 -9.82 -14.20 1.30
C LYS A 8 -10.15 -12.88 0.57
N ARG A 9 -9.14 -12.31 -0.09
CA ARG A 9 -9.29 -11.00 -0.75
C ARG A 9 -8.39 -10.86 -1.97
N ARG A 10 -8.72 -9.89 -2.84
CA ARG A 10 -8.01 -9.66 -4.10
C ARG A 10 -7.40 -8.26 -4.13
N ASN A 11 -6.66 -7.97 -5.20
CA ASN A 11 -6.02 -6.65 -5.38
C ASN A 11 -7.06 -5.53 -5.57
N PHE A 12 -8.29 -5.90 -5.92
CA PHE A 12 -9.37 -4.93 -6.13
C PHE A 12 -10.34 -4.84 -4.93
N SER A 13 -9.96 -5.47 -3.82
CA SER A 13 -10.79 -5.48 -2.61
C SER A 13 -10.74 -4.13 -1.89
N LYS A 14 -11.65 -3.95 -0.93
CA LYS A 14 -11.73 -2.71 -0.16
C LYS A 14 -10.40 -2.45 0.57
N GLN A 15 -9.84 -3.50 1.16
CA GLN A 15 -8.56 -3.41 1.86
C GLN A 15 -7.47 -2.96 0.86
N ALA A 16 -7.54 -3.51 -0.35
CA ALA A 16 -6.62 -3.16 -1.41
C ALA A 16 -6.75 -1.69 -1.78
N SER A 17 -7.99 -1.20 -1.82
CA SER A 17 -8.25 0.20 -2.16
C SER A 17 -7.53 1.13 -1.18
N GLU A 18 -7.59 0.78 0.11
CA GLU A 18 -6.98 1.59 1.16
C GLU A 18 -5.47 1.41 1.24
N ILE A 19 -4.94 0.20 0.94
CA ILE A 19 -3.48 0.01 0.99
C ILE A 19 -2.80 1.00 0.03
N LEU A 20 -3.43 1.18 -1.13
CA LEU A 20 -2.90 2.06 -2.16
C LEU A 20 -2.99 3.53 -1.73
N ASN A 21 -4.23 4.03 -1.50
CA ASN A 21 -4.40 5.44 -1.16
C ASN A 21 -3.77 5.82 0.19
N GLU A 22 -3.86 4.91 1.18
CA GLU A 22 -3.29 5.18 2.50
C GLU A 22 -1.79 5.37 2.39
N TYR A 23 -1.14 4.55 1.53
CA TYR A 23 0.31 4.69 1.34
C TYR A 23 0.64 6.05 0.75
N PHE A 24 -0.21 6.52 -0.19
CA PHE A 24 0.03 7.80 -0.85
C PHE A 24 0.15 8.93 0.19
N TYR A 25 -0.81 8.97 1.11
CA TYR A 25 -0.82 10.01 2.16
C TYR A 25 0.12 9.68 3.33
N SER A 26 0.34 8.38 3.57
CA SER A 26 1.15 7.93 4.71
C SER A 26 2.65 7.86 4.40
N HIS A 27 3.00 7.91 3.11
CA HIS A 27 4.40 7.87 2.69
C HIS A 27 4.97 9.29 2.45
N LEU A 28 4.10 10.31 2.56
CA LEU A 28 4.51 11.71 2.38
C LEU A 28 5.55 12.08 3.44
N SER A 29 5.31 11.60 4.67
CA SER A 29 6.19 11.90 5.81
C SER A 29 7.60 11.31 5.62
N ASN A 30 7.67 10.15 4.96
CA ASN A 30 8.94 9.47 4.72
C ASN A 30 9.15 9.27 3.19
N PRO A 31 9.86 10.19 2.49
CA PRO A 31 10.03 10.10 1.00
C PRO A 31 10.80 8.85 0.56
N TYR A 32 11.59 8.25 1.48
CA TYR A 32 12.37 7.05 1.14
C TYR A 32 11.67 5.75 1.64
N PRO A 33 11.12 4.90 0.72
CA PRO A 33 10.44 3.60 1.10
C PRO A 33 11.42 2.46 1.36
N SER A 34 10.95 1.46 2.10
CA SER A 34 11.75 0.29 2.43
C SER A 34 10.84 -0.94 2.60
N GLU A 35 11.47 -2.12 2.71
CA GLU A 35 10.74 -3.37 2.93
C GLU A 35 9.89 -3.27 4.19
N GLU A 36 10.45 -2.65 5.24
CA GLU A 36 9.72 -2.44 6.48
C GLU A 36 8.48 -1.59 6.21
N ALA A 37 8.66 -0.52 5.42
CA ALA A 37 7.55 0.38 5.08
C ALA A 37 6.47 -0.35 4.26
N LYS A 38 6.90 -1.13 3.25
CA LYS A 38 5.94 -1.89 2.42
C LYS A 38 5.25 -2.92 3.30
N GLU A 39 6.03 -3.51 4.19
CA GLU A 39 5.57 -4.50 5.11
C GLU A 39 4.48 -3.90 6.03
N GLU A 40 4.67 -2.63 6.42
CA GLU A 40 3.71 -1.95 7.30
C GLU A 40 2.33 -1.88 6.63
N LEU A 41 2.28 -1.42 5.35
CA LEU A 41 1.00 -1.37 4.63
C LEU A 41 0.48 -2.77 4.33
N ALA A 42 1.40 -3.67 3.99
CA ALA A 42 1.06 -5.05 3.69
C ALA A 42 0.37 -5.70 4.89
N ARG A 43 0.89 -5.40 6.10
CA ARG A 43 0.33 -5.94 7.34
C ARG A 43 -1.02 -5.32 7.71
N LYS A 44 -1.16 -3.99 7.52
CA LYS A 44 -2.40 -3.30 7.91
C LYS A 44 -3.57 -3.67 7.00
N CYS A 45 -3.26 -3.85 5.72
CA CYS A 45 -4.26 -4.20 4.72
C CYS A 45 -4.33 -5.72 4.48
N GLY A 46 -3.35 -6.47 5.02
CA GLY A 46 -3.32 -7.93 4.88
C GLY A 46 -2.81 -8.39 3.51
N ILE A 47 -2.11 -7.49 2.81
CA ILE A 47 -1.57 -7.79 1.48
C ILE A 47 -0.04 -7.98 1.59
N THR A 48 0.59 -8.50 0.54
CA THR A 48 2.04 -8.79 0.54
C THR A 48 2.85 -7.57 0.09
N VAL A 49 4.07 -7.43 0.64
CA VAL A 49 4.96 -6.32 0.28
C VAL A 49 5.09 -6.16 -1.23
N SER A 50 4.82 -7.25 -1.98
CA SER A 50 4.88 -7.23 -3.46
C SER A 50 3.80 -6.34 -4.06
N GLN A 51 2.59 -6.40 -3.51
CA GLN A 51 1.49 -5.57 -4.03
C GLN A 51 1.79 -4.13 -3.68
N VAL A 52 2.27 -3.95 -2.46
CA VAL A 52 2.70 -2.66 -2.01
C VAL A 52 3.87 -2.21 -2.87
N SER A 53 4.72 -3.16 -3.31
CA SER A 53 5.87 -2.83 -4.13
C SER A 53 5.38 -2.16 -5.42
N ASN A 54 4.25 -2.65 -5.96
CA ASN A 54 3.69 -2.07 -7.17
C ASN A 54 3.30 -0.60 -6.92
N TRP A 55 2.54 -0.37 -5.81
CA TRP A 55 2.10 0.99 -5.45
C TRP A 55 3.24 1.92 -5.01
N PHE A 56 4.10 1.45 -4.10
CA PHE A 56 5.14 2.32 -3.52
C PHE A 56 5.98 2.95 -4.62
N GLY A 57 6.39 2.13 -5.59
CA GLY A 57 7.16 2.63 -6.71
C GLY A 57 6.33 3.64 -7.50
N ASN A 58 5.04 3.31 -7.72
CA ASN A 58 4.17 4.18 -8.48
C ASN A 58 3.95 5.53 -7.81
N LYS A 59 3.58 5.53 -6.51
CA LYS A 59 3.28 6.78 -5.80
C LYS A 59 4.51 7.70 -5.72
N ARG A 60 5.70 7.09 -5.63
CA ARG A 60 6.95 7.87 -5.57
C ARG A 60 7.17 8.64 -6.86
N ILE A 61 6.88 7.97 -8.00
CA ILE A 61 7.03 8.62 -9.31
C ILE A 61 5.79 9.49 -9.64
N ARG A 62 4.65 9.10 -9.07
CA ARG A 62 3.37 9.78 -9.29
C ARG A 62 3.44 11.24 -8.81
N TYR A 63 3.92 11.43 -7.58
CA TYR A 63 4.05 12.77 -7.00
C TYR A 63 5.05 13.63 -7.79
N LYS A 64 6.24 13.05 -8.04
CA LYS A 64 7.32 13.75 -8.74
C LYS A 64 6.95 14.10 -10.18
N LYS A 65 6.25 13.18 -10.86
CA LYS A 65 5.87 13.38 -12.25
C LYS A 65 4.50 14.06 -12.33
N ASN A 66 4.51 15.31 -12.82
CA ASN A 66 3.28 16.10 -12.96
C ASN A 66 3.57 17.43 -13.65
N ILE A 67 2.52 18.19 -13.96
CA ILE A 67 2.66 19.50 -14.62
C ILE A 67 2.11 20.62 -13.76
N GLY A 1 -5.46 -22.74 -21.66
CA GLY A 1 -6.57 -23.70 -21.89
C GLY A 1 -7.79 -23.27 -21.10
N SER A 2 -8.04 -23.97 -19.97
CA SER A 2 -9.18 -23.66 -19.11
C SER A 2 -8.98 -22.34 -18.38
N HIS A 3 -10.07 -21.77 -17.86
CA HIS A 3 -10.02 -20.50 -17.14
C HIS A 3 -11.14 -20.43 -16.10
N MET A 4 -10.80 -19.89 -14.92
CA MET A 4 -11.77 -19.74 -13.83
C MET A 4 -11.72 -18.33 -13.25
N ALA A 5 -12.85 -17.88 -12.70
CA ALA A 5 -12.94 -16.55 -12.11
C ALA A 5 -11.94 -16.41 -10.96
N ARG A 6 -11.33 -15.23 -10.86
CA ARG A 6 -10.33 -14.97 -9.82
C ARG A 6 -10.94 -15.10 -8.42
N ARG A 7 -10.14 -15.58 -7.48
CA ARG A 7 -10.58 -15.75 -6.09
C ARG A 7 -9.39 -15.80 -5.13
N LYS A 8 -9.65 -15.48 -3.86
CA LYS A 8 -8.60 -15.49 -2.81
C LYS A 8 -7.28 -14.87 -3.31
N ARG A 9 -7.33 -13.57 -3.65
CA ARG A 9 -6.15 -12.85 -4.13
C ARG A 9 -5.83 -11.62 -3.26
N ARG A 10 -6.84 -11.14 -2.50
CA ARG A 10 -6.67 -9.97 -1.62
C ARG A 10 -6.32 -8.71 -2.44
N ASN A 11 -6.97 -8.56 -3.59
CA ASN A 11 -6.77 -7.39 -4.45
C ASN A 11 -8.12 -6.91 -5.01
N PHE A 12 -8.18 -5.64 -5.41
CA PHE A 12 -9.42 -5.04 -5.92
C PHE A 12 -10.53 -5.05 -4.86
N SER A 13 -10.12 -4.81 -3.61
CA SER A 13 -11.05 -4.77 -2.48
C SER A 13 -10.94 -3.44 -1.73
N LYS A 14 -11.90 -3.17 -0.84
CA LYS A 14 -11.92 -1.93 -0.07
C LYS A 14 -10.63 -1.79 0.74
N GLN A 15 -10.23 -2.87 1.40
CA GLN A 15 -9.00 -2.85 2.19
C GLN A 15 -7.81 -2.57 1.28
N ALA A 16 -7.84 -3.14 0.06
CA ALA A 16 -6.81 -2.88 -0.93
C ALA A 16 -6.81 -1.42 -1.36
N SER A 17 -8.02 -0.83 -1.51
CA SER A 17 -8.12 0.56 -1.95
C SER A 17 -7.45 1.50 -0.94
N GLU A 18 -7.52 1.15 0.36
CA GLU A 18 -6.91 1.98 1.39
C GLU A 18 -5.40 1.77 1.51
N ILE A 19 -4.90 0.52 1.30
CA ILE A 19 -3.44 0.28 1.35
C ILE A 19 -2.74 1.25 0.35
N LEU A 20 -3.35 1.39 -0.84
CA LEU A 20 -2.80 2.24 -1.90
C LEU A 20 -2.89 3.74 -1.54
N ASN A 21 -4.13 4.25 -1.36
CA ASN A 21 -4.32 5.68 -1.13
C ASN A 21 -3.72 6.14 0.20
N GLU A 22 -3.79 5.27 1.21
CA GLU A 22 -3.20 5.60 2.51
C GLU A 22 -1.71 5.84 2.37
N TYR A 23 -1.05 5.02 1.52
CA TYR A 23 0.38 5.20 1.31
C TYR A 23 0.65 6.55 0.67
N PHE A 24 -0.23 6.97 -0.25
CA PHE A 24 -0.03 8.23 -0.95
C PHE A 24 0.02 9.40 0.05
N TYR A 25 -0.95 9.45 0.96
CA TYR A 25 -1.00 10.53 1.97
C TYR A 25 0.08 10.36 3.06
N SER A 26 0.30 9.12 3.48
CA SER A 26 1.25 8.81 4.57
C SER A 26 2.72 8.96 4.15
N HIS A 27 3.04 8.44 2.96
CA HIS A 27 4.41 8.38 2.48
C HIS A 27 4.94 9.73 2.00
N LEU A 28 4.04 10.66 1.64
CA LEU A 28 4.48 11.98 1.19
C LEU A 28 5.41 12.63 2.22
N SER A 29 5.19 12.33 3.51
CA SER A 29 6.02 12.85 4.59
C SER A 29 7.44 12.30 4.50
N ASN A 30 7.56 11.01 4.15
CA ASN A 30 8.86 10.35 4.02
C ASN A 30 9.01 9.75 2.59
N PRO A 31 9.82 10.35 1.69
CA PRO A 31 9.94 9.87 0.26
C PRO A 31 10.67 8.51 0.08
N TYR A 32 11.26 7.96 1.15
CA TYR A 32 12.02 6.68 1.03
C TYR A 32 11.20 5.42 1.52
N PRO A 33 10.78 4.51 0.59
CA PRO A 33 10.11 3.22 0.98
C PRO A 33 11.12 2.16 1.42
N SER A 34 10.64 1.19 2.20
CA SER A 34 11.49 0.10 2.68
C SER A 34 10.67 -1.18 2.86
N GLU A 35 11.36 -2.32 2.96
CA GLU A 35 10.69 -3.61 3.16
C GLU A 35 9.87 -3.58 4.43
N GLU A 36 10.38 -2.89 5.47
CA GLU A 36 9.65 -2.74 6.72
C GLU A 36 8.33 -1.98 6.46
N ALA A 37 8.41 -0.87 5.68
CA ALA A 37 7.22 -0.07 5.35
C ALA A 37 6.24 -0.89 4.50
N LYS A 38 6.78 -1.61 3.51
CA LYS A 38 5.96 -2.46 2.63
C LYS A 38 5.28 -3.55 3.45
N GLU A 39 6.05 -4.11 4.38
CA GLU A 39 5.60 -5.18 5.24
C GLU A 39 4.48 -4.69 6.19
N GLU A 40 4.62 -3.45 6.71
CA GLU A 40 3.61 -2.88 7.63
C GLU A 40 2.25 -2.78 6.93
N LEU A 41 2.24 -2.23 5.72
CA LEU A 41 1.01 -2.10 4.93
C LEU A 41 0.51 -3.48 4.49
N ALA A 42 1.46 -4.35 4.14
CA ALA A 42 1.16 -5.70 3.74
C ALA A 42 0.41 -6.44 4.85
N ARG A 43 0.87 -6.22 6.08
CA ARG A 43 0.28 -6.89 7.25
C ARG A 43 -1.10 -6.38 7.64
N LYS A 44 -1.32 -5.04 7.58
CA LYS A 44 -2.62 -4.48 7.97
C LYS A 44 -3.67 -4.76 6.90
N CYS A 45 -3.26 -4.60 5.66
CA CYS A 45 -4.11 -4.87 4.51
C CYS A 45 -4.32 -6.36 4.31
N GLY A 46 -3.27 -7.14 4.58
CA GLY A 46 -3.29 -8.58 4.34
C GLY A 46 -2.72 -8.93 2.95
N ILE A 47 -2.04 -7.95 2.32
CA ILE A 47 -1.41 -8.16 1.01
C ILE A 47 0.11 -8.31 1.20
N THR A 48 0.80 -8.82 0.17
CA THR A 48 2.26 -9.04 0.25
C THR A 48 3.04 -7.76 -0.02
N VAL A 49 4.31 -7.74 0.41
CA VAL A 49 5.18 -6.58 0.22
C VAL A 49 5.39 -6.26 -1.27
N SER A 50 5.31 -7.29 -2.13
CA SER A 50 5.53 -7.10 -3.58
C SER A 50 4.49 -6.17 -4.20
N GLN A 51 3.21 -6.45 -3.91
CA GLN A 51 2.11 -5.62 -4.41
C GLN A 51 2.11 -4.25 -3.75
N VAL A 52 2.40 -4.26 -2.45
CA VAL A 52 2.50 -3.03 -1.67
C VAL A 52 3.61 -2.18 -2.29
N SER A 53 4.71 -2.85 -2.62
CA SER A 53 5.86 -2.23 -3.24
C SER A 53 5.48 -1.60 -4.57
N ASN A 54 4.59 -2.27 -5.34
CA ASN A 54 4.21 -1.77 -6.67
C ASN A 54 3.63 -0.36 -6.53
N TRP A 55 2.75 -0.18 -5.53
CA TRP A 55 2.20 1.15 -5.23
C TRP A 55 3.30 2.10 -4.75
N PHE A 56 4.20 1.58 -3.91
CA PHE A 56 5.23 2.43 -3.30
C PHE A 56 6.10 3.11 -4.36
N GLY A 57 6.57 2.34 -5.34
CA GLY A 57 7.39 2.89 -6.42
C GLY A 57 6.56 3.84 -7.30
N ASN A 58 5.35 3.40 -7.64
CA ASN A 58 4.44 4.17 -8.49
C ASN A 58 4.06 5.50 -7.84
N LYS A 59 3.76 5.43 -6.55
CA LYS A 59 3.35 6.59 -5.77
C LYS A 59 4.47 7.64 -5.71
N ARG A 60 5.70 7.18 -5.50
CA ARG A 60 6.85 8.08 -5.45
C ARG A 60 7.03 8.83 -6.76
N ILE A 61 6.80 8.13 -7.88
CA ILE A 61 6.99 8.74 -9.20
C ILE A 61 5.78 9.55 -9.66
N ARG A 62 4.57 9.20 -9.17
CA ARG A 62 3.35 9.89 -9.61
C ARG A 62 3.29 11.33 -9.06
N TYR A 63 3.77 11.52 -7.83
CA TYR A 63 3.73 12.85 -7.19
C TYR A 63 5.14 13.40 -6.96
N LYS A 64 5.89 12.73 -6.06
CA LYS A 64 7.26 13.14 -5.74
C LYS A 64 7.28 14.58 -5.21
N LYS A 65 8.39 14.95 -4.55
CA LYS A 65 8.54 16.29 -3.98
C LYS A 65 7.39 16.60 -2.96
N ASN A 66 6.26 17.15 -3.46
CA ASN A 66 5.12 17.50 -2.61
C ASN A 66 5.53 18.52 -1.54
N ILE A 67 4.53 19.24 -1.02
CA ILE A 67 4.77 20.27 0.01
C ILE A 67 3.61 20.29 1.02
N GLY A 1 -30.18 -18.98 -0.11
CA GLY A 1 -29.55 -17.80 -0.77
C GLY A 1 -28.04 -17.84 -0.56
N SER A 2 -27.64 -17.93 0.71
CA SER A 2 -26.22 -17.96 1.08
C SER A 2 -25.49 -16.72 0.57
N HIS A 3 -25.12 -15.83 1.51
CA HIS A 3 -24.45 -14.58 1.16
C HIS A 3 -23.08 -14.50 1.87
N MET A 4 -22.01 -14.56 1.07
CA MET A 4 -20.65 -14.44 1.60
C MET A 4 -19.65 -14.04 0.51
N ALA A 5 -18.75 -13.11 0.83
CA ALA A 5 -17.72 -12.62 -0.11
C ALA A 5 -16.99 -11.39 0.47
N ARG A 6 -16.85 -11.35 1.81
CA ARG A 6 -16.19 -10.25 2.51
C ARG A 6 -14.71 -10.14 2.11
N ARG A 7 -14.07 -11.30 1.92
CA ARG A 7 -12.66 -11.33 1.55
C ARG A 7 -12.53 -11.56 0.06
N LYS A 8 -11.76 -10.68 -0.60
CA LYS A 8 -11.55 -10.76 -2.02
C LYS A 8 -10.50 -11.81 -2.34
N ARG A 9 -10.79 -12.63 -3.34
CA ARG A 9 -9.90 -13.69 -3.76
C ARG A 9 -8.55 -13.13 -4.22
N ARG A 10 -8.59 -12.03 -4.99
CA ARG A 10 -7.37 -11.39 -5.49
C ARG A 10 -7.23 -9.96 -4.95
N ASN A 11 -5.99 -9.44 -4.99
CA ASN A 11 -5.70 -8.10 -4.49
C ASN A 11 -6.52 -7.03 -5.21
N PHE A 12 -7.70 -6.71 -4.65
CA PHE A 12 -8.58 -5.68 -5.23
C PHE A 12 -9.80 -5.40 -4.30
N SER A 13 -9.62 -5.67 -3.01
CA SER A 13 -10.67 -5.46 -1.99
C SER A 13 -10.70 -4.00 -1.53
N LYS A 14 -11.67 -3.69 -0.65
CA LYS A 14 -11.79 -2.34 -0.07
C LYS A 14 -10.48 -1.98 0.65
N GLN A 15 -9.89 -2.97 1.32
CA GLN A 15 -8.60 -2.79 1.98
C GLN A 15 -7.57 -2.36 0.94
N ALA A 16 -7.67 -2.94 -0.27
CA ALA A 16 -6.77 -2.62 -1.37
C ALA A 16 -6.85 -1.13 -1.74
N SER A 17 -8.06 -0.57 -1.73
CA SER A 17 -8.22 0.85 -2.06
C SER A 17 -7.53 1.73 -1.01
N GLU A 18 -7.60 1.30 0.27
CA GLU A 18 -6.98 2.08 1.37
C GLU A 18 -5.50 1.80 1.60
N ILE A 19 -5.02 0.58 1.27
CA ILE A 19 -3.58 0.30 1.42
C ILE A 19 -2.81 1.23 0.46
N LEU A 20 -3.34 1.36 -0.76
CA LEU A 20 -2.73 2.19 -1.79
C LEU A 20 -2.84 3.68 -1.39
N ASN A 21 -4.07 4.11 -1.12
CA ASN A 21 -4.38 5.49 -0.75
C ASN A 21 -3.65 5.93 0.53
N GLU A 22 -3.70 5.08 1.55
CA GLU A 22 -3.08 5.41 2.84
C GLU A 22 -1.60 5.65 2.66
N TYR A 23 -0.96 4.86 1.80
CA TYR A 23 0.45 5.08 1.50
C TYR A 23 0.65 6.43 0.85
N PHE A 24 -0.31 6.83 -0.03
CA PHE A 24 -0.20 8.12 -0.70
C PHE A 24 -0.13 9.25 0.35
N TYR A 25 -1.07 9.23 1.32
CA TYR A 25 -1.10 10.26 2.37
C TYR A 25 0.00 10.11 3.42
N SER A 26 0.42 8.86 3.69
CA SER A 26 1.40 8.57 4.75
C SER A 26 2.85 8.53 4.25
N HIS A 27 3.06 8.64 2.94
CA HIS A 27 4.42 8.61 2.36
C HIS A 27 4.78 9.96 1.68
N LEU A 28 3.97 11.00 1.94
CA LEU A 28 4.23 12.34 1.42
C LEU A 28 5.55 12.88 1.99
N SER A 29 5.78 12.60 3.29
CA SER A 29 6.96 13.12 3.99
C SER A 29 8.09 12.06 4.11
N ASN A 30 7.87 10.87 3.57
CA ASN A 30 8.86 9.79 3.64
C ASN A 30 9.43 9.52 2.22
N PRO A 31 10.62 10.08 1.86
CA PRO A 31 11.19 9.95 0.47
C PRO A 31 11.46 8.49 0.00
N TYR A 32 12.05 7.66 0.87
CA TYR A 32 12.47 6.29 0.48
C TYR A 32 11.56 5.16 1.08
N PRO A 33 10.78 4.43 0.24
CA PRO A 33 10.00 3.22 0.74
C PRO A 33 10.95 2.14 1.24
N SER A 34 10.54 1.43 2.28
CA SER A 34 11.36 0.38 2.88
C SER A 34 10.57 -0.90 3.13
N GLU A 35 11.29 -1.99 3.40
CA GLU A 35 10.67 -3.29 3.69
C GLU A 35 9.73 -3.17 4.88
N GLU A 36 10.13 -2.37 5.88
CA GLU A 36 9.29 -2.14 7.06
C GLU A 36 7.98 -1.48 6.66
N ALA A 37 8.05 -0.46 5.78
CA ALA A 37 6.85 0.24 5.31
C ALA A 37 5.97 -0.69 4.47
N LYS A 38 6.60 -1.44 3.57
CA LYS A 38 5.89 -2.37 2.68
C LYS A 38 5.20 -3.46 3.51
N GLU A 39 5.93 -3.95 4.51
CA GLU A 39 5.46 -5.01 5.38
C GLU A 39 4.29 -4.56 6.26
N GLU A 40 4.38 -3.33 6.79
CA GLU A 40 3.33 -2.80 7.67
C GLU A 40 2.00 -2.69 6.92
N LEU A 41 2.04 -2.15 5.70
CA LEU A 41 0.84 -2.05 4.88
C LEU A 41 0.39 -3.43 4.42
N ALA A 42 1.35 -4.28 4.09
CA ALA A 42 1.09 -5.64 3.64
C ALA A 42 0.32 -6.40 4.73
N ARG A 43 0.71 -6.18 5.98
CA ARG A 43 0.08 -6.86 7.14
C ARG A 43 -1.34 -6.37 7.45
N LYS A 44 -1.56 -5.03 7.38
CA LYS A 44 -2.88 -4.47 7.73
C LYS A 44 -3.95 -4.81 6.70
N CYS A 45 -3.54 -4.91 5.44
CA CYS A 45 -4.48 -5.25 4.35
C CYS A 45 -4.45 -6.75 4.01
N GLY A 46 -3.38 -7.44 4.44
CA GLY A 46 -3.22 -8.87 4.14
C GLY A 46 -2.59 -9.12 2.76
N ILE A 47 -1.90 -8.10 2.23
CA ILE A 47 -1.23 -8.21 0.92
C ILE A 47 0.29 -8.38 1.15
N THR A 48 1.02 -8.82 0.11
CA THR A 48 2.46 -9.04 0.23
C THR A 48 3.26 -7.77 -0.03
N VAL A 49 4.47 -7.69 0.56
CA VAL A 49 5.34 -6.52 0.39
C VAL A 49 5.61 -6.21 -1.09
N SER A 50 5.57 -7.25 -1.94
CA SER A 50 5.83 -7.07 -3.37
C SER A 50 4.76 -6.20 -4.04
N GLN A 51 3.47 -6.53 -3.82
CA GLN A 51 2.37 -5.74 -4.38
C GLN A 51 2.28 -4.39 -3.67
N VAL A 52 2.48 -4.42 -2.35
CA VAL A 52 2.47 -3.19 -1.57
C VAL A 52 3.54 -2.26 -2.13
N SER A 53 4.72 -2.82 -2.37
CA SER A 53 5.81 -2.06 -2.95
C SER A 53 5.47 -1.60 -4.38
N ASN A 54 4.56 -2.35 -5.06
CA ASN A 54 4.17 -1.99 -6.42
C ASN A 54 3.56 -0.57 -6.41
N TRP A 55 2.75 -0.29 -5.39
CA TRP A 55 2.21 1.04 -5.16
C TRP A 55 3.30 2.00 -4.75
N PHE A 56 4.21 1.54 -3.90
CA PHE A 56 5.22 2.41 -3.32
C PHE A 56 6.04 3.10 -4.42
N GLY A 57 6.50 2.31 -5.39
CA GLY A 57 7.24 2.87 -6.52
C GLY A 57 6.34 3.80 -7.36
N ASN A 58 5.08 3.35 -7.57
CA ASN A 58 4.12 4.11 -8.38
C ASN A 58 3.77 5.47 -7.76
N LYS A 59 3.50 5.49 -6.43
CA LYS A 59 3.12 6.73 -5.75
C LYS A 59 4.29 7.73 -5.73
N ARG A 60 5.53 7.21 -5.67
CA ARG A 60 6.71 8.06 -5.66
C ARG A 60 6.90 8.78 -6.99
N ILE A 61 6.58 8.10 -8.09
CA ILE A 61 6.77 8.69 -9.42
C ILE A 61 5.65 9.67 -9.80
N ARG A 62 4.43 9.41 -9.31
CA ARG A 62 3.29 10.28 -9.62
C ARG A 62 3.38 11.62 -8.85
N TYR A 63 3.87 11.55 -7.60
CA TYR A 63 3.98 12.71 -6.73
C TYR A 63 5.02 13.72 -7.26
N LYS A 64 6.11 13.19 -7.82
CA LYS A 64 7.22 14.02 -8.29
C LYS A 64 6.76 15.04 -9.34
N LYS A 65 5.87 14.63 -10.25
CA LYS A 65 5.37 15.53 -11.31
C LYS A 65 3.86 15.39 -11.49
N ASN A 66 3.23 16.47 -11.98
CA ASN A 66 1.79 16.50 -12.21
C ASN A 66 1.46 17.44 -13.41
N ILE A 67 0.29 18.13 -13.37
CA ILE A 67 -0.14 19.03 -14.46
C ILE A 67 -0.51 18.23 -15.71
N GLY A 1 8.63 -18.65 11.61
CA GLY A 1 7.20 -19.09 11.65
C GLY A 1 6.66 -19.17 10.23
N SER A 2 5.42 -19.65 10.11
CA SER A 2 4.76 -19.78 8.80
C SER A 2 3.25 -19.68 8.94
N HIS A 3 2.57 -19.41 7.83
CA HIS A 3 1.11 -19.27 7.83
C HIS A 3 0.47 -20.16 6.76
N MET A 4 -0.71 -20.70 7.09
CA MET A 4 -1.44 -21.56 6.16
C MET A 4 -1.91 -20.77 4.94
N ALA A 5 -1.90 -21.42 3.77
CA ALA A 5 -2.32 -20.78 2.52
C ALA A 5 -3.43 -21.57 1.84
N ARG A 6 -4.58 -20.94 1.66
CA ARG A 6 -5.72 -21.56 0.99
C ARG A 6 -6.68 -20.51 0.45
N ARG A 7 -7.39 -20.88 -0.63
CA ARG A 7 -8.36 -19.98 -1.27
C ARG A 7 -7.66 -18.70 -1.74
N LYS A 8 -8.29 -17.99 -2.69
CA LYS A 8 -7.73 -16.75 -3.22
C LYS A 8 -8.82 -15.79 -3.68
N ARG A 9 -8.50 -14.49 -3.67
CA ARG A 9 -9.44 -13.45 -4.07
C ARG A 9 -8.70 -12.28 -4.71
N ARG A 10 -9.32 -11.67 -5.73
CA ARG A 10 -8.71 -10.54 -6.43
C ARG A 10 -8.60 -9.32 -5.51
N ASN A 11 -7.53 -8.54 -5.68
CA ASN A 11 -7.27 -7.37 -4.84
C ASN A 11 -8.06 -6.13 -5.32
N PHE A 12 -9.40 -6.21 -5.22
CA PHE A 12 -10.28 -5.09 -5.62
C PHE A 12 -11.17 -4.62 -4.45
N SER A 13 -10.96 -5.17 -3.24
CA SER A 13 -11.75 -4.82 -2.07
C SER A 13 -11.38 -3.43 -1.55
N LYS A 14 -12.19 -2.93 -0.61
CA LYS A 14 -11.97 -1.62 -0.01
C LYS A 14 -10.59 -1.55 0.68
N GLN A 15 -10.22 -2.65 1.33
CA GLN A 15 -8.94 -2.73 2.04
C GLN A 15 -7.78 -2.50 1.04
N ALA A 16 -7.92 -3.07 -0.16
CA ALA A 16 -6.96 -2.86 -1.24
C ALA A 16 -6.97 -1.37 -1.68
N SER A 17 -8.16 -0.78 -1.71
CA SER A 17 -8.29 0.62 -2.09
C SER A 17 -7.54 1.52 -1.11
N GLU A 18 -7.64 1.20 0.19
CA GLU A 18 -7.00 2.01 1.23
C GLU A 18 -5.51 1.76 1.37
N ILE A 19 -5.04 0.51 1.21
CA ILE A 19 -3.59 0.24 1.29
C ILE A 19 -2.86 1.12 0.26
N LEU A 20 -3.46 1.24 -0.94
CA LEU A 20 -2.88 2.05 -2.03
C LEU A 20 -2.91 3.56 -1.70
N ASN A 21 -4.13 4.13 -1.54
CA ASN A 21 -4.26 5.58 -1.30
C ASN A 21 -3.65 6.01 0.02
N GLU A 22 -3.75 5.17 1.05
CA GLU A 22 -3.16 5.48 2.34
C GLU A 22 -1.67 5.64 2.19
N TYR A 23 -1.04 4.79 1.35
CA TYR A 23 0.40 4.91 1.13
C TYR A 23 0.74 6.24 0.51
N PHE A 24 -0.10 6.71 -0.43
CA PHE A 24 0.16 7.97 -1.10
C PHE A 24 0.27 9.11 -0.05
N TYR A 25 -0.70 9.17 0.85
CA TYR A 25 -0.70 10.21 1.91
C TYR A 25 0.35 9.94 3.01
N SER A 26 0.56 8.65 3.35
CA SER A 26 1.46 8.28 4.45
C SER A 26 2.94 8.35 4.05
N HIS A 27 3.21 8.20 2.75
CA HIS A 27 4.59 8.29 2.24
C HIS A 27 5.04 9.78 2.19
N LEU A 28 4.07 10.70 2.33
CA LEU A 28 4.37 12.12 2.36
C LEU A 28 5.35 12.42 3.52
N SER A 29 5.13 11.72 4.64
CA SER A 29 5.98 11.86 5.83
C SER A 29 7.16 10.87 5.81
N ASN A 30 7.20 9.97 4.80
CA ASN A 30 8.28 8.99 4.66
C ASN A 30 8.90 9.11 3.25
N PRO A 31 9.82 10.07 3.04
CA PRO A 31 10.42 10.34 1.68
C PRO A 31 11.06 9.09 1.05
N TYR A 32 11.75 8.27 1.86
CA TYR A 32 12.43 7.08 1.34
C TYR A 32 11.64 5.76 1.68
N PRO A 33 11.05 5.06 0.68
CA PRO A 33 10.29 3.78 0.93
C PRO A 33 11.23 2.60 1.15
N SER A 34 10.79 1.63 1.97
CA SER A 34 11.61 0.45 2.28
C SER A 34 10.76 -0.79 2.53
N GLU A 35 11.44 -1.93 2.69
CA GLU A 35 10.76 -3.21 2.97
C GLU A 35 9.96 -3.12 4.26
N GLU A 36 10.51 -2.43 5.26
CA GLU A 36 9.82 -2.26 6.52
C GLU A 36 8.49 -1.51 6.28
N ALA A 37 8.56 -0.42 5.50
CA ALA A 37 7.36 0.37 5.19
C ALA A 37 6.34 -0.47 4.43
N LYS A 38 6.82 -1.22 3.42
CA LYS A 38 5.92 -2.09 2.64
C LYS A 38 5.29 -3.12 3.56
N GLU A 39 6.10 -3.63 4.49
CA GLU A 39 5.71 -4.65 5.43
C GLU A 39 4.57 -4.17 6.36
N GLU A 40 4.65 -2.89 6.82
CA GLU A 40 3.57 -2.35 7.67
C GLU A 40 2.24 -2.33 6.92
N LEU A 41 2.25 -1.86 5.66
CA LEU A 41 1.02 -1.83 4.86
C LEU A 41 0.56 -3.24 4.53
N ALA A 42 1.51 -4.12 4.24
CA ALA A 42 1.21 -5.49 3.89
C ALA A 42 0.46 -6.18 5.02
N ARG A 43 0.90 -5.91 6.25
CA ARG A 43 0.31 -6.51 7.45
C ARG A 43 -1.10 -5.97 7.79
N LYS A 44 -1.30 -4.65 7.67
CA LYS A 44 -2.60 -4.04 8.02
C LYS A 44 -3.70 -4.38 7.03
N CYS A 45 -3.32 -4.55 5.77
CA CYS A 45 -4.29 -4.91 4.72
C CYS A 45 -4.34 -6.42 4.46
N GLY A 46 -3.29 -7.14 4.91
CA GLY A 46 -3.19 -8.58 4.70
C GLY A 46 -2.66 -8.91 3.30
N ILE A 47 -1.93 -7.95 2.70
CA ILE A 47 -1.36 -8.14 1.36
C ILE A 47 0.17 -8.30 1.49
N THR A 48 0.80 -8.80 0.45
CA THR A 48 2.24 -9.06 0.44
C THR A 48 3.01 -7.79 0.02
N VAL A 49 4.15 -7.58 0.67
CA VAL A 49 5.01 -6.41 0.39
C VAL A 49 5.24 -6.24 -1.12
N SER A 50 5.14 -7.33 -1.89
CA SER A 50 5.34 -7.28 -3.35
C SER A 50 4.30 -6.41 -4.04
N GLN A 51 3.02 -6.61 -3.68
CA GLN A 51 1.95 -5.78 -4.25
C GLN A 51 2.07 -4.35 -3.74
N VAL A 52 2.43 -4.23 -2.47
CA VAL A 52 2.65 -2.93 -1.86
C VAL A 52 3.78 -2.22 -2.62
N SER A 53 4.82 -2.98 -2.99
CA SER A 53 5.95 -2.41 -3.69
C SER A 53 5.49 -1.83 -5.02
N ASN A 54 4.49 -2.48 -5.66
CA ASN A 54 3.98 -2.00 -6.96
C ASN A 54 3.40 -0.60 -6.83
N TRP A 55 2.56 -0.39 -5.78
CA TRP A 55 2.03 0.95 -5.51
C TRP A 55 3.15 1.89 -5.10
N PHE A 56 4.05 1.41 -4.27
CA PHE A 56 5.16 2.21 -3.74
C PHE A 56 5.91 2.88 -4.86
N GLY A 57 6.39 2.09 -5.80
CA GLY A 57 7.14 2.63 -6.94
C GLY A 57 6.28 3.61 -7.75
N ASN A 58 5.02 3.22 -8.00
CA ASN A 58 4.11 4.04 -8.77
C ASN A 58 3.81 5.39 -8.09
N LYS A 59 3.61 5.36 -6.76
CA LYS A 59 3.29 6.58 -6.02
C LYS A 59 4.50 7.54 -5.97
N ARG A 60 5.71 6.97 -5.96
CA ARG A 60 6.93 7.77 -5.96
C ARG A 60 7.04 8.57 -7.24
N ILE A 61 6.65 7.95 -8.38
CA ILE A 61 6.79 8.60 -9.68
C ILE A 61 5.63 9.56 -9.98
N ARG A 62 4.44 9.27 -9.43
CA ARG A 62 3.27 10.11 -9.72
C ARG A 62 3.35 11.45 -8.96
N TYR A 63 3.79 11.39 -7.70
CA TYR A 63 3.91 12.58 -6.85
C TYR A 63 4.90 13.57 -7.47
N LYS A 64 6.07 13.06 -7.88
CA LYS A 64 7.10 13.89 -8.49
C LYS A 64 7.48 15.05 -7.53
N LYS A 65 8.25 16.03 -8.05
CA LYS A 65 8.70 17.19 -7.24
C LYS A 65 9.16 16.77 -5.82
N ASN A 66 9.34 17.76 -4.92
CA ASN A 66 9.79 17.49 -3.57
C ASN A 66 9.22 18.55 -2.63
N ILE A 67 9.67 18.53 -1.36
CA ILE A 67 9.21 19.52 -0.34
C ILE A 67 7.80 19.19 0.14
N GLY A 1 -13.35 4.16 8.94
CA GLY A 1 -14.53 3.60 9.66
C GLY A 1 -15.10 2.42 8.88
N SER A 2 -14.21 1.53 8.43
CA SER A 2 -14.61 0.35 7.66
C SER A 2 -15.49 -0.57 8.50
N HIS A 3 -15.12 -0.73 9.78
CA HIS A 3 -15.87 -1.59 10.70
C HIS A 3 -15.94 -3.04 10.16
N MET A 4 -16.70 -3.89 10.86
CA MET A 4 -16.88 -5.31 10.49
C MET A 4 -15.55 -6.00 10.13
N ALA A 5 -15.64 -7.29 9.77
CA ALA A 5 -14.47 -8.07 9.40
C ALA A 5 -14.86 -9.25 8.51
N ARG A 6 -13.96 -9.62 7.58
CA ARG A 6 -14.22 -10.73 6.66
C ARG A 6 -12.96 -11.59 6.49
N ARG A 7 -13.18 -12.89 6.22
CA ARG A 7 -12.05 -13.82 6.01
C ARG A 7 -11.77 -13.96 4.53
N LYS A 8 -10.55 -14.38 4.19
CA LYS A 8 -10.13 -14.54 2.80
C LYS A 8 -10.17 -13.19 2.08
N ARG A 9 -8.99 -12.72 1.64
CA ARG A 9 -8.90 -11.42 0.95
C ARG A 9 -7.83 -11.44 -0.14
N ARG A 10 -7.97 -10.52 -1.10
CA ARG A 10 -7.06 -10.43 -2.24
C ARG A 10 -6.83 -8.94 -2.63
N ASN A 11 -6.39 -8.69 -3.88
CA ASN A 11 -6.14 -7.32 -4.36
C ASN A 11 -7.44 -6.48 -4.35
N PHE A 12 -8.60 -7.16 -4.23
CA PHE A 12 -9.90 -6.49 -4.18
C PHE A 12 -10.22 -6.07 -2.74
N SER A 13 -11.48 -5.60 -2.51
CA SER A 13 -11.95 -5.13 -1.18
C SER A 13 -11.51 -3.70 -0.93
N LYS A 14 -12.27 -3.01 -0.06
CA LYS A 14 -12.00 -1.60 0.25
C LYS A 14 -10.63 -1.38 0.90
N GLN A 15 -10.16 -2.37 1.67
CA GLN A 15 -8.84 -2.26 2.31
C GLN A 15 -7.75 -2.14 1.27
N ALA A 16 -7.89 -2.89 0.16
CA ALA A 16 -6.92 -2.85 -0.92
C ALA A 16 -6.83 -1.44 -1.49
N SER A 17 -8.00 -0.79 -1.67
CA SER A 17 -8.03 0.59 -2.15
C SER A 17 -7.34 1.51 -1.15
N GLU A 18 -7.34 1.11 0.16
CA GLU A 18 -6.69 1.93 1.19
C GLU A 18 -5.21 1.60 1.31
N ILE A 19 -4.77 0.36 0.99
CA ILE A 19 -3.33 0.06 1.09
C ILE A 19 -2.58 1.01 0.13
N LEU A 20 -3.18 1.20 -1.05
CA LEU A 20 -2.65 2.09 -2.07
C LEU A 20 -2.76 3.57 -1.62
N ASN A 21 -4.00 4.01 -1.34
CA ASN A 21 -4.29 5.38 -0.94
C ASN A 21 -3.54 5.78 0.34
N GLU A 22 -3.58 4.92 1.34
CA GLU A 22 -2.94 5.21 2.61
C GLU A 22 -1.48 5.48 2.41
N TYR A 23 -0.84 4.70 1.50
CA TYR A 23 0.55 4.98 1.18
C TYR A 23 0.72 6.33 0.54
N PHE A 24 -0.26 6.73 -0.30
CA PHE A 24 -0.19 8.03 -0.96
C PHE A 24 -0.06 9.14 0.09
N TYR A 25 -0.84 9.04 1.17
CA TYR A 25 -0.81 10.04 2.24
C TYR A 25 0.29 9.77 3.30
N SER A 26 0.82 8.51 3.36
CA SER A 26 1.83 8.16 4.41
C SER A 26 3.28 8.22 3.91
N HIS A 27 3.49 8.15 2.59
CA HIS A 27 4.86 8.24 2.01
C HIS A 27 5.36 9.69 2.10
N LEU A 28 4.42 10.64 2.17
CA LEU A 28 4.72 12.05 2.35
C LEU A 28 5.50 12.24 3.67
N SER A 29 5.08 11.50 4.72
CA SER A 29 5.73 11.57 6.02
C SER A 29 7.16 11.02 5.96
N ASN A 30 7.36 9.94 5.20
CA ASN A 30 8.68 9.30 5.04
C ASN A 30 9.03 9.21 3.55
N PRO A 31 9.78 10.19 2.98
CA PRO A 31 10.08 10.25 1.51
C PRO A 31 10.81 9.02 0.95
N TYR A 32 11.51 8.25 1.81
CA TYR A 32 12.27 7.08 1.32
C TYR A 32 11.53 5.72 1.64
N PRO A 33 11.11 4.93 0.61
CA PRO A 33 10.43 3.60 0.84
C PRO A 33 11.39 2.53 1.38
N SER A 34 10.84 1.63 2.19
CA SER A 34 11.61 0.54 2.79
C SER A 34 10.72 -0.69 3.01
N GLU A 35 11.34 -1.89 2.98
CA GLU A 35 10.60 -3.13 3.20
C GLU A 35 9.83 -3.08 4.52
N GLU A 36 10.34 -2.28 5.49
CA GLU A 36 9.64 -2.09 6.76
C GLU A 36 8.30 -1.40 6.49
N ALA A 37 8.33 -0.36 5.63
CA ALA A 37 7.12 0.37 5.27
C ALA A 37 6.16 -0.53 4.49
N LYS A 38 6.70 -1.28 3.50
CA LYS A 38 5.86 -2.17 2.69
C LYS A 38 5.21 -3.24 3.57
N GLU A 39 6.01 -3.76 4.49
CA GLU A 39 5.59 -4.81 5.39
C GLU A 39 4.44 -4.35 6.29
N GLU A 40 4.52 -3.10 6.78
CA GLU A 40 3.46 -2.55 7.65
C GLU A 40 2.13 -2.52 6.90
N LEU A 41 2.15 -1.99 5.66
CA LEU A 41 0.94 -1.92 4.83
C LEU A 41 0.46 -3.32 4.43
N ALA A 42 1.42 -4.19 4.11
CA ALA A 42 1.14 -5.56 3.72
C ALA A 42 0.39 -6.28 4.86
N ARG A 43 0.81 -6.01 6.09
CA ARG A 43 0.23 -6.64 7.28
C ARG A 43 -1.19 -6.12 7.64
N LYS A 44 -1.39 -4.79 7.57
CA LYS A 44 -2.70 -4.20 7.98
C LYS A 44 -3.81 -4.53 6.97
N CYS A 45 -3.42 -4.60 5.71
CA CYS A 45 -4.35 -4.91 4.63
C CYS A 45 -4.36 -6.40 4.27
N GLY A 46 -3.33 -7.13 4.74
CA GLY A 46 -3.22 -8.57 4.49
C GLY A 46 -2.68 -8.89 3.10
N ILE A 47 -2.01 -7.90 2.48
CA ILE A 47 -1.42 -8.05 1.16
C ILE A 47 0.10 -8.22 1.30
N THR A 48 0.76 -8.69 0.24
CA THR A 48 2.20 -8.96 0.26
C THR A 48 3.00 -7.68 -0.09
N VAL A 49 4.17 -7.52 0.56
CA VAL A 49 5.05 -6.35 0.33
C VAL A 49 5.28 -6.13 -1.17
N SER A 50 5.15 -7.19 -1.97
CA SER A 50 5.31 -7.11 -3.43
C SER A 50 4.24 -6.22 -4.05
N GLN A 51 3.00 -6.35 -3.57
CA GLN A 51 1.88 -5.55 -4.10
C GLN A 51 2.06 -4.11 -3.68
N VAL A 52 2.38 -3.96 -2.40
CA VAL A 52 2.63 -2.68 -1.81
C VAL A 52 3.81 -2.02 -2.53
N SER A 53 4.79 -2.85 -2.88
CA SER A 53 5.97 -2.41 -3.60
C SER A 53 5.57 -1.82 -4.94
N ASN A 54 4.58 -2.46 -5.61
CA ASN A 54 4.12 -1.99 -6.93
C ASN A 54 3.59 -0.57 -6.80
N TRP A 55 2.75 -0.34 -5.77
CA TRP A 55 2.23 0.99 -5.47
C TRP A 55 3.36 1.94 -5.07
N PHE A 56 4.29 1.43 -4.26
CA PHE A 56 5.38 2.26 -3.72
C PHE A 56 6.06 3.07 -4.83
N GLY A 57 6.62 2.36 -5.79
CA GLY A 57 7.26 2.99 -6.93
C GLY A 57 6.28 3.83 -7.73
N ASN A 58 5.06 3.31 -7.90
CA ASN A 58 4.03 3.97 -8.70
C ASN A 58 3.62 5.34 -8.13
N LYS A 59 3.44 5.43 -6.79
CA LYS A 59 3.03 6.69 -6.17
C LYS A 59 4.19 7.73 -6.17
N ARG A 60 5.43 7.22 -6.08
CA ARG A 60 6.62 8.08 -6.13
C ARG A 60 6.78 8.74 -7.49
N ILE A 61 6.46 8.00 -8.56
CA ILE A 61 6.64 8.50 -9.92
C ILE A 61 5.46 9.37 -10.38
N ARG A 62 4.26 9.10 -9.87
CA ARG A 62 3.08 9.88 -10.26
C ARG A 62 3.15 11.32 -9.69
N TYR A 63 3.65 11.43 -8.46
CA TYR A 63 3.75 12.74 -7.79
C TYR A 63 5.14 13.34 -7.97
N LYS A 64 6.16 12.63 -7.44
CA LYS A 64 7.59 13.03 -7.50
C LYS A 64 7.84 14.50 -7.08
N LYS A 65 8.80 14.68 -6.16
CA LYS A 65 9.16 16.02 -5.67
C LYS A 65 10.64 16.08 -5.30
N ASN A 66 11.18 17.32 -5.25
CA ASN A 66 12.59 17.53 -4.93
C ASN A 66 12.86 17.19 -3.47
N ILE A 67 14.10 16.80 -3.18
CA ILE A 67 14.51 16.43 -1.82
C ILE A 67 15.88 17.05 -1.50
#